data_8JCT
# 
_entry.id   8JCT 
# 
_audit_conform.dict_name       mmcif_pdbx.dic 
_audit_conform.dict_version    5.397 
_audit_conform.dict_location   http://mmcif.pdb.org/dictionaries/ascii/mmcif_pdbx.dic 
# 
loop_
_database_2.database_id 
_database_2.database_code 
_database_2.pdbx_database_accession 
_database_2.pdbx_DOI 
PDB   8JCT         pdb_00008jct 10.2210/pdb8jct/pdb 
WWPDB D_1300037640 ?            ?                   
# 
loop_
_pdbx_audit_revision_history.ordinal 
_pdbx_audit_revision_history.data_content_type 
_pdbx_audit_revision_history.major_revision 
_pdbx_audit_revision_history.minor_revision 
_pdbx_audit_revision_history.revision_date 
1 'Structure model' 1 0 2024-05-15 
2 'Structure model' 1 1 2024-10-16 
# 
_pdbx_audit_revision_details.ordinal             1 
_pdbx_audit_revision_details.revision_ordinal    1 
_pdbx_audit_revision_details.data_content_type   'Structure model' 
_pdbx_audit_revision_details.provider            repository 
_pdbx_audit_revision_details.type                'Initial release' 
_pdbx_audit_revision_details.description         ? 
_pdbx_audit_revision_details.details             ? 
# 
_pdbx_audit_revision_group.ordinal             1 
_pdbx_audit_revision_group.revision_ordinal    2 
_pdbx_audit_revision_group.data_content_type   'Structure model' 
_pdbx_audit_revision_group.group               'Structure summary' 
# 
loop_
_pdbx_audit_revision_category.ordinal 
_pdbx_audit_revision_category.revision_ordinal 
_pdbx_audit_revision_category.data_content_type 
_pdbx_audit_revision_category.category 
1 2 'Structure model' pdbx_entry_details        
2 2 'Structure model' pdbx_modification_feature 
# 
_pdbx_database_status.status_code                     REL 
_pdbx_database_status.status_code_sf                  REL 
_pdbx_database_status.status_code_mr                  ? 
_pdbx_database_status.entry_id                        8JCT 
_pdbx_database_status.recvd_initial_deposition_date   2023-05-11 
_pdbx_database_status.SG_entry                        N 
_pdbx_database_status.deposit_site                    PDBJ 
_pdbx_database_status.process_site                    PDBJ 
_pdbx_database_status.status_code_cs                  ? 
_pdbx_database_status.status_code_nmr_data            ? 
_pdbx_database_status.methods_development_category    ? 
_pdbx_database_status.pdb_format_compatible           Y 
# 
_pdbx_contact_author.id                 3 
_pdbx_contact_author.email              kkim@knu.ac.kr 
_pdbx_contact_author.name_first         Kyung-Jin 
_pdbx_contact_author.name_last          Kim 
_pdbx_contact_author.name_mi            ? 
_pdbx_contact_author.role               'principal investigator/group leader' 
_pdbx_contact_author.identifier_ORCID   0000-0002-0375-2561 
# 
loop_
_audit_author.name 
_audit_author.pdbx_ordinal 
_audit_author.identifier_ORCID 
'Kim, M.'    1 0009-0009-1413-6367 
'Lee, S.H.'  2 0000-0002-8465-8373 
'Kim, K.-J.' 3 0000-0002-0375-2561 
# 
_citation.abstract                  ? 
_citation.abstract_id_CAS           ? 
_citation.book_id_ISBN              ? 
_citation.book_publisher            ? 
_citation.book_publisher_city       ? 
_citation.book_title                ? 
_citation.coordinate_linkage        ? 
_citation.country                   ? 
_citation.database_id_Medline       ? 
_citation.details                   ? 
_citation.id                        primary 
_citation.journal_abbrev            'To Be Published' 
_citation.journal_id_ASTM           ? 
_citation.journal_id_CSD            0353 
_citation.journal_id_ISSN           ? 
_citation.journal_full              ? 
_citation.journal_issue             ? 
_citation.journal_volume            ? 
_citation.language                  ? 
_citation.page_first                ? 
_citation.page_last                 ? 
_citation.title                     
'Characterization and engineering of novel fungal PET degrading enzyme from Aspergillus fumigatiaffinis' 
_citation.year                      ? 
_citation.database_id_CSD           ? 
_citation.pdbx_database_id_DOI      ? 
_citation.pdbx_database_id_PubMed   ? 
_citation.pdbx_database_id_patent   ? 
_citation.unpublished_flag          ? 
# 
loop_
_citation_author.citation_id 
_citation_author.name 
_citation_author.ordinal 
_citation_author.identifier_ORCID 
primary 'Lee, S.H.' 1 0000-0001-9609-2648 
primary 'Kim, M.'   2 0009-0009-1413-6367 
primary 'Kim, K.J.' 3 0000-0002-0375-2561 
# 
loop_
_entity.id 
_entity.type 
_entity.src_method 
_entity.pdbx_description 
_entity.formula_weight 
_entity.pdbx_number_of_molecules 
_entity.pdbx_ec 
_entity.pdbx_mutation 
_entity.pdbx_fragment 
_entity.details 
1 polymer man Cutinase 20978.852 1  3.1.1.74 ? ? ? 
2 water   nat water    18.015    19 ?        ? ? ? 
# 
_entity_poly.entity_id                      1 
_entity_poly.type                           'polypeptide(L)' 
_entity_poly.nstd_linkage                   no 
_entity_poly.nstd_monomer                   no 
_entity_poly.pdbx_seq_one_letter_code       
;MRQTAITGDELRTGPCEPITFIFARGSTEPGLLGITTGPGVCNALKLSRPGQVACQGVGPAYTADLASNFLPQGTSQIAI
DEAAGLFKLAASKCPDTKIVAGGYSQGAAVMHGAIRNLPSNVQNMIKGVVLFGDTRNKQDGGRIPNFPTDRTKIYCAFGD
LVCDGTLIITAAHLSYGDDVPNATSFLLSKVLEHHHHHH
;
_entity_poly.pdbx_seq_one_letter_code_can   
;MRQTAITGDELRTGPCEPITFIFARGSTEPGLLGITTGPGVCNALKLSRPGQVACQGVGPAYTADLASNFLPQGTSQIAI
DEAAGLFKLAASKCPDTKIVAGGYSQGAAVMHGAIRNLPSNVQNMIKGVVLFGDTRNKQDGGRIPNFPTDRTKIYCAFGD
LVCDGTLIITAAHLSYGDDVPNATSFLLSKVLEHHHHHH
;
_entity_poly.pdbx_strand_id                 A 
_entity_poly.pdbx_target_identifier         ? 
# 
_pdbx_entity_nonpoly.entity_id   2 
_pdbx_entity_nonpoly.name        water 
_pdbx_entity_nonpoly.comp_id     HOH 
# 
loop_
_entity_poly_seq.entity_id 
_entity_poly_seq.num 
_entity_poly_seq.mon_id 
_entity_poly_seq.hetero 
1 1   MET n 
1 2   ARG n 
1 3   GLN n 
1 4   THR n 
1 5   ALA n 
1 6   ILE n 
1 7   THR n 
1 8   GLY n 
1 9   ASP n 
1 10  GLU n 
1 11  LEU n 
1 12  ARG n 
1 13  THR n 
1 14  GLY n 
1 15  PRO n 
1 16  CYS n 
1 17  GLU n 
1 18  PRO n 
1 19  ILE n 
1 20  THR n 
1 21  PHE n 
1 22  ILE n 
1 23  PHE n 
1 24  ALA n 
1 25  ARG n 
1 26  GLY n 
1 27  SER n 
1 28  THR n 
1 29  GLU n 
1 30  PRO n 
1 31  GLY n 
1 32  LEU n 
1 33  LEU n 
1 34  GLY n 
1 35  ILE n 
1 36  THR n 
1 37  THR n 
1 38  GLY n 
1 39  PRO n 
1 40  GLY n 
1 41  VAL n 
1 42  CYS n 
1 43  ASN n 
1 44  ALA n 
1 45  LEU n 
1 46  LYS n 
1 47  LEU n 
1 48  SER n 
1 49  ARG n 
1 50  PRO n 
1 51  GLY n 
1 52  GLN n 
1 53  VAL n 
1 54  ALA n 
1 55  CYS n 
1 56  GLN n 
1 57  GLY n 
1 58  VAL n 
1 59  GLY n 
1 60  PRO n 
1 61  ALA n 
1 62  TYR n 
1 63  THR n 
1 64  ALA n 
1 65  ASP n 
1 66  LEU n 
1 67  ALA n 
1 68  SER n 
1 69  ASN n 
1 70  PHE n 
1 71  LEU n 
1 72  PRO n 
1 73  GLN n 
1 74  GLY n 
1 75  THR n 
1 76  SER n 
1 77  GLN n 
1 78  ILE n 
1 79  ALA n 
1 80  ILE n 
1 81  ASP n 
1 82  GLU n 
1 83  ALA n 
1 84  ALA n 
1 85  GLY n 
1 86  LEU n 
1 87  PHE n 
1 88  LYS n 
1 89  LEU n 
1 90  ALA n 
1 91  ALA n 
1 92  SER n 
1 93  LYS n 
1 94  CYS n 
1 95  PRO n 
1 96  ASP n 
1 97  THR n 
1 98  LYS n 
1 99  ILE n 
1 100 VAL n 
1 101 ALA n 
1 102 GLY n 
1 103 GLY n 
1 104 TYR n 
1 105 SER n 
1 106 GLN n 
1 107 GLY n 
1 108 ALA n 
1 109 ALA n 
1 110 VAL n 
1 111 MET n 
1 112 HIS n 
1 113 GLY n 
1 114 ALA n 
1 115 ILE n 
1 116 ARG n 
1 117 ASN n 
1 118 LEU n 
1 119 PRO n 
1 120 SER n 
1 121 ASN n 
1 122 VAL n 
1 123 GLN n 
1 124 ASN n 
1 125 MET n 
1 126 ILE n 
1 127 LYS n 
1 128 GLY n 
1 129 VAL n 
1 130 VAL n 
1 131 LEU n 
1 132 PHE n 
1 133 GLY n 
1 134 ASP n 
1 135 THR n 
1 136 ARG n 
1 137 ASN n 
1 138 LYS n 
1 139 GLN n 
1 140 ASP n 
1 141 GLY n 
1 142 GLY n 
1 143 ARG n 
1 144 ILE n 
1 145 PRO n 
1 146 ASN n 
1 147 PHE n 
1 148 PRO n 
1 149 THR n 
1 150 ASP n 
1 151 ARG n 
1 152 THR n 
1 153 LYS n 
1 154 ILE n 
1 155 TYR n 
1 156 CYS n 
1 157 ALA n 
1 158 PHE n 
1 159 GLY n 
1 160 ASP n 
1 161 LEU n 
1 162 VAL n 
1 163 CYS n 
1 164 ASP n 
1 165 GLY n 
1 166 THR n 
1 167 LEU n 
1 168 ILE n 
1 169 ILE n 
1 170 THR n 
1 171 ALA n 
1 172 ALA n 
1 173 HIS n 
1 174 LEU n 
1 175 SER n 
1 176 TYR n 
1 177 GLY n 
1 178 ASP n 
1 179 ASP n 
1 180 VAL n 
1 181 PRO n 
1 182 ASN n 
1 183 ALA n 
1 184 THR n 
1 185 SER n 
1 186 PHE n 
1 187 LEU n 
1 188 LEU n 
1 189 SER n 
1 190 LYS n 
1 191 VAL n 
1 192 LEU n 
1 193 GLU n 
1 194 HIS n 
1 195 HIS n 
1 196 HIS n 
1 197 HIS n 
1 198 HIS n 
1 199 HIS n 
# 
_entity_src_gen.entity_id                          1 
_entity_src_gen.pdbx_src_id                        1 
_entity_src_gen.pdbx_alt_source_flag               sample 
_entity_src_gen.pdbx_seq_type                      'Biological sequence' 
_entity_src_gen.pdbx_beg_seq_num                   1 
_entity_src_gen.pdbx_end_seq_num                   199 
_entity_src_gen.gene_src_common_name               ? 
_entity_src_gen.gene_src_genus                     ? 
_entity_src_gen.pdbx_gene_src_gene                 'CNMCM6457_007885, CNMCM6805_005550' 
_entity_src_gen.gene_src_species                   ? 
_entity_src_gen.gene_src_strain                    ? 
_entity_src_gen.gene_src_tissue                    ? 
_entity_src_gen.gene_src_tissue_fraction           ? 
_entity_src_gen.gene_src_details                   ? 
_entity_src_gen.pdbx_gene_src_fragment             ? 
_entity_src_gen.pdbx_gene_src_scientific_name      'Aspergillus fumigatiaffinis' 
_entity_src_gen.pdbx_gene_src_ncbi_taxonomy_id     340414 
_entity_src_gen.pdbx_gene_src_variant              ? 
_entity_src_gen.pdbx_gene_src_cell_line            ? 
_entity_src_gen.pdbx_gene_src_atcc                 ? 
_entity_src_gen.pdbx_gene_src_organ                ? 
_entity_src_gen.pdbx_gene_src_organelle            ? 
_entity_src_gen.pdbx_gene_src_cell                 ? 
_entity_src_gen.pdbx_gene_src_cellular_location    ? 
_entity_src_gen.host_org_common_name               ? 
_entity_src_gen.pdbx_host_org_scientific_name      'Escherichia coli' 
_entity_src_gen.pdbx_host_org_ncbi_taxonomy_id     562 
_entity_src_gen.host_org_genus                     ? 
_entity_src_gen.pdbx_host_org_gene                 ? 
_entity_src_gen.pdbx_host_org_organ                ? 
_entity_src_gen.host_org_species                   ? 
_entity_src_gen.pdbx_host_org_tissue               ? 
_entity_src_gen.pdbx_host_org_tissue_fraction      ? 
_entity_src_gen.pdbx_host_org_strain               ? 
_entity_src_gen.pdbx_host_org_variant              ? 
_entity_src_gen.pdbx_host_org_cell_line            ? 
_entity_src_gen.pdbx_host_org_atcc                 ? 
_entity_src_gen.pdbx_host_org_culture_collection   ? 
_entity_src_gen.pdbx_host_org_cell                 ? 
_entity_src_gen.pdbx_host_org_organelle            ? 
_entity_src_gen.pdbx_host_org_cellular_location    ? 
_entity_src_gen.pdbx_host_org_vector_type          ? 
_entity_src_gen.pdbx_host_org_vector               ? 
_entity_src_gen.host_org_details                   ? 
_entity_src_gen.expression_system_id               ? 
_entity_src_gen.plasmid_name                       ? 
_entity_src_gen.plasmid_details                    ? 
_entity_src_gen.pdbx_description                   ? 
# 
loop_
_chem_comp.id 
_chem_comp.type 
_chem_comp.mon_nstd_flag 
_chem_comp.name 
_chem_comp.pdbx_synonyms 
_chem_comp.formula 
_chem_comp.formula_weight 
ALA 'L-peptide linking' y ALANINE         ? 'C3 H7 N O2'     89.093  
ARG 'L-peptide linking' y ARGININE        ? 'C6 H15 N4 O2 1' 175.209 
ASN 'L-peptide linking' y ASPARAGINE      ? 'C4 H8 N2 O3'    132.118 
ASP 'L-peptide linking' y 'ASPARTIC ACID' ? 'C4 H7 N O4'     133.103 
CYS 'L-peptide linking' y CYSTEINE        ? 'C3 H7 N O2 S'   121.158 
GLN 'L-peptide linking' y GLUTAMINE       ? 'C5 H10 N2 O3'   146.144 
GLU 'L-peptide linking' y 'GLUTAMIC ACID' ? 'C5 H9 N O4'     147.129 
GLY 'peptide linking'   y GLYCINE         ? 'C2 H5 N O2'     75.067  
HIS 'L-peptide linking' y HISTIDINE       ? 'C6 H10 N3 O2 1' 156.162 
HOH non-polymer         . WATER           ? 'H2 O'           18.015  
ILE 'L-peptide linking' y ISOLEUCINE      ? 'C6 H13 N O2'    131.173 
LEU 'L-peptide linking' y LEUCINE         ? 'C6 H13 N O2'    131.173 
LYS 'L-peptide linking' y LYSINE          ? 'C6 H15 N2 O2 1' 147.195 
MET 'L-peptide linking' y METHIONINE      ? 'C5 H11 N O2 S'  149.211 
PHE 'L-peptide linking' y PHENYLALANINE   ? 'C9 H11 N O2'    165.189 
PRO 'L-peptide linking' y PROLINE         ? 'C5 H9 N O2'     115.130 
SER 'L-peptide linking' y SERINE          ? 'C3 H7 N O3'     105.093 
THR 'L-peptide linking' y THREONINE       ? 'C4 H9 N O3'     119.119 
TYR 'L-peptide linking' y TYROSINE        ? 'C9 H11 N O3'    181.189 
VAL 'L-peptide linking' y VALINE          ? 'C5 H11 N O2'    117.146 
# 
loop_
_pdbx_poly_seq_scheme.asym_id 
_pdbx_poly_seq_scheme.entity_id 
_pdbx_poly_seq_scheme.seq_id 
_pdbx_poly_seq_scheme.mon_id 
_pdbx_poly_seq_scheme.ndb_seq_num 
_pdbx_poly_seq_scheme.pdb_seq_num 
_pdbx_poly_seq_scheme.auth_seq_num 
_pdbx_poly_seq_scheme.pdb_mon_id 
_pdbx_poly_seq_scheme.auth_mon_id 
_pdbx_poly_seq_scheme.pdb_strand_id 
_pdbx_poly_seq_scheme.pdb_ins_code 
_pdbx_poly_seq_scheme.hetero 
A 1 1   MET 1   1   ?   ?   ?   A . n 
A 1 2   ARG 2   2   ?   ?   ?   A . n 
A 1 3   GLN 3   3   ?   ?   ?   A . n 
A 1 4   THR 4   4   ?   ?   ?   A . n 
A 1 5   ALA 5   5   5   ALA ALA A . n 
A 1 6   ILE 6   6   6   ILE ILE A . n 
A 1 7   THR 7   7   7   THR THR A . n 
A 1 8   GLY 8   8   8   GLY GLY A . n 
A 1 9   ASP 9   9   9   ASP ASP A . n 
A 1 10  GLU 10  10  10  GLU GLU A . n 
A 1 11  LEU 11  11  11  LEU LEU A . n 
A 1 12  ARG 12  12  12  ARG ARG A . n 
A 1 13  THR 13  13  13  THR THR A . n 
A 1 14  GLY 14  14  14  GLY GLY A . n 
A 1 15  PRO 15  15  15  PRO PRO A . n 
A 1 16  CYS 16  16  16  CYS CYS A . n 
A 1 17  GLU 17  17  17  GLU GLU A . n 
A 1 18  PRO 18  18  18  PRO PRO A . n 
A 1 19  ILE 19  19  19  ILE ILE A . n 
A 1 20  THR 20  20  20  THR THR A . n 
A 1 21  PHE 21  21  21  PHE PHE A . n 
A 1 22  ILE 22  22  22  ILE ILE A . n 
A 1 23  PHE 23  23  23  PHE PHE A . n 
A 1 24  ALA 24  24  24  ALA ALA A . n 
A 1 25  ARG 25  25  25  ARG ARG A . n 
A 1 26  GLY 26  26  26  GLY GLY A . n 
A 1 27  SER 27  27  27  SER SER A . n 
A 1 28  THR 28  28  28  THR THR A . n 
A 1 29  GLU 29  29  29  GLU GLU A . n 
A 1 30  PRO 30  30  30  PRO PRO A . n 
A 1 31  GLY 31  31  31  GLY GLY A . n 
A 1 32  LEU 32  32  32  LEU LEU A . n 
A 1 33  LEU 33  33  33  LEU LEU A . n 
A 1 34  GLY 34  34  34  GLY GLY A . n 
A 1 35  ILE 35  35  35  ILE ILE A . n 
A 1 36  THR 36  36  36  THR THR A . n 
A 1 37  THR 37  37  37  THR THR A . n 
A 1 38  GLY 38  38  38  GLY GLY A . n 
A 1 39  PRO 39  39  39  PRO PRO A . n 
A 1 40  GLY 40  40  40  GLY GLY A . n 
A 1 41  VAL 41  41  41  VAL VAL A . n 
A 1 42  CYS 42  42  42  CYS CYS A . n 
A 1 43  ASN 43  43  43  ASN ASN A . n 
A 1 44  ALA 44  44  44  ALA ALA A . n 
A 1 45  LEU 45  45  45  LEU LEU A . n 
A 1 46  LYS 46  46  46  LYS LYS A . n 
A 1 47  LEU 47  47  47  LEU LEU A . n 
A 1 48  SER 48  48  48  SER SER A . n 
A 1 49  ARG 49  49  49  ARG ARG A . n 
A 1 50  PRO 50  50  50  PRO PRO A . n 
A 1 51  GLY 51  51  51  GLY GLY A . n 
A 1 52  GLN 52  52  52  GLN GLN A . n 
A 1 53  VAL 53  53  53  VAL VAL A . n 
A 1 54  ALA 54  54  54  ALA ALA A . n 
A 1 55  CYS 55  55  55  CYS CYS A . n 
A 1 56  GLN 56  56  56  GLN GLN A . n 
A 1 57  GLY 57  57  57  GLY GLY A . n 
A 1 58  VAL 58  58  58  VAL VAL A . n 
A 1 59  GLY 59  59  59  GLY GLY A . n 
A 1 60  PRO 60  60  60  PRO PRO A . n 
A 1 61  ALA 61  61  61  ALA ALA A . n 
A 1 62  TYR 62  62  62  TYR TYR A . n 
A 1 63  THR 63  63  63  THR THR A . n 
A 1 64  ALA 64  64  64  ALA ALA A . n 
A 1 65  ASP 65  65  65  ASP ASP A . n 
A 1 66  LEU 66  66  66  LEU LEU A . n 
A 1 67  ALA 67  67  67  ALA ALA A . n 
A 1 68  SER 68  68  68  SER SER A . n 
A 1 69  ASN 69  69  69  ASN ASN A . n 
A 1 70  PHE 70  70  70  PHE PHE A . n 
A 1 71  LEU 71  71  71  LEU LEU A . n 
A 1 72  PRO 72  72  72  PRO PRO A . n 
A 1 73  GLN 73  73  73  GLN GLN A . n 
A 1 74  GLY 74  74  74  GLY GLY A . n 
A 1 75  THR 75  75  75  THR THR A . n 
A 1 76  SER 76  76  76  SER SER A . n 
A 1 77  GLN 77  77  77  GLN GLN A . n 
A 1 78  ILE 78  78  78  ILE ILE A . n 
A 1 79  ALA 79  79  79  ALA ALA A . n 
A 1 80  ILE 80  80  80  ILE ILE A . n 
A 1 81  ASP 81  81  81  ASP ASP A . n 
A 1 82  GLU 82  82  82  GLU GLU A . n 
A 1 83  ALA 83  83  83  ALA ALA A . n 
A 1 84  ALA 84  84  84  ALA ALA A . n 
A 1 85  GLY 85  85  85  GLY GLY A . n 
A 1 86  LEU 86  86  86  LEU LEU A . n 
A 1 87  PHE 87  87  87  PHE PHE A . n 
A 1 88  LYS 88  88  88  LYS LYS A . n 
A 1 89  LEU 89  89  89  LEU LEU A . n 
A 1 90  ALA 90  90  90  ALA ALA A . n 
A 1 91  ALA 91  91  91  ALA ALA A . n 
A 1 92  SER 92  92  92  SER SER A . n 
A 1 93  LYS 93  93  93  LYS LYS A . n 
A 1 94  CYS 94  94  94  CYS CYS A . n 
A 1 95  PRO 95  95  95  PRO PRO A . n 
A 1 96  ASP 96  96  96  ASP ASP A . n 
A 1 97  THR 97  97  97  THR THR A . n 
A 1 98  LYS 98  98  98  LYS LYS A . n 
A 1 99  ILE 99  99  99  ILE ILE A . n 
A 1 100 VAL 100 100 100 VAL VAL A . n 
A 1 101 ALA 101 101 101 ALA ALA A . n 
A 1 102 GLY 102 102 102 GLY GLY A . n 
A 1 103 GLY 103 103 103 GLY GLY A . n 
A 1 104 TYR 104 104 104 TYR TYR A . n 
A 1 105 SER 105 105 105 SER SER A . n 
A 1 106 GLN 106 106 106 GLN GLN A . n 
A 1 107 GLY 107 107 107 GLY GLY A . n 
A 1 108 ALA 108 108 108 ALA ALA A . n 
A 1 109 ALA 109 109 109 ALA ALA A . n 
A 1 110 VAL 110 110 110 VAL VAL A . n 
A 1 111 MET 111 111 111 MET MET A . n 
A 1 112 HIS 112 112 112 HIS HIS A . n 
A 1 113 GLY 113 113 113 GLY GLY A . n 
A 1 114 ALA 114 114 114 ALA ALA A . n 
A 1 115 ILE 115 115 115 ILE ILE A . n 
A 1 116 ARG 116 116 116 ARG ARG A . n 
A 1 117 ASN 117 117 117 ASN ASN A . n 
A 1 118 LEU 118 118 118 LEU LEU A . n 
A 1 119 PRO 119 119 119 PRO PRO A . n 
A 1 120 SER 120 120 120 SER SER A . n 
A 1 121 ASN 121 121 121 ASN ASN A . n 
A 1 122 VAL 122 122 122 VAL VAL A . n 
A 1 123 GLN 123 123 123 GLN GLN A . n 
A 1 124 ASN 124 124 124 ASN ASN A . n 
A 1 125 MET 125 125 125 MET MET A . n 
A 1 126 ILE 126 126 126 ILE ILE A . n 
A 1 127 LYS 127 127 127 LYS LYS A . n 
A 1 128 GLY 128 128 128 GLY GLY A . n 
A 1 129 VAL 129 129 129 VAL VAL A . n 
A 1 130 VAL 130 130 130 VAL VAL A . n 
A 1 131 LEU 131 131 131 LEU LEU A . n 
A 1 132 PHE 132 132 132 PHE PHE A . n 
A 1 133 GLY 133 133 133 GLY GLY A . n 
A 1 134 ASP 134 134 134 ASP ASP A . n 
A 1 135 THR 135 135 135 THR THR A . n 
A 1 136 ARG 136 136 136 ARG ARG A . n 
A 1 137 ASN 137 137 137 ASN ASN A . n 
A 1 138 LYS 138 138 138 LYS LYS A . n 
A 1 139 GLN 139 139 139 GLN GLN A . n 
A 1 140 ASP 140 140 140 ASP ASP A . n 
A 1 141 GLY 141 141 141 GLY GLY A . n 
A 1 142 GLY 142 142 142 GLY GLY A . n 
A 1 143 ARG 143 143 143 ARG ARG A . n 
A 1 144 ILE 144 144 144 ILE ILE A . n 
A 1 145 PRO 145 145 145 PRO PRO A . n 
A 1 146 ASN 146 146 146 ASN ASN A . n 
A 1 147 PHE 147 147 147 PHE PHE A . n 
A 1 148 PRO 148 148 148 PRO PRO A . n 
A 1 149 THR 149 149 149 THR THR A . n 
A 1 150 ASP 150 150 150 ASP ASP A . n 
A 1 151 ARG 151 151 151 ARG ARG A . n 
A 1 152 THR 152 152 152 THR THR A . n 
A 1 153 LYS 153 153 153 LYS LYS A . n 
A 1 154 ILE 154 154 154 ILE ILE A . n 
A 1 155 TYR 155 155 155 TYR TYR A . n 
A 1 156 CYS 156 156 156 CYS CYS A . n 
A 1 157 ALA 157 157 157 ALA ALA A . n 
A 1 158 PHE 158 158 158 PHE PHE A . n 
A 1 159 GLY 159 159 159 GLY GLY A . n 
A 1 160 ASP 160 160 160 ASP ASP A . n 
A 1 161 LEU 161 161 161 LEU LEU A . n 
A 1 162 VAL 162 162 162 VAL VAL A . n 
A 1 163 CYS 163 163 163 CYS CYS A . n 
A 1 164 ASP 164 164 164 ASP ASP A . n 
A 1 165 GLY 165 165 165 GLY GLY A . n 
A 1 166 THR 166 166 166 THR THR A . n 
A 1 167 LEU 167 167 167 LEU LEU A . n 
A 1 168 ILE 168 168 168 ILE ILE A . n 
A 1 169 ILE 169 169 169 ILE ILE A . n 
A 1 170 THR 170 170 170 THR THR A . n 
A 1 171 ALA 171 171 171 ALA ALA A . n 
A 1 172 ALA 172 172 172 ALA ALA A . n 
A 1 173 HIS 173 173 173 HIS HIS A . n 
A 1 174 LEU 174 174 174 LEU LEU A . n 
A 1 175 SER 175 175 175 SER SER A . n 
A 1 176 TYR 176 176 176 TYR TYR A . n 
A 1 177 GLY 177 177 177 GLY GLY A . n 
A 1 178 ASP 178 178 178 ASP ASP A . n 
A 1 179 ASP 179 179 179 ASP ASP A . n 
A 1 180 VAL 180 180 180 VAL VAL A . n 
A 1 181 PRO 181 181 181 PRO PRO A . n 
A 1 182 ASN 182 182 182 ASN ASN A . n 
A 1 183 ALA 183 183 183 ALA ALA A . n 
A 1 184 THR 184 184 184 THR THR A . n 
A 1 185 SER 185 185 185 SER SER A . n 
A 1 186 PHE 186 186 186 PHE PHE A . n 
A 1 187 LEU 187 187 187 LEU LEU A . n 
A 1 188 LEU 188 188 188 LEU LEU A . n 
A 1 189 SER 189 189 189 SER SER A . n 
A 1 190 LYS 190 190 190 LYS LYS A . n 
A 1 191 VAL 191 191 191 VAL VAL A . n 
A 1 192 LEU 192 192 192 LEU LEU A . n 
A 1 193 GLU 193 193 193 GLU GLU A . n 
A 1 194 HIS 194 194 ?   ?   ?   A . n 
A 1 195 HIS 195 195 ?   ?   ?   A . n 
A 1 196 HIS 196 196 ?   ?   ?   A . n 
A 1 197 HIS 197 197 ?   ?   ?   A . n 
A 1 198 HIS 198 198 ?   ?   ?   A . n 
A 1 199 HIS 199 199 ?   ?   ?   A . n 
# 
loop_
_pdbx_nonpoly_scheme.asym_id 
_pdbx_nonpoly_scheme.entity_id 
_pdbx_nonpoly_scheme.mon_id 
_pdbx_nonpoly_scheme.ndb_seq_num 
_pdbx_nonpoly_scheme.pdb_seq_num 
_pdbx_nonpoly_scheme.auth_seq_num 
_pdbx_nonpoly_scheme.pdb_mon_id 
_pdbx_nonpoly_scheme.auth_mon_id 
_pdbx_nonpoly_scheme.pdb_strand_id 
_pdbx_nonpoly_scheme.pdb_ins_code 
B 2 HOH 1  201 13 HOH HOH A . 
B 2 HOH 2  202 18 HOH HOH A . 
B 2 HOH 3  203 19 HOH HOH A . 
B 2 HOH 4  204 16 HOH HOH A . 
B 2 HOH 5  205 17 HOH HOH A . 
B 2 HOH 6  206 15 HOH HOH A . 
B 2 HOH 7  207 20 HOH HOH A . 
B 2 HOH 8  208 11 HOH HOH A . 
B 2 HOH 9  209 6  HOH HOH A . 
B 2 HOH 10 210 21 HOH HOH A . 
B 2 HOH 11 211 22 HOH HOH A . 
B 2 HOH 12 212 1  HOH HOH A . 
B 2 HOH 13 213 14 HOH HOH A . 
B 2 HOH 14 214 9  HOH HOH A . 
B 2 HOH 15 215 2  HOH HOH A . 
B 2 HOH 16 216 8  HOH HOH A . 
B 2 HOH 17 217 12 HOH HOH A . 
B 2 HOH 18 218 7  HOH HOH A . 
B 2 HOH 19 219 10 HOH HOH A . 
# 
loop_
_software.citation_id 
_software.classification 
_software.compiler_name 
_software.compiler_version 
_software.contact_author 
_software.contact_author_email 
_software.date 
_software.description 
_software.dependencies 
_software.hardware 
_software.language 
_software.location 
_software.mods 
_software.name 
_software.os 
_software.os_version 
_software.type 
_software.version 
_software.pdbx_ordinal 
? refinement        ? ? ? ? ? ? ? ? ? ? ? REFMAC      ? ? ? 5.8.0405 1 
? 'data scaling'    ? ? ? ? ? ? ? ? ? ? ? HKL-2000    ? ? ? .        2 
? 'data extraction' ? ? ? ? ? ? ? ? ? ? ? PDB_EXTRACT ? ? ? 3.27     3 
? 'data reduction'  ? ? ? ? ? ? ? ? ? ? ? HKL-2000    ? ? ? .        4 
? phasing           ? ? ? ? ? ? ? ? ? ? ? REFMAC      ? ? ? .        5 
# 
_cell.angle_alpha                  90.00 
_cell.angle_alpha_esd              ? 
_cell.angle_beta                   90.00 
_cell.angle_beta_esd               ? 
_cell.angle_gamma                  120.00 
_cell.angle_gamma_esd              ? 
_cell.entry_id                     8JCT 
_cell.details                      ? 
_cell.formula_units_Z              ? 
_cell.length_a                     63.053 
_cell.length_a_esd                 ? 
_cell.length_b                     63.053 
_cell.length_b_esd                 ? 
_cell.length_c                     215.316 
_cell.length_c_esd                 ? 
_cell.volume                       ? 
_cell.volume_esd                   ? 
_cell.Z_PDB                        18 
_cell.reciprocal_angle_alpha       ? 
_cell.reciprocal_angle_beta        ? 
_cell.reciprocal_angle_gamma       ? 
_cell.reciprocal_angle_alpha_esd   ? 
_cell.reciprocal_angle_beta_esd    ? 
_cell.reciprocal_angle_gamma_esd   ? 
_cell.reciprocal_length_a          ? 
_cell.reciprocal_length_b          ? 
_cell.reciprocal_length_c          ? 
_cell.reciprocal_length_a_esd      ? 
_cell.reciprocal_length_b_esd      ? 
_cell.reciprocal_length_c_esd      ? 
_cell.pdbx_unique_axis             ? 
_cell.pdbx_esd_method              ? 
# 
_symmetry.entry_id                         8JCT 
_symmetry.cell_setting                     ? 
_symmetry.Int_Tables_number                155 
_symmetry.space_group_name_Hall            ? 
_symmetry.space_group_name_H-M             'H 3 2' 
_symmetry.pdbx_full_space_group_name_H-M   ? 
# 
_exptl.absorpt_coefficient_mu     ? 
_exptl.absorpt_correction_T_max   ? 
_exptl.absorpt_correction_T_min   ? 
_exptl.absorpt_correction_type    ? 
_exptl.absorpt_process_details    ? 
_exptl.entry_id                   8JCT 
_exptl.crystals_number            1 
_exptl.details                    ? 
_exptl.method                     'X-RAY DIFFRACTION' 
_exptl.method_details             ? 
# 
_exptl_crystal.colour                       ? 
_exptl_crystal.density_diffrn               ? 
_exptl_crystal.density_Matthews             1.96 
_exptl_crystal.density_method               ? 
_exptl_crystal.density_percent_sol          37.35 
_exptl_crystal.description                  ? 
_exptl_crystal.F_000                        ? 
_exptl_crystal.id                           1 
_exptl_crystal.preparation                  ? 
_exptl_crystal.size_max                     ? 
_exptl_crystal.size_mid                     ? 
_exptl_crystal.size_min                     ? 
_exptl_crystal.size_rad                     ? 
_exptl_crystal.colour_lustre                ? 
_exptl_crystal.colour_modifier              ? 
_exptl_crystal.colour_primary               ? 
_exptl_crystal.density_meas                 ? 
_exptl_crystal.density_meas_esd             ? 
_exptl_crystal.density_meas_gt              ? 
_exptl_crystal.density_meas_lt              ? 
_exptl_crystal.density_meas_temp            ? 
_exptl_crystal.density_meas_temp_esd        ? 
_exptl_crystal.density_meas_temp_gt         ? 
_exptl_crystal.density_meas_temp_lt         ? 
_exptl_crystal.pdbx_crystal_image_url       ? 
_exptl_crystal.pdbx_crystal_image_format    ? 
_exptl_crystal.pdbx_mosaicity               ? 
_exptl_crystal.pdbx_mosaicity_esd           ? 
_exptl_crystal.pdbx_mosaic_method           ? 
_exptl_crystal.pdbx_mosaic_block_size       ? 
_exptl_crystal.pdbx_mosaic_block_size_esd   ? 
# 
_exptl_crystal_grow.apparatus       ? 
_exptl_crystal_grow.atmosphere      ? 
_exptl_crystal_grow.crystal_id      1 
_exptl_crystal_grow.details         ? 
_exptl_crystal_grow.method          'VAPOR DIFFUSION, SITTING DROP' 
_exptl_crystal_grow.method_ref      ? 
_exptl_crystal_grow.pH              ? 
_exptl_crystal_grow.pressure        ? 
_exptl_crystal_grow.pressure_esd    ? 
_exptl_crystal_grow.seeding         ? 
_exptl_crystal_grow.seeding_ref     ? 
_exptl_crystal_grow.temp_details    ? 
_exptl_crystal_grow.temp_esd        ? 
_exptl_crystal_grow.time            ? 
_exptl_crystal_grow.pdbx_details    '25% PEG3350, 0.1 M HEPES pH7.5' 
_exptl_crystal_grow.pdbx_pH_range   ? 
_exptl_crystal_grow.temp            295 
# 
_diffrn.ambient_environment              ? 
_diffrn.ambient_temp                     100 
_diffrn.ambient_temp_details             ? 
_diffrn.ambient_temp_esd                 ? 
_diffrn.crystal_id                       1 
_diffrn.crystal_support                  ? 
_diffrn.crystal_treatment                ? 
_diffrn.details                          ? 
_diffrn.id                               1 
_diffrn.ambient_pressure                 ? 
_diffrn.ambient_pressure_esd             ? 
_diffrn.ambient_pressure_gt              ? 
_diffrn.ambient_pressure_lt              ? 
_diffrn.ambient_temp_gt                  ? 
_diffrn.ambient_temp_lt                  ? 
_diffrn.pdbx_serial_crystal_experiment   N 
# 
_diffrn_detector.details                      ? 
_diffrn_detector.detector                     CCD 
_diffrn_detector.diffrn_id                    1 
_diffrn_detector.type                         'ADSC QUANTUM 270' 
_diffrn_detector.area_resol_mean              ? 
_diffrn_detector.dtime                        ? 
_diffrn_detector.pdbx_frames_total            ? 
_diffrn_detector.pdbx_collection_time_total   ? 
_diffrn_detector.pdbx_collection_date         2022-09-27 
_diffrn_detector.pdbx_frequency               ? 
_diffrn_detector.id                           ? 
_diffrn_detector.number_of_axes               ? 
# 
_diffrn_radiation.collimation                      ? 
_diffrn_radiation.diffrn_id                        1 
_diffrn_radiation.filter_edge                      ? 
_diffrn_radiation.inhomogeneity                    ? 
_diffrn_radiation.monochromator                    ? 
_diffrn_radiation.polarisn_norm                    ? 
_diffrn_radiation.polarisn_ratio                   ? 
_diffrn_radiation.probe                            ? 
_diffrn_radiation.type                             ? 
_diffrn_radiation.xray_symbol                      ? 
_diffrn_radiation.wavelength_id                    1 
_diffrn_radiation.pdbx_monochromatic_or_laue_m_l   M 
_diffrn_radiation.pdbx_wavelength_list             ? 
_diffrn_radiation.pdbx_wavelength                  ? 
_diffrn_radiation.pdbx_diffrn_protocol             'SINGLE WAVELENGTH' 
_diffrn_radiation.pdbx_analyzer                    ? 
_diffrn_radiation.pdbx_scattering_type             x-ray 
# 
_diffrn_radiation_wavelength.id           1 
_diffrn_radiation_wavelength.wavelength   0.97934 
_diffrn_radiation_wavelength.wt           1.0 
# 
_diffrn_source.current                     ? 
_diffrn_source.details                     ? 
_diffrn_source.diffrn_id                   1 
_diffrn_source.power                       ? 
_diffrn_source.size                        ? 
_diffrn_source.source                      SYNCHROTRON 
_diffrn_source.target                      ? 
_diffrn_source.type                        'PAL/PLS BEAMLINE 7A (6B, 6C1)' 
_diffrn_source.voltage                     ? 
_diffrn_source.take-off_angle              ? 
_diffrn_source.pdbx_wavelength_list        0.97934 
_diffrn_source.pdbx_wavelength             ? 
_diffrn_source.pdbx_synchrotron_beamline   '7A (6B, 6C1)' 
_diffrn_source.pdbx_synchrotron_site       PAL/PLS 
# 
_reflns.B_iso_Wilson_estimate                          ? 
_reflns.entry_id                                       8JCT 
_reflns.data_reduction_details                         ? 
_reflns.data_reduction_method                          ? 
_reflns.d_resolution_high                              2.80 
_reflns.d_resolution_low                               50.00 
_reflns.details                                        ? 
_reflns.limit_h_max                                    ? 
_reflns.limit_h_min                                    ? 
_reflns.limit_k_max                                    ? 
_reflns.limit_k_min                                    ? 
_reflns.limit_l_max                                    ? 
_reflns.limit_l_min                                    ? 
_reflns.number_all                                     ? 
_reflns.number_obs                                     4184 
_reflns.observed_criterion                             ? 
_reflns.observed_criterion_F_max                       ? 
_reflns.observed_criterion_F_min                       ? 
_reflns.observed_criterion_I_max                       ? 
_reflns.observed_criterion_I_min                       ? 
_reflns.observed_criterion_sigma_F                     ? 
_reflns.observed_criterion_sigma_I                     ? 
_reflns.percent_possible_obs                           96.4 
_reflns.R_free_details                                 ? 
_reflns.Rmerge_F_all                                   ? 
_reflns.Rmerge_F_obs                                   ? 
_reflns.Friedel_coverage                               ? 
_reflns.number_gt                                      ? 
_reflns.threshold_expression                           ? 
_reflns.pdbx_redundancy                                4.5 
_reflns.pdbx_netI_over_av_sigmaI                       ? 
_reflns.pdbx_netI_over_sigmaI                          8.9 
_reflns.pdbx_res_netI_over_av_sigmaI_2                 ? 
_reflns.pdbx_res_netI_over_sigmaI_2                    ? 
_reflns.pdbx_chi_squared                               1.968 
_reflns.pdbx_scaling_rejects                           ? 
_reflns.pdbx_d_res_high_opt                            ? 
_reflns.pdbx_d_res_low_opt                             ? 
_reflns.pdbx_d_res_opt_method                          ? 
_reflns.phase_calculation_details                      ? 
_reflns.pdbx_Rrim_I_all                                0.119 
_reflns.pdbx_Rpim_I_all                                0.051 
_reflns.pdbx_d_opt                                     ? 
_reflns.pdbx_number_measured_all                       18705 
_reflns.pdbx_diffrn_id                                 1 
_reflns.pdbx_ordinal                                   1 
_reflns.pdbx_CC_half                                   0.984 
_reflns.pdbx_CC_star                                   0.996 
_reflns.pdbx_R_split                                   ? 
_reflns.pdbx_Rmerge_I_obs                              0.107 
_reflns.pdbx_Rmerge_I_all                              ? 
_reflns.pdbx_Rsym_value                                ? 
_reflns.pdbx_CC_split_method                           ? 
_reflns.pdbx_aniso_diffraction_limit_axis_1_ortho[1]   ? 
_reflns.pdbx_aniso_diffraction_limit_axis_1_ortho[2]   ? 
_reflns.pdbx_aniso_diffraction_limit_axis_1_ortho[3]   ? 
_reflns.pdbx_aniso_diffraction_limit_axis_2_ortho[1]   ? 
_reflns.pdbx_aniso_diffraction_limit_axis_2_ortho[2]   ? 
_reflns.pdbx_aniso_diffraction_limit_axis_2_ortho[3]   ? 
_reflns.pdbx_aniso_diffraction_limit_axis_3_ortho[1]   ? 
_reflns.pdbx_aniso_diffraction_limit_axis_3_ortho[2]   ? 
_reflns.pdbx_aniso_diffraction_limit_axis_3_ortho[3]   ? 
_reflns.pdbx_aniso_diffraction_limit_1                 ? 
_reflns.pdbx_aniso_diffraction_limit_2                 ? 
_reflns.pdbx_aniso_diffraction_limit_3                 ? 
_reflns.pdbx_aniso_B_tensor_eigenvector_1_ortho[1]     ? 
_reflns.pdbx_aniso_B_tensor_eigenvector_1_ortho[2]     ? 
_reflns.pdbx_aniso_B_tensor_eigenvector_1_ortho[3]     ? 
_reflns.pdbx_aniso_B_tensor_eigenvector_2_ortho[1]     ? 
_reflns.pdbx_aniso_B_tensor_eigenvector_2_ortho[2]     ? 
_reflns.pdbx_aniso_B_tensor_eigenvector_2_ortho[3]     ? 
_reflns.pdbx_aniso_B_tensor_eigenvector_3_ortho[1]     ? 
_reflns.pdbx_aniso_B_tensor_eigenvector_3_ortho[2]     ? 
_reflns.pdbx_aniso_B_tensor_eigenvector_3_ortho[3]     ? 
_reflns.pdbx_aniso_B_tensor_eigenvalue_1               ? 
_reflns.pdbx_aniso_B_tensor_eigenvalue_2               ? 
_reflns.pdbx_aniso_B_tensor_eigenvalue_3               ? 
_reflns.pdbx_orthogonalization_convention              ? 
_reflns.pdbx_percent_possible_ellipsoidal              ? 
_reflns.pdbx_percent_possible_spherical                ? 
_reflns.pdbx_percent_possible_ellipsoidal_anomalous    ? 
_reflns.pdbx_percent_possible_spherical_anomalous      ? 
_reflns.pdbx_redundancy_anomalous                      ? 
_reflns.pdbx_CC_half_anomalous                         ? 
_reflns.pdbx_absDiff_over_sigma_anomalous              ? 
_reflns.pdbx_percent_possible_anomalous                ? 
_reflns.pdbx_observed_signal_threshold                 ? 
_reflns.pdbx_signal_type                               ? 
_reflns.pdbx_signal_details                            ? 
_reflns.pdbx_signal_software_id                        ? 
# 
loop_
_reflns_shell.d_res_high 
_reflns_shell.d_res_low 
_reflns_shell.meanI_over_sigI_all 
_reflns_shell.meanI_over_sigI_obs 
_reflns_shell.number_measured_all 
_reflns_shell.number_measured_obs 
_reflns_shell.number_possible 
_reflns_shell.number_unique_all 
_reflns_shell.number_unique_obs 
_reflns_shell.percent_possible_obs 
_reflns_shell.Rmerge_F_all 
_reflns_shell.Rmerge_F_obs 
_reflns_shell.meanI_over_sigI_gt 
_reflns_shell.meanI_over_uI_all 
_reflns_shell.meanI_over_uI_gt 
_reflns_shell.number_measured_gt 
_reflns_shell.number_unique_gt 
_reflns_shell.percent_possible_gt 
_reflns_shell.Rmerge_F_gt 
_reflns_shell.Rmerge_I_gt 
_reflns_shell.pdbx_redundancy 
_reflns_shell.pdbx_chi_squared 
_reflns_shell.pdbx_netI_over_sigmaI_all 
_reflns_shell.pdbx_netI_over_sigmaI_obs 
_reflns_shell.pdbx_Rrim_I_all 
_reflns_shell.pdbx_Rpim_I_all 
_reflns_shell.pdbx_rejects 
_reflns_shell.pdbx_ordinal 
_reflns_shell.pdbx_diffrn_id 
_reflns_shell.pdbx_CC_half 
_reflns_shell.pdbx_CC_star 
_reflns_shell.pdbx_R_split 
_reflns_shell.percent_possible_all 
_reflns_shell.Rmerge_I_all 
_reflns_shell.Rmerge_I_obs 
_reflns_shell.pdbx_Rsym_value 
_reflns_shell.pdbx_percent_possible_ellipsoidal 
_reflns_shell.pdbx_percent_possible_spherical 
_reflns_shell.pdbx_percent_possible_ellipsoidal_anomalous 
_reflns_shell.pdbx_percent_possible_spherical_anomalous 
_reflns_shell.pdbx_redundancy_anomalous 
_reflns_shell.pdbx_CC_half_anomalous 
_reflns_shell.pdbx_absDiff_over_sigma_anomalous 
_reflns_shell.pdbx_percent_possible_anomalous 
2.80 2.85  ? ? ? ? ? ? 205 ? ? ? ? ? ? ? ? ? ? ? 2.7 1.030 ? ? 0.369 0.200 ? 1  1 0.703 0.908 ? 95.8 ? 0.307 ? ? ? ? ? ? ? ? ? 
2.85 2.90  ? ? ? ? ? ? 197 ? ? ? ? ? ? ? ? ? ? ? 2.9 1.214 ? ? 0.380 0.195 ? 2  1 0.552 0.844 ? 90.8 ? 0.322 ? ? ? ? ? ? ? ? ? 
2.90 2.96  ? ? ? ? ? ? 194 ? ? ? ? ? ? ? ? ? ? ? 3.2 1.212 ? ? 0.346 0.175 ? 3  1 0.668 0.895 ? 94.6 ? 0.296 ? ? ? ? ? ? ? ? ? 
2.96 3.02  ? ? ? ? ? ? 204 ? ? ? ? ? ? ? ? ? ? ? 3.6 1.051 ? ? 0.306 0.148 ? 4  1 0.738 0.922 ? 95.3 ? 0.265 ? ? ? ? ? ? ? ? ? 
3.02 3.08  ? ? ? ? ? ? 197 ? ? ? ? ? ? ? ? ? ? ? 3.1 1.200 ? ? 0.348 0.185 ? 5  1 0.638 0.883 ? 93.4 ? 0.292 ? ? ? ? ? ? ? ? ? 
3.08 3.15  ? ? ? ? ? ? 203 ? ? ? ? ? ? ? ? ? ? ? 3.8 1.689 ? ? 0.261 0.122 ? 6  1 0.842 0.956 ? 95.8 ? 0.229 ? ? ? ? ? ? ? ? ? 
3.15 3.23  ? ? ? ? ? ? 193 ? ? ? ? ? ? ? ? ? ? ? 3.9 1.539 ? ? 0.253 0.118 ? 7  1 0.843 0.956 ? 93.7 ? 0.222 ? ? ? ? ? ? ? ? ? 
3.23 3.32  ? ? ? ? ? ? 219 ? ? ? ? ? ? ? ? ? ? ? 3.9 1.429 ? ? 0.230 0.106 ? 8  1 0.911 0.977 ? 97.8 ? 0.203 ? ? ? ? ? ? ? ? ? 
3.32 3.42  ? ? ? ? ? ? 193 ? ? ? ? ? ? ? ? ? ? ? 3.9 1.477 ? ? 0.200 0.093 ? 9  1 0.966 0.991 ? 95.1 ? 0.177 ? ? ? ? ? ? ? ? ? 
3.42 3.53  ? ? ? ? ? ? 212 ? ? ? ? ? ? ? ? ? ? ? 4.5 1.660 ? ? 0.175 0.078 ? 10 1 0.963 0.991 ? 96.8 ? 0.156 ? ? ? ? ? ? ? ? ? 
3.53 3.65  ? ? ? ? ? ? 211 ? ? ? ? ? ? ? ? ? ? ? 4.7 1.753 ? ? 0.164 0.069 ? 11 1 0.981 0.995 ? 98.1 ? 0.148 ? ? ? ? ? ? ? ? ? 
3.65 3.80  ? ? ? ? ? ? 201 ? ? ? ? ? ? ? ? ? ? ? 5.5 1.939 ? ? 0.141 0.058 ? 12 1 0.981 0.995 ? 99.0 ? 0.129 ? ? ? ? ? ? ? ? ? 
3.80 3.97  ? ? ? ? ? ? 207 ? ? ? ? ? ? ? ? ? ? ? 5.0 2.005 ? ? 0.126 0.053 ? 13 1 0.989 0.997 ? 96.3 ? 0.114 ? ? ? ? ? ? ? ? ? 
3.97 4.18  ? ? ? ? ? ? 215 ? ? ? ? ? ? ? ? ? ? ? 4.9 2.273 ? ? 0.123 0.050 ? 14 1 0.988 0.997 ? 97.3 ? 0.112 ? ? ? ? ? ? ? ? ? 
4.18 4.44  ? ? ? ? ? ? 218 ? ? ? ? ? ? ? ? ? ? ? 5.7 2.629 ? ? 0.110 0.043 ? 15 1 0.991 0.998 ? 98.6 ? 0.101 ? ? ? ? ? ? ? ? ? 
4.44 4.79  ? ? ? ? ? ? 210 ? ? ? ? ? ? ? ? ? ? ? 5.4 2.523 ? ? 0.107 0.042 ? 16 1 0.994 0.999 ? 97.7 ? 0.098 ? ? ? ? ? ? ? ? ? 
4.79 5.27  ? ? ? ? ? ? 214 ? ? ? ? ? ? ? ? ? ? ? 5.7 2.185 ? ? 0.101 0.040 ? 17 1 0.993 0.998 ? 97.3 ? 0.092 ? ? ? ? ? ? ? ? ? 
5.27 6.03  ? ? ? ? ? ? 219 ? ? ? ? ? ? ? ? ? ? ? 5.4 2.144 ? ? 0.100 0.040 ? 18 1 0.993 0.998 ? 98.2 ? 0.091 ? ? ? ? ? ? ? ? ? 
6.03 7.59  ? ? ? ? ? ? 225 ? ? ? ? ? ? ? ? ? ? ? 5.7 2.282 ? ? 0.090 0.036 ? 19 1 0.993 0.998 ? 99.6 ? 0.082 ? ? ? ? ? ? ? ? ? 
7.59 50.00 ? ? ? ? ? ? 247 ? ? ? ? ? ? ? ? ? ? ? 5.3 2.880 ? ? 0.067 0.028 ? 20 1 0.995 0.999 ? 96.9 ? 0.060 ? ? ? ? ? ? ? ? ? 
# 
_refine.aniso_B[1][1]                            -0.62 
_refine.aniso_B[1][2]                            -0.31 
_refine.aniso_B[1][3]                            0.00 
_refine.aniso_B[2][2]                            -0.62 
_refine.aniso_B[2][3]                            -0.00 
_refine.aniso_B[3][3]                            2.03 
_refine.B_iso_max                                ? 
_refine.B_iso_mean                               49.066 
_refine.B_iso_min                                ? 
_refine.correlation_coeff_Fo_to_Fc               0.954 
_refine.correlation_coeff_Fo_to_Fc_free          0.898 
_refine.details                                  'HYDROGENS HAVE BEEN ADDED IN THE RIDING POSITIONS' 
_refine.diff_density_max                         ? 
_refine.diff_density_max_esd                     ? 
_refine.diff_density_min                         ? 
_refine.diff_density_min_esd                     ? 
_refine.diff_density_rms                         ? 
_refine.diff_density_rms_esd                     ? 
_refine.entry_id                                 8JCT 
_refine.pdbx_refine_id                           'X-RAY DIFFRACTION' 
_refine.ls_abs_structure_details                 ? 
_refine.ls_abs_structure_Flack                   ? 
_refine.ls_abs_structure_Flack_esd               ? 
_refine.ls_abs_structure_Rogers                  ? 
_refine.ls_abs_structure_Rogers_esd              ? 
_refine.ls_d_res_high                            2.80 
_refine.ls_d_res_low                             33.84 
_refine.ls_extinction_coef                       ? 
_refine.ls_extinction_coef_esd                   ? 
_refine.ls_extinction_expression                 ? 
_refine.ls_extinction_method                     ? 
_refine.ls_goodness_of_fit_all                   ? 
_refine.ls_goodness_of_fit_all_esd               ? 
_refine.ls_goodness_of_fit_obs                   ? 
_refine.ls_goodness_of_fit_obs_esd               ? 
_refine.ls_hydrogen_treatment                    ? 
_refine.ls_matrix_type                           ? 
_refine.ls_number_constraints                    ? 
_refine.ls_number_parameters                     ? 
_refine.ls_number_reflns_all                     ? 
_refine.ls_number_reflns_obs                     3985 
_refine.ls_number_reflns_R_free                  199 
_refine.ls_number_reflns_R_work                  ? 
_refine.ls_number_restraints                     ? 
_refine.ls_percent_reflns_obs                    96.38 
_refine.ls_percent_reflns_R_free                 4.8 
_refine.ls_R_factor_all                          ? 
_refine.ls_R_factor_obs                          0.17735 
_refine.ls_R_factor_R_free                       0.27537 
_refine.ls_R_factor_R_free_error                 ? 
_refine.ls_R_factor_R_free_error_details         ? 
_refine.ls_R_factor_R_work                       0.17230 
_refine.ls_R_Fsqd_factor_obs                     ? 
_refine.ls_R_I_factor_obs                        ? 
_refine.ls_redundancy_reflns_all                 ? 
_refine.ls_redundancy_reflns_obs                 ? 
_refine.ls_restrained_S_all                      ? 
_refine.ls_restrained_S_obs                      ? 
_refine.ls_shift_over_esd_max                    ? 
_refine.ls_shift_over_esd_mean                   ? 
_refine.ls_structure_factor_coef                 ? 
_refine.ls_weighting_details                     ? 
_refine.ls_weighting_scheme                      ? 
_refine.ls_wR_factor_all                         ? 
_refine.ls_wR_factor_obs                         ? 
_refine.ls_wR_factor_R_free                      ? 
_refine.ls_wR_factor_R_work                      ? 
_refine.occupancy_max                            ? 
_refine.occupancy_min                            ? 
_refine.solvent_model_details                    MASK 
_refine.solvent_model_param_bsol                 ? 
_refine.solvent_model_param_ksol                 ? 
_refine.pdbx_R_complete                          ? 
_refine.ls_R_factor_gt                           ? 
_refine.ls_goodness_of_fit_gt                    ? 
_refine.ls_goodness_of_fit_ref                   ? 
_refine.ls_shift_over_su_max                     ? 
_refine.ls_shift_over_su_max_lt                  ? 
_refine.ls_shift_over_su_mean                    ? 
_refine.ls_shift_over_su_mean_lt                 ? 
_refine.pdbx_ls_sigma_I                          ? 
_refine.pdbx_ls_sigma_F                          ? 
_refine.pdbx_ls_sigma_Fsqd                       ? 
_refine.pdbx_data_cutoff_high_absF               ? 
_refine.pdbx_data_cutoff_high_rms_absF           ? 
_refine.pdbx_data_cutoff_low_absF                ? 
_refine.pdbx_isotropic_thermal_model             ? 
_refine.pdbx_ls_cross_valid_method               THROUGHOUT 
_refine.pdbx_method_to_determine_struct          'MOLECULAR REPLACEMENT' 
_refine.pdbx_starting_model                      4OHY 
_refine.pdbx_stereochemistry_target_values       'MAXIMUM LIKELIHOOD' 
_refine.pdbx_R_Free_selection_details            RANDOM 
_refine.pdbx_stereochem_target_val_spec_case     ? 
_refine.pdbx_overall_ESU_R                       ? 
_refine.pdbx_overall_ESU_R_Free                  0.469 
_refine.pdbx_solvent_vdw_probe_radii             1.20 
_refine.pdbx_solvent_ion_probe_radii             0.80 
_refine.pdbx_solvent_shrinkage_radii             0.80 
_refine.pdbx_real_space_R                        ? 
_refine.pdbx_density_correlation                 ? 
_refine.pdbx_pd_number_of_powder_patterns        ? 
_refine.pdbx_pd_number_of_points                 ? 
_refine.pdbx_pd_meas_number_of_points            ? 
_refine.pdbx_pd_proc_ls_prof_R_factor            ? 
_refine.pdbx_pd_proc_ls_prof_wR_factor           ? 
_refine.pdbx_pd_Marquardt_correlation_coeff      ? 
_refine.pdbx_pd_Fsqrd_R_factor                   ? 
_refine.pdbx_pd_ls_matrix_band_width             ? 
_refine.pdbx_overall_phase_error                 ? 
_refine.pdbx_overall_SU_R_free_Cruickshank_DPI   ? 
_refine.pdbx_overall_SU_R_free_Blow_DPI          ? 
_refine.pdbx_overall_SU_R_Blow_DPI               ? 
_refine.pdbx_TLS_residual_ADP_flag               ? 
_refine.pdbx_diffrn_id                           1 
_refine.overall_SU_B                             21.510 
_refine.overall_SU_ML                            0.384 
_refine.overall_SU_R_Cruickshank_DPI             ? 
_refine.overall_SU_R_free                        ? 
_refine.overall_FOM_free_R_set                   ? 
_refine.overall_FOM_work_R_set                   ? 
_refine.pdbx_average_fsc_overall                 ? 
_refine.pdbx_average_fsc_work                    ? 
_refine.pdbx_average_fsc_free                    ? 
# 
_refine_hist.pdbx_refine_id                   'X-RAY DIFFRACTION' 
_refine_hist.cycle_id                         1 
_refine_hist.details                          ? 
_refine_hist.d_res_high                       2.80 
_refine_hist.d_res_low                        33.84 
_refine_hist.number_atoms_solvent             19 
_refine_hist.number_atoms_total               1394 
_refine_hist.number_reflns_all                ? 
_refine_hist.number_reflns_obs                ? 
_refine_hist.number_reflns_R_free             ? 
_refine_hist.number_reflns_R_work             ? 
_refine_hist.R_factor_all                     ? 
_refine_hist.R_factor_obs                     ? 
_refine_hist.R_factor_R_free                  ? 
_refine_hist.R_factor_R_work                  ? 
_refine_hist.pdbx_number_residues_total       ? 
_refine_hist.pdbx_B_iso_mean_ligand           ? 
_refine_hist.pdbx_B_iso_mean_solvent          ? 
_refine_hist.pdbx_number_atoms_protein        1375 
_refine_hist.pdbx_number_atoms_nucleic_acid   0 
_refine_hist.pdbx_number_atoms_ligand         0 
_refine_hist.pdbx_number_atoms_lipid          ? 
_refine_hist.pdbx_number_atoms_carb           ? 
_refine_hist.pdbx_pseudo_atom_details         ? 
# 
loop_
_refine_ls_restr.pdbx_refine_id 
_refine_ls_restr.criterion 
_refine_ls_restr.dev_ideal 
_refine_ls_restr.dev_ideal_target 
_refine_ls_restr.number 
_refine_ls_restr.rejects 
_refine_ls_restr.type 
_refine_ls_restr.weight 
_refine_ls_restr.pdbx_restraint_function 
'X-RAY DIFFRACTION' ? 0.004  0.012  1403 ? r_bond_refined_d             ? ? 
'X-RAY DIFFRACTION' ? 0.001  0.016  1345 ? r_bond_other_d               ? ? 
'X-RAY DIFFRACTION' ? 1.175  1.643  1909 ? r_angle_refined_deg          ? ? 
'X-RAY DIFFRACTION' ? 0.373  1.563  3102 ? r_angle_other_deg            ? ? 
'X-RAY DIFFRACTION' ? 6.732  5.000  188  ? r_dihedral_angle_1_deg       ? ? 
'X-RAY DIFFRACTION' ? 8.808  5.000  7    ? r_dihedral_angle_2_deg       ? ? 
'X-RAY DIFFRACTION' ? 18.034 10.000 218  ? r_dihedral_angle_3_deg       ? ? 
'X-RAY DIFFRACTION' ? ?      ?      ?    ? r_dihedral_angle_4_deg       ? ? 
'X-RAY DIFFRACTION' ? 0.048  0.200  222  ? r_chiral_restr               ? ? 
'X-RAY DIFFRACTION' ? 0.004  0.020  1659 ? r_gen_planes_refined         ? ? 
'X-RAY DIFFRACTION' ? 0.001  0.020  301  ? r_gen_planes_other           ? ? 
'X-RAY DIFFRACTION' ? ?      ?      ?    ? r_nbd_refined                ? ? 
'X-RAY DIFFRACTION' ? ?      ?      ?    ? r_nbd_other                  ? ? 
'X-RAY DIFFRACTION' ? ?      ?      ?    ? r_nbtor_refined              ? ? 
'X-RAY DIFFRACTION' ? ?      ?      ?    ? r_nbtor_other                ? ? 
'X-RAY DIFFRACTION' ? ?      ?      ?    ? r_xyhbond_nbd_refined        ? ? 
'X-RAY DIFFRACTION' ? ?      ?      ?    ? r_xyhbond_nbd_other          ? ? 
'X-RAY DIFFRACTION' ? ?      ?      ?    ? r_metal_ion_refined          ? ? 
'X-RAY DIFFRACTION' ? ?      ?      ?    ? r_metal_ion_other            ? ? 
'X-RAY DIFFRACTION' ? ?      ?      ?    ? r_symmetry_vdw_refined       ? ? 
'X-RAY DIFFRACTION' ? ?      ?      ?    ? r_symmetry_vdw_other         ? ? 
'X-RAY DIFFRACTION' ? ?      ?      ?    ? r_symmetry_hbond_refined     ? ? 
'X-RAY DIFFRACTION' ? ?      ?      ?    ? r_symmetry_hbond_other       ? ? 
'X-RAY DIFFRACTION' ? ?      ?      ?    ? r_symmetry_metal_ion_refined ? ? 
'X-RAY DIFFRACTION' ? ?      ?      ?    ? r_symmetry_metal_ion_other   ? ? 
'X-RAY DIFFRACTION' ? 3.094  4.751  755  ? r_mcbond_it                  ? ? 
'X-RAY DIFFRACTION' ? 3.092  4.752  755  ? r_mcbond_other               ? ? 
'X-RAY DIFFRACTION' ? 4.911  8.530  942  ? r_mcangle_it                 ? ? 
'X-RAY DIFFRACTION' ? 4.911  8.532  943  ? r_mcangle_other              ? ? 
'X-RAY DIFFRACTION' ? 3.590  5.250  648  ? r_scbond_it                  ? ? 
'X-RAY DIFFRACTION' ? 3.586  5.245  647  ? r_scbond_other               ? ? 
'X-RAY DIFFRACTION' ? ?      ?      ?    ? r_scangle_it                 ? ? 
'X-RAY DIFFRACTION' ? 6.078  9.514  968  ? r_scangle_other              ? ? 
'X-RAY DIFFRACTION' ? 8.428  44.60  1570 ? r_long_range_B_refined       ? ? 
'X-RAY DIFFRACTION' ? 8.426  44.54  1569 ? r_long_range_B_other         ? ? 
'X-RAY DIFFRACTION' ? ?      ?      ?    ? r_rigid_bond_restr           ? ? 
'X-RAY DIFFRACTION' ? ?      ?      ?    ? r_sphericity_free            ? ? 
'X-RAY DIFFRACTION' ? ?      ?      ?    ? r_sphericity_bonded          ? ? 
# 
_refine_ls_shell.pdbx_refine_id                   'X-RAY DIFFRACTION' 
_refine_ls_shell.d_res_high                       2.801 
_refine_ls_shell.d_res_low                        2.873 
_refine_ls_shell.number_reflns_all                ? 
_refine_ls_shell.number_reflns_obs                ? 
_refine_ls_shell.number_reflns_R_free             13 
_refine_ls_shell.number_reflns_R_work             294 
_refine_ls_shell.percent_reflns_obs               93.31 
_refine_ls_shell.percent_reflns_R_free            ? 
_refine_ls_shell.R_factor_all                     ? 
_refine_ls_shell.R_factor_obs                     ? 
_refine_ls_shell.R_factor_R_free_error            ? 
_refine_ls_shell.R_factor_R_work                  0.294 
_refine_ls_shell.redundancy_reflns_all            ? 
_refine_ls_shell.redundancy_reflns_obs            ? 
_refine_ls_shell.wR_factor_all                    ? 
_refine_ls_shell.wR_factor_obs                    ? 
_refine_ls_shell.wR_factor_R_free                 ? 
_refine_ls_shell.wR_factor_R_work                 ? 
_refine_ls_shell.pdbx_R_complete                  ? 
_refine_ls_shell.pdbx_total_number_of_bins_used   20 
_refine_ls_shell.pdbx_phase_error                 ? 
_refine_ls_shell.pdbx_fsc_work                    ? 
_refine_ls_shell.pdbx_fsc_free                    ? 
_refine_ls_shell.R_factor_R_free                  0.298 
# 
_struct.entry_id                     8JCT 
_struct.title                        'Crystal structure of fungal cutinase from Aspergillus fumigatiaffinis' 
_struct.pdbx_model_details           ? 
_struct.pdbx_formula_weight          ? 
_struct.pdbx_formula_weight_method   ? 
_struct.pdbx_model_type_details      ? 
_struct.pdbx_CASP_flag               N 
# 
_struct_keywords.entry_id        8JCT 
_struct_keywords.text            'PET hydrolase ; Aspergillus fumigatiaffinis; Fungal cutinase, HYDROLASE' 
_struct_keywords.pdbx_keywords   HYDROLASE 
# 
loop_
_struct_asym.id 
_struct_asym.pdbx_blank_PDB_chainid_flag 
_struct_asym.pdbx_modified 
_struct_asym.entity_id 
_struct_asym.details 
A N N 1 ? 
B N N 2 ? 
# 
_struct_ref.id                         1 
_struct_ref.db_name                    UNP 
_struct_ref.db_code                    A0A8H4MGN0_9EURO 
_struct_ref.pdbx_db_accession          A0A8H4MGN0 
_struct_ref.pdbx_db_isoform            ? 
_struct_ref.entity_id                  1 
_struct_ref.pdbx_seq_one_letter_code   
;RQTAITGDELRTGPCEPITFIFARGSTEPGLLGITTGPGVCNALKLSRPGQVACQGVGPAYTADLASNFLPQGTSQIAID
EAAGLFKLAASKCPDTKIVAGGYSQGAAVMHGAIRNLPSNVQNMIKGVVLFGDTRNKQDGGRIPNFPTDRTKIYCAFGDL
VCDGTLIITAAHLSYGDDVPNATSFLLSKV
;
_struct_ref.pdbx_align_begin           22 
# 
_struct_ref_seq.align_id                      1 
_struct_ref_seq.ref_id                        1 
_struct_ref_seq.pdbx_PDB_id_code              8JCT 
_struct_ref_seq.pdbx_strand_id                A 
_struct_ref_seq.seq_align_beg                 2 
_struct_ref_seq.pdbx_seq_align_beg_ins_code   ? 
_struct_ref_seq.seq_align_end                 191 
_struct_ref_seq.pdbx_seq_align_end_ins_code   ? 
_struct_ref_seq.pdbx_db_accession             A0A8H4MGN0 
_struct_ref_seq.db_align_beg                  22 
_struct_ref_seq.pdbx_db_align_beg_ins_code    ? 
_struct_ref_seq.db_align_end                  211 
_struct_ref_seq.pdbx_db_align_end_ins_code    ? 
_struct_ref_seq.pdbx_auth_seq_align_beg       2 
_struct_ref_seq.pdbx_auth_seq_align_end       191 
# 
loop_
_struct_ref_seq_dif.align_id 
_struct_ref_seq_dif.pdbx_pdb_id_code 
_struct_ref_seq_dif.mon_id 
_struct_ref_seq_dif.pdbx_pdb_strand_id 
_struct_ref_seq_dif.seq_num 
_struct_ref_seq_dif.pdbx_pdb_ins_code 
_struct_ref_seq_dif.pdbx_seq_db_name 
_struct_ref_seq_dif.pdbx_seq_db_accession_code 
_struct_ref_seq_dif.db_mon_id 
_struct_ref_seq_dif.pdbx_seq_db_seq_num 
_struct_ref_seq_dif.details 
_struct_ref_seq_dif.pdbx_auth_seq_num 
_struct_ref_seq_dif.pdbx_ordinal 
1 8JCT MET A 1   ? UNP A0A8H4MGN0 ? ? 'initiating methionine' 1   1 
1 8JCT LEU A 192 ? UNP A0A8H4MGN0 ? ? 'expression tag'        192 2 
1 8JCT GLU A 193 ? UNP A0A8H4MGN0 ? ? 'expression tag'        193 3 
1 8JCT HIS A 194 ? UNP A0A8H4MGN0 ? ? 'expression tag'        194 4 
1 8JCT HIS A 195 ? UNP A0A8H4MGN0 ? ? 'expression tag'        195 5 
1 8JCT HIS A 196 ? UNP A0A8H4MGN0 ? ? 'expression tag'        196 6 
1 8JCT HIS A 197 ? UNP A0A8H4MGN0 ? ? 'expression tag'        197 7 
1 8JCT HIS A 198 ? UNP A0A8H4MGN0 ? ? 'expression tag'        198 8 
1 8JCT HIS A 199 ? UNP A0A8H4MGN0 ? ? 'expression tag'        199 9 
# 
_pdbx_struct_assembly.id                   1 
_pdbx_struct_assembly.details              author_defined_assembly 
_pdbx_struct_assembly.method_details       ? 
_pdbx_struct_assembly.oligomeric_details   monomeric 
_pdbx_struct_assembly.oligomeric_count     1 
# 
_pdbx_struct_assembly_gen.assembly_id       1 
_pdbx_struct_assembly_gen.oper_expression   1 
_pdbx_struct_assembly_gen.asym_id_list      A,B 
# 
_pdbx_struct_assembly_auth_evidence.id                     1 
_pdbx_struct_assembly_auth_evidence.assembly_id            1 
_pdbx_struct_assembly_auth_evidence.experimental_support   'gel filtration' 
_pdbx_struct_assembly_auth_evidence.details                'Size exclusion chromatography' 
# 
_pdbx_struct_oper_list.id                   1 
_pdbx_struct_oper_list.type                 'identity operation' 
_pdbx_struct_oper_list.name                 1_555 
_pdbx_struct_oper_list.symmetry_operation   x,y,z 
_pdbx_struct_oper_list.matrix[1][1]         1.0000000000 
_pdbx_struct_oper_list.matrix[1][2]         0.0000000000 
_pdbx_struct_oper_list.matrix[1][3]         0.0000000000 
_pdbx_struct_oper_list.vector[1]            0.0000000000 
_pdbx_struct_oper_list.matrix[2][1]         0.0000000000 
_pdbx_struct_oper_list.matrix[2][2]         1.0000000000 
_pdbx_struct_oper_list.matrix[2][3]         0.0000000000 
_pdbx_struct_oper_list.vector[2]            0.0000000000 
_pdbx_struct_oper_list.matrix[3][1]         0.0000000000 
_pdbx_struct_oper_list.matrix[3][2]         0.0000000000 
_pdbx_struct_oper_list.matrix[3][3]         1.0000000000 
_pdbx_struct_oper_list.vector[3]            0.0000000000 
# 
loop_
_struct_conf.conf_type_id 
_struct_conf.id 
_struct_conf.pdbx_PDB_helix_id 
_struct_conf.beg_label_comp_id 
_struct_conf.beg_label_asym_id 
_struct_conf.beg_label_seq_id 
_struct_conf.pdbx_beg_PDB_ins_code 
_struct_conf.end_label_comp_id 
_struct_conf.end_label_asym_id 
_struct_conf.end_label_seq_id 
_struct_conf.pdbx_end_PDB_ins_code 
_struct_conf.beg_auth_comp_id 
_struct_conf.beg_auth_asym_id 
_struct_conf.beg_auth_seq_id 
_struct_conf.end_auth_comp_id 
_struct_conf.end_auth_asym_id 
_struct_conf.end_auth_seq_id 
_struct_conf.pdbx_PDB_helix_class 
_struct_conf.details 
_struct_conf.pdbx_PDB_helix_length 
HELX_P HELX_P1 AA1 THR A 36  ? ARG A 49  ? THR A 36  ARG A 49  1 ? 14 
HELX_P HELX_P2 AA2 ASP A 65  ? LEU A 71  ? ASP A 65  LEU A 71  5 ? 7  
HELX_P HELX_P3 AA3 SER A 76  ? CYS A 94  ? SER A 76  CYS A 94  1 ? 19 
HELX_P HELX_P4 AA4 SER A 105 ? ARG A 116 ? SER A 105 ARG A 116 1 ? 12 
HELX_P HELX_P5 AA5 PRO A 119 ? ASN A 124 ? PRO A 119 ASN A 124 1 ? 6  
HELX_P HELX_P6 AA6 PRO A 148 ? ASP A 150 ? PRO A 148 ASP A 150 5 ? 3  
HELX_P HELX_P7 AA7 ASP A 160 ? GLY A 165 ? ASP A 160 GLY A 165 5 ? 6  
HELX_P HELX_P8 AA8 SER A 175 ? ASP A 178 ? SER A 175 ASP A 178 5 ? 4  
HELX_P HELX_P9 AA9 ASP A 179 ? VAL A 191 ? ASP A 179 VAL A 191 1 ? 13 
# 
_struct_conf_type.id          HELX_P 
_struct_conf_type.criteria    ? 
_struct_conf_type.reference   ? 
# 
loop_
_struct_conn.id 
_struct_conn.conn_type_id 
_struct_conn.pdbx_leaving_atom_flag 
_struct_conn.pdbx_PDB_id 
_struct_conn.ptnr1_label_asym_id 
_struct_conn.ptnr1_label_comp_id 
_struct_conn.ptnr1_label_seq_id 
_struct_conn.ptnr1_label_atom_id 
_struct_conn.pdbx_ptnr1_label_alt_id 
_struct_conn.pdbx_ptnr1_PDB_ins_code 
_struct_conn.pdbx_ptnr1_standard_comp_id 
_struct_conn.ptnr1_symmetry 
_struct_conn.ptnr2_label_asym_id 
_struct_conn.ptnr2_label_comp_id 
_struct_conn.ptnr2_label_seq_id 
_struct_conn.ptnr2_label_atom_id 
_struct_conn.pdbx_ptnr2_label_alt_id 
_struct_conn.pdbx_ptnr2_PDB_ins_code 
_struct_conn.ptnr1_auth_asym_id 
_struct_conn.ptnr1_auth_comp_id 
_struct_conn.ptnr1_auth_seq_id 
_struct_conn.ptnr2_auth_asym_id 
_struct_conn.ptnr2_auth_comp_id 
_struct_conn.ptnr2_auth_seq_id 
_struct_conn.ptnr2_symmetry 
_struct_conn.pdbx_ptnr3_label_atom_id 
_struct_conn.pdbx_ptnr3_label_seq_id 
_struct_conn.pdbx_ptnr3_label_comp_id 
_struct_conn.pdbx_ptnr3_label_asym_id 
_struct_conn.pdbx_ptnr3_label_alt_id 
_struct_conn.pdbx_ptnr3_PDB_ins_code 
_struct_conn.details 
_struct_conn.pdbx_dist_value 
_struct_conn.pdbx_value_order 
_struct_conn.pdbx_role 
disulf1 disulf ? ? A CYS 16  SG ? ? ? 1_555 A CYS 94  SG ? ? A CYS 16  A CYS 94  1_555 ? ? ? ? ? ? ? 2.056 ? ? 
disulf2 disulf ? ? A CYS 42  SG ? ? ? 1_555 A CYS 55  SG ? ? A CYS 42  A CYS 55  1_555 ? ? ? ? ? ? ? 2.052 ? ? 
disulf3 disulf ? ? A CYS 156 SG ? ? ? 1_555 A CYS 163 SG ? ? A CYS 156 A CYS 163 1_555 ? ? ? ? ? ? ? 2.066 ? ? 
# 
_struct_conn_type.id          disulf 
_struct_conn_type.criteria    ? 
_struct_conn_type.reference   ? 
# 
loop_
_pdbx_modification_feature.ordinal 
_pdbx_modification_feature.label_comp_id 
_pdbx_modification_feature.label_asym_id 
_pdbx_modification_feature.label_seq_id 
_pdbx_modification_feature.label_alt_id 
_pdbx_modification_feature.modified_residue_label_comp_id 
_pdbx_modification_feature.modified_residue_label_asym_id 
_pdbx_modification_feature.modified_residue_label_seq_id 
_pdbx_modification_feature.modified_residue_label_alt_id 
_pdbx_modification_feature.auth_comp_id 
_pdbx_modification_feature.auth_asym_id 
_pdbx_modification_feature.auth_seq_id 
_pdbx_modification_feature.PDB_ins_code 
_pdbx_modification_feature.symmetry 
_pdbx_modification_feature.modified_residue_auth_comp_id 
_pdbx_modification_feature.modified_residue_auth_asym_id 
_pdbx_modification_feature.modified_residue_auth_seq_id 
_pdbx_modification_feature.modified_residue_PDB_ins_code 
_pdbx_modification_feature.modified_residue_symmetry 
_pdbx_modification_feature.comp_id_linking_atom 
_pdbx_modification_feature.modified_residue_id_linking_atom 
_pdbx_modification_feature.modified_residue_id 
_pdbx_modification_feature.ref_pcm_id 
_pdbx_modification_feature.ref_comp_id 
_pdbx_modification_feature.type 
_pdbx_modification_feature.category 
1 CYS A 16  ? CYS A 94  ? CYS A 16  ? 1_555 CYS A 94  ? 1_555 SG SG . . . None 'Disulfide bridge' 
2 CYS A 42  ? CYS A 55  ? CYS A 42  ? 1_555 CYS A 55  ? 1_555 SG SG . . . None 'Disulfide bridge' 
3 CYS A 156 ? CYS A 163 ? CYS A 156 ? 1_555 CYS A 163 ? 1_555 SG SG . . . None 'Disulfide bridge' 
# 
_struct_mon_prot_cis.pdbx_id                1 
_struct_mon_prot_cis.label_comp_id          GLY 
_struct_mon_prot_cis.label_seq_id           59 
_struct_mon_prot_cis.label_asym_id          A 
_struct_mon_prot_cis.label_alt_id           . 
_struct_mon_prot_cis.pdbx_PDB_ins_code      ? 
_struct_mon_prot_cis.auth_comp_id           GLY 
_struct_mon_prot_cis.auth_seq_id            59 
_struct_mon_prot_cis.auth_asym_id           A 
_struct_mon_prot_cis.pdbx_label_comp_id_2   PRO 
_struct_mon_prot_cis.pdbx_label_seq_id_2    60 
_struct_mon_prot_cis.pdbx_label_asym_id_2   A 
_struct_mon_prot_cis.pdbx_PDB_ins_code_2    ? 
_struct_mon_prot_cis.pdbx_auth_comp_id_2    PRO 
_struct_mon_prot_cis.pdbx_auth_seq_id_2     60 
_struct_mon_prot_cis.pdbx_auth_asym_id_2    A 
_struct_mon_prot_cis.pdbx_PDB_model_num     1 
_struct_mon_prot_cis.pdbx_omega_angle       2.09 
# 
_struct_sheet.id               AA1 
_struct_sheet.type             ? 
_struct_sheet.number_strands   5 
_struct_sheet.details          ? 
# 
loop_
_struct_sheet_order.sheet_id 
_struct_sheet_order.range_id_1 
_struct_sheet_order.range_id_2 
_struct_sheet_order.offset 
_struct_sheet_order.sense 
AA1 1 2 ? parallel 
AA1 2 3 ? parallel 
AA1 3 4 ? parallel 
AA1 4 5 ? parallel 
# 
loop_
_struct_sheet_range.sheet_id 
_struct_sheet_range.id 
_struct_sheet_range.beg_label_comp_id 
_struct_sheet_range.beg_label_asym_id 
_struct_sheet_range.beg_label_seq_id 
_struct_sheet_range.pdbx_beg_PDB_ins_code 
_struct_sheet_range.end_label_comp_id 
_struct_sheet_range.end_label_asym_id 
_struct_sheet_range.end_label_seq_id 
_struct_sheet_range.pdbx_end_PDB_ins_code 
_struct_sheet_range.beg_auth_comp_id 
_struct_sheet_range.beg_auth_asym_id 
_struct_sheet_range.beg_auth_seq_id 
_struct_sheet_range.end_auth_comp_id 
_struct_sheet_range.end_auth_asym_id 
_struct_sheet_range.end_auth_seq_id 
AA1 1 VAL A 53  ? GLY A 57  ? VAL A 53  GLY A 57  
AA1 2 ILE A 19  ? ALA A 24  ? ILE A 19  ALA A 24  
AA1 3 LYS A 98  ? TYR A 104 ? LYS A 98  TYR A 104 
AA1 4 ILE A 126 ? PHE A 132 ? ILE A 126 PHE A 132 
AA1 5 THR A 152 ? TYR A 155 ? THR A 152 TYR A 155 
# 
loop_
_pdbx_struct_sheet_hbond.sheet_id 
_pdbx_struct_sheet_hbond.range_id_1 
_pdbx_struct_sheet_hbond.range_id_2 
_pdbx_struct_sheet_hbond.range_1_label_atom_id 
_pdbx_struct_sheet_hbond.range_1_label_comp_id 
_pdbx_struct_sheet_hbond.range_1_label_asym_id 
_pdbx_struct_sheet_hbond.range_1_label_seq_id 
_pdbx_struct_sheet_hbond.range_1_PDB_ins_code 
_pdbx_struct_sheet_hbond.range_1_auth_atom_id 
_pdbx_struct_sheet_hbond.range_1_auth_comp_id 
_pdbx_struct_sheet_hbond.range_1_auth_asym_id 
_pdbx_struct_sheet_hbond.range_1_auth_seq_id 
_pdbx_struct_sheet_hbond.range_2_label_atom_id 
_pdbx_struct_sheet_hbond.range_2_label_comp_id 
_pdbx_struct_sheet_hbond.range_2_label_asym_id 
_pdbx_struct_sheet_hbond.range_2_label_seq_id 
_pdbx_struct_sheet_hbond.range_2_PDB_ins_code 
_pdbx_struct_sheet_hbond.range_2_auth_atom_id 
_pdbx_struct_sheet_hbond.range_2_auth_comp_id 
_pdbx_struct_sheet_hbond.range_2_auth_asym_id 
_pdbx_struct_sheet_hbond.range_2_auth_seq_id 
AA1 1 2 O GLN A 56  ? O GLN A 56  N PHE A 21  ? N PHE A 21  
AA1 2 3 N ILE A 22  ? N ILE A 22  O VAL A 100 ? O VAL A 100 
AA1 3 4 N GLY A 103 ? N GLY A 103 O PHE A 132 ? O PHE A 132 
AA1 4 5 N LEU A 131 ? N LEU A 131 O TYR A 155 ? O TYR A 155 
# 
_pdbx_entry_details.entry_id                   8JCT 
_pdbx_entry_details.compound_details           ? 
_pdbx_entry_details.source_details             ? 
_pdbx_entry_details.nonpolymer_details         ? 
_pdbx_entry_details.sequence_details           ? 
_pdbx_entry_details.has_ligand_of_interest     ? 
_pdbx_entry_details.has_protein_modification   Y 
# 
loop_
_pdbx_validate_torsion.id 
_pdbx_validate_torsion.PDB_model_num 
_pdbx_validate_torsion.auth_comp_id 
_pdbx_validate_torsion.auth_asym_id 
_pdbx_validate_torsion.auth_seq_id 
_pdbx_validate_torsion.PDB_ins_code 
_pdbx_validate_torsion.label_alt_id 
_pdbx_validate_torsion.phi 
_pdbx_validate_torsion.psi 
1 1 THR A 36  ? ? -94.58 -90.09  
2 1 SER A 105 ? ? 52.33  -127.16 
3 1 CYS A 163 ? ? -68.28 1.62    
# 
_pdbx_validate_planes.id              1 
_pdbx_validate_planes.PDB_model_num   1 
_pdbx_validate_planes.auth_comp_id    ARG 
_pdbx_validate_planes.auth_asym_id    A 
_pdbx_validate_planes.auth_seq_id     25 
_pdbx_validate_planes.PDB_ins_code    ? 
_pdbx_validate_planes.label_alt_id    ? 
_pdbx_validate_planes.rmsd            0.086 
_pdbx_validate_planes.type            'SIDE CHAIN' 
# 
loop_
_pdbx_struct_special_symmetry.id 
_pdbx_struct_special_symmetry.PDB_model_num 
_pdbx_struct_special_symmetry.auth_asym_id 
_pdbx_struct_special_symmetry.auth_comp_id 
_pdbx_struct_special_symmetry.auth_seq_id 
_pdbx_struct_special_symmetry.PDB_ins_code 
_pdbx_struct_special_symmetry.label_asym_id 
_pdbx_struct_special_symmetry.label_comp_id 
_pdbx_struct_special_symmetry.label_seq_id 
1 1 A HOH 217 ? B HOH . 
2 1 A HOH 219 ? B HOH . 
# 
loop_
_pdbx_distant_solvent_atoms.id 
_pdbx_distant_solvent_atoms.PDB_model_num 
_pdbx_distant_solvent_atoms.auth_atom_id 
_pdbx_distant_solvent_atoms.label_alt_id 
_pdbx_distant_solvent_atoms.auth_asym_id 
_pdbx_distant_solvent_atoms.auth_comp_id 
_pdbx_distant_solvent_atoms.auth_seq_id 
_pdbx_distant_solvent_atoms.PDB_ins_code 
_pdbx_distant_solvent_atoms.neighbor_macromolecule_distance 
_pdbx_distant_solvent_atoms.neighbor_ligand_distance 
1 1 O ? A HOH 217 ? 6.25 . 
2 1 O ? A HOH 218 ? 6.40 . 
3 1 O ? A HOH 219 ? 6.82 . 
# 
loop_
_pdbx_unobs_or_zero_occ_residues.id 
_pdbx_unobs_or_zero_occ_residues.PDB_model_num 
_pdbx_unobs_or_zero_occ_residues.polymer_flag 
_pdbx_unobs_or_zero_occ_residues.occupancy_flag 
_pdbx_unobs_or_zero_occ_residues.auth_asym_id 
_pdbx_unobs_or_zero_occ_residues.auth_comp_id 
_pdbx_unobs_or_zero_occ_residues.auth_seq_id 
_pdbx_unobs_or_zero_occ_residues.PDB_ins_code 
_pdbx_unobs_or_zero_occ_residues.label_asym_id 
_pdbx_unobs_or_zero_occ_residues.label_comp_id 
_pdbx_unobs_or_zero_occ_residues.label_seq_id 
1  1 Y 1 A MET 1   ? A MET 1   
2  1 Y 1 A ARG 2   ? A ARG 2   
3  1 Y 1 A GLN 3   ? A GLN 3   
4  1 Y 1 A THR 4   ? A THR 4   
5  1 Y 1 A HIS 194 ? A HIS 194 
6  1 Y 1 A HIS 195 ? A HIS 195 
7  1 Y 1 A HIS 196 ? A HIS 196 
8  1 Y 1 A HIS 197 ? A HIS 197 
9  1 Y 1 A HIS 198 ? A HIS 198 
10 1 Y 1 A HIS 199 ? A HIS 199 
# 
loop_
_chem_comp_atom.comp_id 
_chem_comp_atom.atom_id 
_chem_comp_atom.type_symbol 
_chem_comp_atom.pdbx_aromatic_flag 
_chem_comp_atom.pdbx_stereo_config 
_chem_comp_atom.pdbx_ordinal 
ALA N    N N N 1   
ALA CA   C N S 2   
ALA C    C N N 3   
ALA O    O N N 4   
ALA CB   C N N 5   
ALA OXT  O N N 6   
ALA H    H N N 7   
ALA H2   H N N 8   
ALA HA   H N N 9   
ALA HB1  H N N 10  
ALA HB2  H N N 11  
ALA HB3  H N N 12  
ALA HXT  H N N 13  
ARG N    N N N 14  
ARG CA   C N S 15  
ARG C    C N N 16  
ARG O    O N N 17  
ARG CB   C N N 18  
ARG CG   C N N 19  
ARG CD   C N N 20  
ARG NE   N N N 21  
ARG CZ   C N N 22  
ARG NH1  N N N 23  
ARG NH2  N N N 24  
ARG OXT  O N N 25  
ARG H    H N N 26  
ARG H2   H N N 27  
ARG HA   H N N 28  
ARG HB2  H N N 29  
ARG HB3  H N N 30  
ARG HG2  H N N 31  
ARG HG3  H N N 32  
ARG HD2  H N N 33  
ARG HD3  H N N 34  
ARG HE   H N N 35  
ARG HH11 H N N 36  
ARG HH12 H N N 37  
ARG HH21 H N N 38  
ARG HH22 H N N 39  
ARG HXT  H N N 40  
ASN N    N N N 41  
ASN CA   C N S 42  
ASN C    C N N 43  
ASN O    O N N 44  
ASN CB   C N N 45  
ASN CG   C N N 46  
ASN OD1  O N N 47  
ASN ND2  N N N 48  
ASN OXT  O N N 49  
ASN H    H N N 50  
ASN H2   H N N 51  
ASN HA   H N N 52  
ASN HB2  H N N 53  
ASN HB3  H N N 54  
ASN HD21 H N N 55  
ASN HD22 H N N 56  
ASN HXT  H N N 57  
ASP N    N N N 58  
ASP CA   C N S 59  
ASP C    C N N 60  
ASP O    O N N 61  
ASP CB   C N N 62  
ASP CG   C N N 63  
ASP OD1  O N N 64  
ASP OD2  O N N 65  
ASP OXT  O N N 66  
ASP H    H N N 67  
ASP H2   H N N 68  
ASP HA   H N N 69  
ASP HB2  H N N 70  
ASP HB3  H N N 71  
ASP HD2  H N N 72  
ASP HXT  H N N 73  
CYS N    N N N 74  
CYS CA   C N R 75  
CYS C    C N N 76  
CYS O    O N N 77  
CYS CB   C N N 78  
CYS SG   S N N 79  
CYS OXT  O N N 80  
CYS H    H N N 81  
CYS H2   H N N 82  
CYS HA   H N N 83  
CYS HB2  H N N 84  
CYS HB3  H N N 85  
CYS HG   H N N 86  
CYS HXT  H N N 87  
GLN N    N N N 88  
GLN CA   C N S 89  
GLN C    C N N 90  
GLN O    O N N 91  
GLN CB   C N N 92  
GLN CG   C N N 93  
GLN CD   C N N 94  
GLN OE1  O N N 95  
GLN NE2  N N N 96  
GLN OXT  O N N 97  
GLN H    H N N 98  
GLN H2   H N N 99  
GLN HA   H N N 100 
GLN HB2  H N N 101 
GLN HB3  H N N 102 
GLN HG2  H N N 103 
GLN HG3  H N N 104 
GLN HE21 H N N 105 
GLN HE22 H N N 106 
GLN HXT  H N N 107 
GLU N    N N N 108 
GLU CA   C N S 109 
GLU C    C N N 110 
GLU O    O N N 111 
GLU CB   C N N 112 
GLU CG   C N N 113 
GLU CD   C N N 114 
GLU OE1  O N N 115 
GLU OE2  O N N 116 
GLU OXT  O N N 117 
GLU H    H N N 118 
GLU H2   H N N 119 
GLU HA   H N N 120 
GLU HB2  H N N 121 
GLU HB3  H N N 122 
GLU HG2  H N N 123 
GLU HG3  H N N 124 
GLU HE2  H N N 125 
GLU HXT  H N N 126 
GLY N    N N N 127 
GLY CA   C N N 128 
GLY C    C N N 129 
GLY O    O N N 130 
GLY OXT  O N N 131 
GLY H    H N N 132 
GLY H2   H N N 133 
GLY HA2  H N N 134 
GLY HA3  H N N 135 
GLY HXT  H N N 136 
HIS N    N N N 137 
HIS CA   C N S 138 
HIS C    C N N 139 
HIS O    O N N 140 
HIS CB   C N N 141 
HIS CG   C Y N 142 
HIS ND1  N Y N 143 
HIS CD2  C Y N 144 
HIS CE1  C Y N 145 
HIS NE2  N Y N 146 
HIS OXT  O N N 147 
HIS H    H N N 148 
HIS H2   H N N 149 
HIS HA   H N N 150 
HIS HB2  H N N 151 
HIS HB3  H N N 152 
HIS HD1  H N N 153 
HIS HD2  H N N 154 
HIS HE1  H N N 155 
HIS HE2  H N N 156 
HIS HXT  H N N 157 
HOH O    O N N 158 
HOH H1   H N N 159 
HOH H2   H N N 160 
ILE N    N N N 161 
ILE CA   C N S 162 
ILE C    C N N 163 
ILE O    O N N 164 
ILE CB   C N S 165 
ILE CG1  C N N 166 
ILE CG2  C N N 167 
ILE CD1  C N N 168 
ILE OXT  O N N 169 
ILE H    H N N 170 
ILE H2   H N N 171 
ILE HA   H N N 172 
ILE HB   H N N 173 
ILE HG12 H N N 174 
ILE HG13 H N N 175 
ILE HG21 H N N 176 
ILE HG22 H N N 177 
ILE HG23 H N N 178 
ILE HD11 H N N 179 
ILE HD12 H N N 180 
ILE HD13 H N N 181 
ILE HXT  H N N 182 
LEU N    N N N 183 
LEU CA   C N S 184 
LEU C    C N N 185 
LEU O    O N N 186 
LEU CB   C N N 187 
LEU CG   C N N 188 
LEU CD1  C N N 189 
LEU CD2  C N N 190 
LEU OXT  O N N 191 
LEU H    H N N 192 
LEU H2   H N N 193 
LEU HA   H N N 194 
LEU HB2  H N N 195 
LEU HB3  H N N 196 
LEU HG   H N N 197 
LEU HD11 H N N 198 
LEU HD12 H N N 199 
LEU HD13 H N N 200 
LEU HD21 H N N 201 
LEU HD22 H N N 202 
LEU HD23 H N N 203 
LEU HXT  H N N 204 
LYS N    N N N 205 
LYS CA   C N S 206 
LYS C    C N N 207 
LYS O    O N N 208 
LYS CB   C N N 209 
LYS CG   C N N 210 
LYS CD   C N N 211 
LYS CE   C N N 212 
LYS NZ   N N N 213 
LYS OXT  O N N 214 
LYS H    H N N 215 
LYS H2   H N N 216 
LYS HA   H N N 217 
LYS HB2  H N N 218 
LYS HB3  H N N 219 
LYS HG2  H N N 220 
LYS HG3  H N N 221 
LYS HD2  H N N 222 
LYS HD3  H N N 223 
LYS HE2  H N N 224 
LYS HE3  H N N 225 
LYS HZ1  H N N 226 
LYS HZ2  H N N 227 
LYS HZ3  H N N 228 
LYS HXT  H N N 229 
MET N    N N N 230 
MET CA   C N S 231 
MET C    C N N 232 
MET O    O N N 233 
MET CB   C N N 234 
MET CG   C N N 235 
MET SD   S N N 236 
MET CE   C N N 237 
MET OXT  O N N 238 
MET H    H N N 239 
MET H2   H N N 240 
MET HA   H N N 241 
MET HB2  H N N 242 
MET HB3  H N N 243 
MET HG2  H N N 244 
MET HG3  H N N 245 
MET HE1  H N N 246 
MET HE2  H N N 247 
MET HE3  H N N 248 
MET HXT  H N N 249 
PHE N    N N N 250 
PHE CA   C N S 251 
PHE C    C N N 252 
PHE O    O N N 253 
PHE CB   C N N 254 
PHE CG   C Y N 255 
PHE CD1  C Y N 256 
PHE CD2  C Y N 257 
PHE CE1  C Y N 258 
PHE CE2  C Y N 259 
PHE CZ   C Y N 260 
PHE OXT  O N N 261 
PHE H    H N N 262 
PHE H2   H N N 263 
PHE HA   H N N 264 
PHE HB2  H N N 265 
PHE HB3  H N N 266 
PHE HD1  H N N 267 
PHE HD2  H N N 268 
PHE HE1  H N N 269 
PHE HE2  H N N 270 
PHE HZ   H N N 271 
PHE HXT  H N N 272 
PRO N    N N N 273 
PRO CA   C N S 274 
PRO C    C N N 275 
PRO O    O N N 276 
PRO CB   C N N 277 
PRO CG   C N N 278 
PRO CD   C N N 279 
PRO OXT  O N N 280 
PRO H    H N N 281 
PRO HA   H N N 282 
PRO HB2  H N N 283 
PRO HB3  H N N 284 
PRO HG2  H N N 285 
PRO HG3  H N N 286 
PRO HD2  H N N 287 
PRO HD3  H N N 288 
PRO HXT  H N N 289 
SER N    N N N 290 
SER CA   C N S 291 
SER C    C N N 292 
SER O    O N N 293 
SER CB   C N N 294 
SER OG   O N N 295 
SER OXT  O N N 296 
SER H    H N N 297 
SER H2   H N N 298 
SER HA   H N N 299 
SER HB2  H N N 300 
SER HB3  H N N 301 
SER HG   H N N 302 
SER HXT  H N N 303 
THR N    N N N 304 
THR CA   C N S 305 
THR C    C N N 306 
THR O    O N N 307 
THR CB   C N R 308 
THR OG1  O N N 309 
THR CG2  C N N 310 
THR OXT  O N N 311 
THR H    H N N 312 
THR H2   H N N 313 
THR HA   H N N 314 
THR HB   H N N 315 
THR HG1  H N N 316 
THR HG21 H N N 317 
THR HG22 H N N 318 
THR HG23 H N N 319 
THR HXT  H N N 320 
TYR N    N N N 321 
TYR CA   C N S 322 
TYR C    C N N 323 
TYR O    O N N 324 
TYR CB   C N N 325 
TYR CG   C Y N 326 
TYR CD1  C Y N 327 
TYR CD2  C Y N 328 
TYR CE1  C Y N 329 
TYR CE2  C Y N 330 
TYR CZ   C Y N 331 
TYR OH   O N N 332 
TYR OXT  O N N 333 
TYR H    H N N 334 
TYR H2   H N N 335 
TYR HA   H N N 336 
TYR HB2  H N N 337 
TYR HB3  H N N 338 
TYR HD1  H N N 339 
TYR HD2  H N N 340 
TYR HE1  H N N 341 
TYR HE2  H N N 342 
TYR HH   H N N 343 
TYR HXT  H N N 344 
VAL N    N N N 345 
VAL CA   C N S 346 
VAL C    C N N 347 
VAL O    O N N 348 
VAL CB   C N N 349 
VAL CG1  C N N 350 
VAL CG2  C N N 351 
VAL OXT  O N N 352 
VAL H    H N N 353 
VAL H2   H N N 354 
VAL HA   H N N 355 
VAL HB   H N N 356 
VAL HG11 H N N 357 
VAL HG12 H N N 358 
VAL HG13 H N N 359 
VAL HG21 H N N 360 
VAL HG22 H N N 361 
VAL HG23 H N N 362 
VAL HXT  H N N 363 
# 
loop_
_chem_comp_bond.comp_id 
_chem_comp_bond.atom_id_1 
_chem_comp_bond.atom_id_2 
_chem_comp_bond.value_order 
_chem_comp_bond.pdbx_aromatic_flag 
_chem_comp_bond.pdbx_stereo_config 
_chem_comp_bond.pdbx_ordinal 
ALA N   CA   sing N N 1   
ALA N   H    sing N N 2   
ALA N   H2   sing N N 3   
ALA CA  C    sing N N 4   
ALA CA  CB   sing N N 5   
ALA CA  HA   sing N N 6   
ALA C   O    doub N N 7   
ALA C   OXT  sing N N 8   
ALA CB  HB1  sing N N 9   
ALA CB  HB2  sing N N 10  
ALA CB  HB3  sing N N 11  
ALA OXT HXT  sing N N 12  
ARG N   CA   sing N N 13  
ARG N   H    sing N N 14  
ARG N   H2   sing N N 15  
ARG CA  C    sing N N 16  
ARG CA  CB   sing N N 17  
ARG CA  HA   sing N N 18  
ARG C   O    doub N N 19  
ARG C   OXT  sing N N 20  
ARG CB  CG   sing N N 21  
ARG CB  HB2  sing N N 22  
ARG CB  HB3  sing N N 23  
ARG CG  CD   sing N N 24  
ARG CG  HG2  sing N N 25  
ARG CG  HG3  sing N N 26  
ARG CD  NE   sing N N 27  
ARG CD  HD2  sing N N 28  
ARG CD  HD3  sing N N 29  
ARG NE  CZ   sing N N 30  
ARG NE  HE   sing N N 31  
ARG CZ  NH1  sing N N 32  
ARG CZ  NH2  doub N N 33  
ARG NH1 HH11 sing N N 34  
ARG NH1 HH12 sing N N 35  
ARG NH2 HH21 sing N N 36  
ARG NH2 HH22 sing N N 37  
ARG OXT HXT  sing N N 38  
ASN N   CA   sing N N 39  
ASN N   H    sing N N 40  
ASN N   H2   sing N N 41  
ASN CA  C    sing N N 42  
ASN CA  CB   sing N N 43  
ASN CA  HA   sing N N 44  
ASN C   O    doub N N 45  
ASN C   OXT  sing N N 46  
ASN CB  CG   sing N N 47  
ASN CB  HB2  sing N N 48  
ASN CB  HB3  sing N N 49  
ASN CG  OD1  doub N N 50  
ASN CG  ND2  sing N N 51  
ASN ND2 HD21 sing N N 52  
ASN ND2 HD22 sing N N 53  
ASN OXT HXT  sing N N 54  
ASP N   CA   sing N N 55  
ASP N   H    sing N N 56  
ASP N   H2   sing N N 57  
ASP CA  C    sing N N 58  
ASP CA  CB   sing N N 59  
ASP CA  HA   sing N N 60  
ASP C   O    doub N N 61  
ASP C   OXT  sing N N 62  
ASP CB  CG   sing N N 63  
ASP CB  HB2  sing N N 64  
ASP CB  HB3  sing N N 65  
ASP CG  OD1  doub N N 66  
ASP CG  OD2  sing N N 67  
ASP OD2 HD2  sing N N 68  
ASP OXT HXT  sing N N 69  
CYS N   CA   sing N N 70  
CYS N   H    sing N N 71  
CYS N   H2   sing N N 72  
CYS CA  C    sing N N 73  
CYS CA  CB   sing N N 74  
CYS CA  HA   sing N N 75  
CYS C   O    doub N N 76  
CYS C   OXT  sing N N 77  
CYS CB  SG   sing N N 78  
CYS CB  HB2  sing N N 79  
CYS CB  HB3  sing N N 80  
CYS SG  HG   sing N N 81  
CYS OXT HXT  sing N N 82  
GLN N   CA   sing N N 83  
GLN N   H    sing N N 84  
GLN N   H2   sing N N 85  
GLN CA  C    sing N N 86  
GLN CA  CB   sing N N 87  
GLN CA  HA   sing N N 88  
GLN C   O    doub N N 89  
GLN C   OXT  sing N N 90  
GLN CB  CG   sing N N 91  
GLN CB  HB2  sing N N 92  
GLN CB  HB3  sing N N 93  
GLN CG  CD   sing N N 94  
GLN CG  HG2  sing N N 95  
GLN CG  HG3  sing N N 96  
GLN CD  OE1  doub N N 97  
GLN CD  NE2  sing N N 98  
GLN NE2 HE21 sing N N 99  
GLN NE2 HE22 sing N N 100 
GLN OXT HXT  sing N N 101 
GLU N   CA   sing N N 102 
GLU N   H    sing N N 103 
GLU N   H2   sing N N 104 
GLU CA  C    sing N N 105 
GLU CA  CB   sing N N 106 
GLU CA  HA   sing N N 107 
GLU C   O    doub N N 108 
GLU C   OXT  sing N N 109 
GLU CB  CG   sing N N 110 
GLU CB  HB2  sing N N 111 
GLU CB  HB3  sing N N 112 
GLU CG  CD   sing N N 113 
GLU CG  HG2  sing N N 114 
GLU CG  HG3  sing N N 115 
GLU CD  OE1  doub N N 116 
GLU CD  OE2  sing N N 117 
GLU OE2 HE2  sing N N 118 
GLU OXT HXT  sing N N 119 
GLY N   CA   sing N N 120 
GLY N   H    sing N N 121 
GLY N   H2   sing N N 122 
GLY CA  C    sing N N 123 
GLY CA  HA2  sing N N 124 
GLY CA  HA3  sing N N 125 
GLY C   O    doub N N 126 
GLY C   OXT  sing N N 127 
GLY OXT HXT  sing N N 128 
HIS N   CA   sing N N 129 
HIS N   H    sing N N 130 
HIS N   H2   sing N N 131 
HIS CA  C    sing N N 132 
HIS CA  CB   sing N N 133 
HIS CA  HA   sing N N 134 
HIS C   O    doub N N 135 
HIS C   OXT  sing N N 136 
HIS CB  CG   sing N N 137 
HIS CB  HB2  sing N N 138 
HIS CB  HB3  sing N N 139 
HIS CG  ND1  sing Y N 140 
HIS CG  CD2  doub Y N 141 
HIS ND1 CE1  doub Y N 142 
HIS ND1 HD1  sing N N 143 
HIS CD2 NE2  sing Y N 144 
HIS CD2 HD2  sing N N 145 
HIS CE1 NE2  sing Y N 146 
HIS CE1 HE1  sing N N 147 
HIS NE2 HE2  sing N N 148 
HIS OXT HXT  sing N N 149 
HOH O   H1   sing N N 150 
HOH O   H2   sing N N 151 
ILE N   CA   sing N N 152 
ILE N   H    sing N N 153 
ILE N   H2   sing N N 154 
ILE CA  C    sing N N 155 
ILE CA  CB   sing N N 156 
ILE CA  HA   sing N N 157 
ILE C   O    doub N N 158 
ILE C   OXT  sing N N 159 
ILE CB  CG1  sing N N 160 
ILE CB  CG2  sing N N 161 
ILE CB  HB   sing N N 162 
ILE CG1 CD1  sing N N 163 
ILE CG1 HG12 sing N N 164 
ILE CG1 HG13 sing N N 165 
ILE CG2 HG21 sing N N 166 
ILE CG2 HG22 sing N N 167 
ILE CG2 HG23 sing N N 168 
ILE CD1 HD11 sing N N 169 
ILE CD1 HD12 sing N N 170 
ILE CD1 HD13 sing N N 171 
ILE OXT HXT  sing N N 172 
LEU N   CA   sing N N 173 
LEU N   H    sing N N 174 
LEU N   H2   sing N N 175 
LEU CA  C    sing N N 176 
LEU CA  CB   sing N N 177 
LEU CA  HA   sing N N 178 
LEU C   O    doub N N 179 
LEU C   OXT  sing N N 180 
LEU CB  CG   sing N N 181 
LEU CB  HB2  sing N N 182 
LEU CB  HB3  sing N N 183 
LEU CG  CD1  sing N N 184 
LEU CG  CD2  sing N N 185 
LEU CG  HG   sing N N 186 
LEU CD1 HD11 sing N N 187 
LEU CD1 HD12 sing N N 188 
LEU CD1 HD13 sing N N 189 
LEU CD2 HD21 sing N N 190 
LEU CD2 HD22 sing N N 191 
LEU CD2 HD23 sing N N 192 
LEU OXT HXT  sing N N 193 
LYS N   CA   sing N N 194 
LYS N   H    sing N N 195 
LYS N   H2   sing N N 196 
LYS CA  C    sing N N 197 
LYS CA  CB   sing N N 198 
LYS CA  HA   sing N N 199 
LYS C   O    doub N N 200 
LYS C   OXT  sing N N 201 
LYS CB  CG   sing N N 202 
LYS CB  HB2  sing N N 203 
LYS CB  HB3  sing N N 204 
LYS CG  CD   sing N N 205 
LYS CG  HG2  sing N N 206 
LYS CG  HG3  sing N N 207 
LYS CD  CE   sing N N 208 
LYS CD  HD2  sing N N 209 
LYS CD  HD3  sing N N 210 
LYS CE  NZ   sing N N 211 
LYS CE  HE2  sing N N 212 
LYS CE  HE3  sing N N 213 
LYS NZ  HZ1  sing N N 214 
LYS NZ  HZ2  sing N N 215 
LYS NZ  HZ3  sing N N 216 
LYS OXT HXT  sing N N 217 
MET N   CA   sing N N 218 
MET N   H    sing N N 219 
MET N   H2   sing N N 220 
MET CA  C    sing N N 221 
MET CA  CB   sing N N 222 
MET CA  HA   sing N N 223 
MET C   O    doub N N 224 
MET C   OXT  sing N N 225 
MET CB  CG   sing N N 226 
MET CB  HB2  sing N N 227 
MET CB  HB3  sing N N 228 
MET CG  SD   sing N N 229 
MET CG  HG2  sing N N 230 
MET CG  HG3  sing N N 231 
MET SD  CE   sing N N 232 
MET CE  HE1  sing N N 233 
MET CE  HE2  sing N N 234 
MET CE  HE3  sing N N 235 
MET OXT HXT  sing N N 236 
PHE N   CA   sing N N 237 
PHE N   H    sing N N 238 
PHE N   H2   sing N N 239 
PHE CA  C    sing N N 240 
PHE CA  CB   sing N N 241 
PHE CA  HA   sing N N 242 
PHE C   O    doub N N 243 
PHE C   OXT  sing N N 244 
PHE CB  CG   sing N N 245 
PHE CB  HB2  sing N N 246 
PHE CB  HB3  sing N N 247 
PHE CG  CD1  doub Y N 248 
PHE CG  CD2  sing Y N 249 
PHE CD1 CE1  sing Y N 250 
PHE CD1 HD1  sing N N 251 
PHE CD2 CE2  doub Y N 252 
PHE CD2 HD2  sing N N 253 
PHE CE1 CZ   doub Y N 254 
PHE CE1 HE1  sing N N 255 
PHE CE2 CZ   sing Y N 256 
PHE CE2 HE2  sing N N 257 
PHE CZ  HZ   sing N N 258 
PHE OXT HXT  sing N N 259 
PRO N   CA   sing N N 260 
PRO N   CD   sing N N 261 
PRO N   H    sing N N 262 
PRO CA  C    sing N N 263 
PRO CA  CB   sing N N 264 
PRO CA  HA   sing N N 265 
PRO C   O    doub N N 266 
PRO C   OXT  sing N N 267 
PRO CB  CG   sing N N 268 
PRO CB  HB2  sing N N 269 
PRO CB  HB3  sing N N 270 
PRO CG  CD   sing N N 271 
PRO CG  HG2  sing N N 272 
PRO CG  HG3  sing N N 273 
PRO CD  HD2  sing N N 274 
PRO CD  HD3  sing N N 275 
PRO OXT HXT  sing N N 276 
SER N   CA   sing N N 277 
SER N   H    sing N N 278 
SER N   H2   sing N N 279 
SER CA  C    sing N N 280 
SER CA  CB   sing N N 281 
SER CA  HA   sing N N 282 
SER C   O    doub N N 283 
SER C   OXT  sing N N 284 
SER CB  OG   sing N N 285 
SER CB  HB2  sing N N 286 
SER CB  HB3  sing N N 287 
SER OG  HG   sing N N 288 
SER OXT HXT  sing N N 289 
THR N   CA   sing N N 290 
THR N   H    sing N N 291 
THR N   H2   sing N N 292 
THR CA  C    sing N N 293 
THR CA  CB   sing N N 294 
THR CA  HA   sing N N 295 
THR C   O    doub N N 296 
THR C   OXT  sing N N 297 
THR CB  OG1  sing N N 298 
THR CB  CG2  sing N N 299 
THR CB  HB   sing N N 300 
THR OG1 HG1  sing N N 301 
THR CG2 HG21 sing N N 302 
THR CG2 HG22 sing N N 303 
THR CG2 HG23 sing N N 304 
THR OXT HXT  sing N N 305 
TYR N   CA   sing N N 306 
TYR N   H    sing N N 307 
TYR N   H2   sing N N 308 
TYR CA  C    sing N N 309 
TYR CA  CB   sing N N 310 
TYR CA  HA   sing N N 311 
TYR C   O    doub N N 312 
TYR C   OXT  sing N N 313 
TYR CB  CG   sing N N 314 
TYR CB  HB2  sing N N 315 
TYR CB  HB3  sing N N 316 
TYR CG  CD1  doub Y N 317 
TYR CG  CD2  sing Y N 318 
TYR CD1 CE1  sing Y N 319 
TYR CD1 HD1  sing N N 320 
TYR CD2 CE2  doub Y N 321 
TYR CD2 HD2  sing N N 322 
TYR CE1 CZ   doub Y N 323 
TYR CE1 HE1  sing N N 324 
TYR CE2 CZ   sing Y N 325 
TYR CE2 HE2  sing N N 326 
TYR CZ  OH   sing N N 327 
TYR OH  HH   sing N N 328 
TYR OXT HXT  sing N N 329 
VAL N   CA   sing N N 330 
VAL N   H    sing N N 331 
VAL N   H2   sing N N 332 
VAL CA  C    sing N N 333 
VAL CA  CB   sing N N 334 
VAL CA  HA   sing N N 335 
VAL C   O    doub N N 336 
VAL C   OXT  sing N N 337 
VAL CB  CG1  sing N N 338 
VAL CB  CG2  sing N N 339 
VAL CB  HB   sing N N 340 
VAL CG1 HG11 sing N N 341 
VAL CG1 HG12 sing N N 342 
VAL CG1 HG13 sing N N 343 
VAL CG2 HG21 sing N N 344 
VAL CG2 HG22 sing N N 345 
VAL CG2 HG23 sing N N 346 
VAL OXT HXT  sing N N 347 
# 
_pdbx_audit_support.funding_organization   'Other government' 
_pdbx_audit_support.country                ? 
_pdbx_audit_support.grant_number           ? 
_pdbx_audit_support.ordinal                1 
# 
_pdbx_initial_refinement_model.id               1 
_pdbx_initial_refinement_model.entity_id_list   ? 
_pdbx_initial_refinement_model.type             'experimental model' 
_pdbx_initial_refinement_model.source_name      PDB 
_pdbx_initial_refinement_model.accession_code   4OHY 
_pdbx_initial_refinement_model.details          ? 
# 
_atom_sites.entry_id                    8JCT 
_atom_sites.Cartn_transf_matrix[1][1]   ? 
_atom_sites.Cartn_transf_matrix[1][2]   ? 
_atom_sites.Cartn_transf_matrix[1][3]   ? 
_atom_sites.Cartn_transf_matrix[2][1]   ? 
_atom_sites.Cartn_transf_matrix[2][2]   ? 
_atom_sites.Cartn_transf_matrix[2][3]   ? 
_atom_sites.Cartn_transf_matrix[3][1]   ? 
_atom_sites.Cartn_transf_matrix[3][2]   ? 
_atom_sites.Cartn_transf_matrix[3][3]   ? 
_atom_sites.Cartn_transf_vector[1]      ? 
_atom_sites.Cartn_transf_vector[2]      ? 
_atom_sites.Cartn_transf_vector[3]      ? 
_atom_sites.fract_transf_matrix[1][1]   0.00764920 
_atom_sites.fract_transf_matrix[1][2]   -0.01025172 
_atom_sites.fract_transf_matrix[1][3]   0.01310657 
_atom_sites.fract_transf_matrix[2][1]   -0.01002069 
_atom_sites.fract_transf_matrix[2][2]   -0.00558452 
_atom_sites.fract_transf_matrix[2][3]   0.01427463 
_atom_sites.fract_transf_matrix[3][1]   -0.00116955 
_atom_sites.fract_transf_matrix[3][2]   -0.00384585 
_atom_sites.fract_transf_matrix[3][3]   -0.00232559 
_atom_sites.fract_transf_vector[1]      0.324643 
_atom_sites.fract_transf_vector[2]      0.035049 
_atom_sites.fract_transf_vector[3]      0.082648 
_atom_sites.solution_primary            ? 
_atom_sites.solution_secondary          ? 
_atom_sites.solution_hydrogens          ? 
_atom_sites.special_details             ? 
# 
loop_
_atom_type.symbol 
C 
N 
O 
S 
# 
loop_
_atom_site.group_PDB 
_atom_site.id 
_atom_site.type_symbol 
_atom_site.label_atom_id 
_atom_site.label_alt_id 
_atom_site.label_comp_id 
_atom_site.label_asym_id 
_atom_site.label_entity_id 
_atom_site.label_seq_id 
_atom_site.pdbx_PDB_ins_code 
_atom_site.Cartn_x 
_atom_site.Cartn_y 
_atom_site.Cartn_z 
_atom_site.occupancy 
_atom_site.B_iso_or_equiv 
_atom_site.pdbx_formal_charge 
_atom_site.auth_seq_id 
_atom_site.auth_comp_id 
_atom_site.auth_asym_id 
_atom_site.auth_atom_id 
_atom_site.pdbx_PDB_model_num 
ATOM   1    N N   . ALA A 1 5   ? -15.453 -0.503  11.391  1.00 58.35 ? 5   ALA A N   1 
ATOM   2    C CA  . ALA A 1 5   ? -16.279 -1.607  11.929  1.00 59.89 ? 5   ALA A CA  1 
ATOM   3    C C   . ALA A 1 5   ? -16.189 -2.839  11.019  1.00 64.99 ? 5   ALA A C   1 
ATOM   4    O O   . ALA A 1 5   ? -16.370 -3.956  11.494  1.00 72.07 ? 5   ALA A O   1 
ATOM   5    C CB  . ALA A 1 5   ? -17.702 -1.129  12.139  1.00 56.73 ? 5   ALA A CB  1 
ATOM   6    N N   . ILE A 1 6   ? -15.914 -2.661  9.717   1.00 63.42 ? 6   ILE A N   1 
ATOM   7    C CA  . ILE A 1 6   ? -15.673 -3.796  8.833   1.00 67.42 ? 6   ILE A CA  1 
ATOM   8    C C   . ILE A 1 6   ? -14.165 -3.930  8.644   1.00 62.46 ? 6   ILE A C   1 
ATOM   9    O O   . ILE A 1 6   ? -13.449 -2.934  8.660   1.00 57.78 ? 6   ILE A O   1 
ATOM   10   C CB  . ILE A 1 6   ? -16.422 -3.668  7.481   1.00 72.29 ? 6   ILE A CB  1 
ATOM   11   C CG1 . ILE A 1 6   ? -17.936 -3.825  7.643   1.00 74.08 ? 6   ILE A CG1 1 
ATOM   12   C CG2 . ILE A 1 6   ? -15.904 -4.651  6.436   1.00 71.91 ? 6   ILE A CG2 1 
ATOM   13   C CD1 . ILE A 1 6   ? -18.628 -2.615  8.231   1.00 78.34 ? 6   ILE A CD1 1 
ATOM   14   N N   . THR A 1 7   ? -13.708 -5.172  8.460   1.00 61.59 ? 7   THR A N   1 
ATOM   15   C CA  . THR A 1 7   ? -12.302 -5.451  8.217   1.00 63.98 ? 7   THR A CA  1 
ATOM   16   C C   . THR A 1 7   ? -11.934 -5.017  6.801   1.00 67.66 ? 7   THR A C   1 
ATOM   17   O O   . THR A 1 7   ? -12.519 -5.490  5.820   1.00 69.09 ? 7   THR A O   1 
ATOM   18   C CB  . THR A 1 7   ? -11.977 -6.928  8.481   1.00 59.80 ? 7   THR A CB  1 
ATOM   19   O OG1 . THR A 1 7   ? -12.135 -7.111  9.887   1.00 57.52 ? 7   THR A OG1 1 
ATOM   20   C CG2 . THR A 1 7   ? -10.577 -7.336  8.070   1.00 56.85 ? 7   THR A CG2 1 
ATOM   21   N N   . GLY A 1 8   ? -10.953 -4.107  6.726   1.00 66.21 ? 8   GLY A N   1 
ATOM   22   C CA  . GLY A 1 8   ? -10.429 -3.607  5.465   1.00 66.86 ? 8   GLY A CA  1 
ATOM   23   C C   . GLY A 1 8   ? -11.237 -2.429  4.929   1.00 63.72 ? 8   GLY A C   1 
ATOM   24   O O   . GLY A 1 8   ? -10.908 -1.884  3.876   1.00 59.16 ? 8   GLY A O   1 
ATOM   25   N N   . ASP A 1 9   ? -12.278 -2.047  5.682   1.00 62.65 ? 9   ASP A N   1 
ATOM   26   C CA  . ASP A 1 9   ? -13.244 -1.061  5.241   1.00 61.11 ? 9   ASP A CA  1 
ATOM   27   C C   . ASP A 1 9   ? -13.403 -0.013  6.346   1.00 53.25 ? 9   ASP A C   1 
ATOM   28   O O   . ASP A 1 9   ? -14.388 0.725   6.380   1.00 50.87 ? 9   ASP A O   1 
ATOM   29   C CB  . ASP A 1 9   ? -14.532 -1.785  4.830   1.00 64.54 ? 9   ASP A CB  1 
ATOM   30   C CG  . ASP A 1 9   ? -15.316 -1.089  3.731   1.00 72.45 ? 9   ASP A CG  1 
ATOM   31   O OD1 . ASP A 1 9   ? -14.672 -0.448  2.868   1.00 75.61 ? 9   ASP A OD1 1 
ATOM   32   O OD2 . ASP A 1 9   ? -16.559 -1.225  3.720   1.00 75.37 ? 9   ASP A OD2 1 
ATOM   33   N N   . GLU A 1 10  ? -12.387 0.085   7.213   1.00 45.89 ? 10  GLU A N   1 
ATOM   34   C CA  . GLU A 1 10  ? -12.494 0.841   8.448   1.00 44.57 ? 10  GLU A CA  1 
ATOM   35   C C   . GLU A 1 10  ? -12.446 2.343   8.172   1.00 39.52 ? 10  GLU A C   1 
ATOM   36   O O   . GLU A 1 10  ? -12.955 3.127   8.961   1.00 38.66 ? 10  GLU A O   1 
ATOM   37   C CB  . GLU A 1 10  ? -11.405 0.403   9.425   1.00 44.97 ? 10  GLU A CB  1 
ATOM   38   C CG  . GLU A 1 10  ? -11.542 -1.052  9.820   1.00 46.18 ? 10  GLU A CG  1 
ATOM   39   C CD  . GLU A 1 10  ? -10.345 -1.650  10.537  1.00 49.41 ? 10  GLU A CD  1 
ATOM   40   O OE1 . GLU A 1 10  ? -9.631  -2.449  9.898   1.00 52.58 ? 10  GLU A OE1 1 
ATOM   41   O OE2 . GLU A 1 10  ? -10.138 -1.337  11.730  1.00 50.09 ? 10  GLU A OE2 1 
ATOM   42   N N   . LEU A 1 11  ? -11.860 2.752   7.049   1.00 36.74 ? 11  LEU A N   1 
ATOM   43   C CA  . LEU A 1 11  ? -11.912 4.151   6.678   1.00 36.49 ? 11  LEU A CA  1 
ATOM   44   C C   . LEU A 1 11  ? -13.291 4.472   6.125   1.00 36.28 ? 11  LEU A C   1 
ATOM   45   O O   . LEU A 1 11  ? -13.867 5.506   6.451   1.00 39.11 ? 11  LEU A O   1 
ATOM   46   C CB  . LEU A 1 11  ? -10.818 4.466   5.658   1.00 38.36 ? 11  LEU A CB  1 
ATOM   47   C CG  . LEU A 1 11  ? -10.797 5.906   5.134   1.00 41.24 ? 11  LEU A CG  1 
ATOM   48   C CD1 . LEU A 1 11  ? -10.597 6.924   6.263   1.00 40.29 ? 11  LEU A CD1 1 
ATOM   49   C CD2 . LEU A 1 11  ? -9.725  6.068   4.063   1.00 41.31 ? 11  LEU A CD2 1 
ATOM   50   N N   . ARG A 1 12  ? -13.805 3.580   5.280   1.00 38.94 ? 12  ARG A N   1 
ATOM   51   C CA  . ARG A 1 12  ? -15.135 3.755   4.724   1.00 41.35 ? 12  ARG A CA  1 
ATOM   52   C C   . ARG A 1 12  ? -16.206 3.485   5.785   1.00 44.20 ? 12  ARG A C   1 
ATOM   53   O O   . ARG A 1 12  ? -17.157 4.252   5.888   1.00 42.96 ? 12  ARG A O   1 
ATOM   54   C CB  . ARG A 1 12  ? -15.271 2.926   3.445   1.00 42.07 ? 12  ARG A CB  1 
ATOM   55   C CG  . ARG A 1 12  ? -15.413 3.779   2.190   1.00 44.81 ? 12  ARG A CG  1 
ATOM   56   C CD  . ARG A 1 12  ? -14.516 3.436   1.015   1.00 43.39 ? 12  ARG A CD  1 
ATOM   57   N NE  . ARG A 1 12  ? -14.470 2.013   0.748   1.00 43.71 ? 12  ARG A NE  1 
ATOM   58   C CZ  . ARG A 1 12  ? -13.929 1.454   -0.329  1.00 45.26 ? 12  ARG A CZ  1 
ATOM   59   N NH1 . ARG A 1 12  ? -13.843 0.142   -0.404  1.00 51.67 ? 12  ARG A NH1 1 
ATOM   60   N NH2 . ARG A 1 12  ? -13.452 2.185   -1.320  1.00 43.19 ? 12  ARG A NH2 1 
ATOM   61   N N   . THR A 1 13  ? -16.055 2.445   6.613   1.00 48.71 ? 13  THR A N   1 
ATOM   62   C CA  . THR A 1 13  ? -17.163 2.018   7.458   1.00 53.39 ? 13  THR A CA  1 
ATOM   63   C C   . THR A 1 13  ? -16.826 2.084   8.941   1.00 52.58 ? 13  THR A C   1 
ATOM   64   O O   . THR A 1 13  ? -17.079 1.129   9.671   1.00 55.24 ? 13  THR A O   1 
ATOM   65   C CB  . THR A 1 13  ? -17.572 0.574   7.156   1.00 59.02 ? 13  THR A CB  1 
ATOM   66   O OG1 . THR A 1 13  ? -16.391 -0.211  7.306   1.00 63.35 ? 13  THR A OG1 1 
ATOM   67   C CG2 . THR A 1 13  ? -18.168 0.393   5.779   1.00 63.46 ? 13  THR A CG2 1 
ATOM   68   N N   . GLY A 1 14  ? -16.307 3.223   9.397   1.00 54.14 ? 14  GLY A N   1 
ATOM   69   C CA  . GLY A 1 14  ? -15.877 3.341   10.781  1.00 54.23 ? 14  GLY A CA  1 
ATOM   70   C C   . GLY A 1 14  ? -15.628 4.789   11.182  1.00 55.82 ? 14  GLY A C   1 
ATOM   71   O O   . GLY A 1 14  ? -15.826 5.697   10.372  1.00 58.99 ? 14  GLY A O   1 
ATOM   72   N N   . PRO A 1 15  ? -15.187 5.035   12.438  1.00 54.30 ? 15  PRO A N   1 
ATOM   73   C CA  . PRO A 1 15  ? -14.871 6.380   12.919  1.00 53.43 ? 15  PRO A CA  1 
ATOM   74   C C   . PRO A 1 15  ? -13.455 6.761   12.513  1.00 54.86 ? 15  PRO A C   1 
ATOM   75   O O   . PRO A 1 15  ? -12.708 5.916   12.019  1.00 53.22 ? 15  PRO A O   1 
ATOM   76   C CB  . PRO A 1 15  ? -14.957 6.200   14.435  1.00 54.10 ? 15  PRO A CB  1 
ATOM   77   C CG  . PRO A 1 15  ? -14.386 4.809   14.642  1.00 54.31 ? 15  PRO A CG  1 
ATOM   78   C CD  . PRO A 1 15  ? -14.907 4.012   13.458  1.00 54.77 ? 15  PRO A CD  1 
ATOM   79   N N   . CYS A 1 16  ? -13.084 8.025   12.739  1.00 58.39 ? 16  CYS A N   1 
ATOM   80   C CA  . CYS A 1 16  ? -11.733 8.465   12.432  1.00 58.63 ? 16  CYS A CA  1 
ATOM   81   C C   . CYS A 1 16  ? -10.778 7.926   13.485  1.00 59.77 ? 16  CYS A C   1 
ATOM   82   O O   . CYS A 1 16  ? -11.157 7.754   14.639  1.00 61.07 ? 16  CYS A O   1 
ATOM   83   C CB  . CYS A 1 16  ? -11.630 9.978   12.340  1.00 55.99 ? 16  CYS A CB  1 
ATOM   84   S SG  . CYS A 1 16  ? -12.283 10.620  10.777  1.00 64.75 ? 16  CYS A SG  1 
ATOM   85   N N   . GLU A 1 17  ? -9.550  7.640   13.057  1.00 63.65 ? 17  GLU A N   1 
ATOM   86   C CA  . GLU A 1 17  ? -8.565  7.028   13.930  1.00 68.86 ? 17  GLU A CA  1 
ATOM   87   C C   . GLU A 1 17  ? -7.266  7.816   13.791  1.00 64.81 ? 17  GLU A C   1 
ATOM   88   O O   . GLU A 1 17  ? -6.991  8.353   12.724  1.00 70.94 ? 17  GLU A O   1 
ATOM   89   C CB  . GLU A 1 17  ? -8.425  5.543   13.577  1.00 73.10 ? 17  GLU A CB  1 
ATOM   90   C CG  . GLU A 1 17  ? -8.321  4.626   14.788  1.00 79.07 ? 17  GLU A CG  1 
ATOM   91   C CD  . GLU A 1 17  ? -9.559  4.506   15.664  1.00 79.52 ? 17  GLU A CD  1 
ATOM   92   O OE1 . GLU A 1 17  ? -10.661 4.854   15.188  1.00 78.92 ? 17  GLU A OE1 1 
ATOM   93   O OE2 . GLU A 1 17  ? -9.407  4.093   16.838  1.00 80.59 ? 17  GLU A OE2 1 
ATOM   94   N N   . PRO A 1 18  ? -6.455  7.971   14.860  1.00 63.18 ? 18  PRO A N   1 
ATOM   95   C CA  . PRO A 1 18  ? -5.191  8.708   14.767  1.00 63.22 ? 18  PRO A CA  1 
ATOM   96   C C   . PRO A 1 18  ? -4.278  8.270   13.624  1.00 55.88 ? 18  PRO A C   1 
ATOM   97   O O   . PRO A 1 18  ? -3.483  9.062   13.133  1.00 53.64 ? 18  PRO A O   1 
ATOM   98   C CB  . PRO A 1 18  ? -4.490  8.402   16.095  1.00 65.47 ? 18  PRO A CB  1 
ATOM   99   C CG  . PRO A 1 18  ? -5.628  8.124   17.060  1.00 68.44 ? 18  PRO A CG  1 
ATOM   100  C CD  . PRO A 1 18  ? -6.737  7.512   16.226  1.00 65.63 ? 18  PRO A CD  1 
ATOM   101  N N   . ILE A 1 19  ? -4.397  6.998   13.236  1.00 53.88 ? 19  ILE A N   1 
ATOM   102  C CA  . ILE A 1 19  ? -3.549  6.391   12.225  1.00 52.90 ? 19  ILE A CA  1 
ATOM   103  C C   . ILE A 1 19  ? -4.432  5.629   11.242  1.00 53.99 ? 19  ILE A C   1 
ATOM   104  O O   . ILE A 1 19  ? -5.313  4.872   11.647  1.00 58.22 ? 19  ILE A O   1 
ATOM   105  C CB  . ILE A 1 19  ? -2.517  5.465   12.901  1.00 53.04 ? 19  ILE A CB  1 
ATOM   106  C CG1 . ILE A 1 19  ? -1.588  6.250   13.831  1.00 51.32 ? 19  ILE A CG1 1 
ATOM   107  C CG2 . ILE A 1 19  ? -1.744  4.646   11.874  1.00 52.78 ? 19  ILE A CG2 1 
ATOM   108  C CD1 . ILE A 1 19  ? -0.811  5.395   14.797  1.00 50.92 ? 19  ILE A CD1 1 
ATOM   109  N N   . THR A 1 20  ? -4.185  5.830   9.946   1.00 52.23 ? 20  THR A N   1 
ATOM   110  C CA  . THR A 1 20  ? -4.950  5.157   8.916   1.00 46.62 ? 20  THR A CA  1 
ATOM   111  C C   . THR A 1 20  ? -4.008  4.475   7.951   1.00 40.70 ? 20  THR A C   1 
ATOM   112  O O   . THR A 1 20  ? -3.196  5.141   7.323   1.00 39.59 ? 20  THR A O   1 
ATOM   113  C CB  . THR A 1 20  ? -5.785  6.129   8.086   1.00 50.60 ? 20  THR A CB  1 
ATOM   114  O OG1 . THR A 1 20  ? -6.630  6.837   8.995   1.00 52.47 ? 20  THR A OG1 1 
ATOM   115  C CG2 . THR A 1 20  ? -6.574  5.413   7.009   1.00 50.51 ? 20  THR A CG2 1 
ATOM   116  N N   . PHE A 1 21  ? -4.153  3.160   7.835   1.00 39.31 ? 21  PHE A N   1 
ATOM   117  C CA  . PHE A 1 21  ? -3.313  2.378   6.950   1.00 38.98 ? 21  PHE A CA  1 
ATOM   118  C C   . PHE A 1 21  ? -4.117  2.080   5.692   1.00 40.00 ? 21  PHE A C   1 
ATOM   119  O O   . PHE A 1 21  ? -5.284  1.712   5.788   1.00 40.31 ? 21  PHE A O   1 
ATOM   120  C CB  . PHE A 1 21  ? -2.809  1.132   7.682   1.00 37.64 ? 21  PHE A CB  1 
ATOM   121  C CG  . PHE A 1 21  ? -2.131  0.115   6.806   1.00 37.93 ? 21  PHE A CG  1 
ATOM   122  C CD1 . PHE A 1 21  ? -1.002  0.451   6.076   1.00 40.40 ? 21  PHE A CD1 1 
ATOM   123  C CD2 . PHE A 1 21  ? -2.627  -1.175  6.702   1.00 38.65 ? 21  PHE A CD2 1 
ATOM   124  C CE1 . PHE A 1 21  ? -0.382  -0.487  5.263   1.00 43.63 ? 21  PHE A CE1 1 
ATOM   125  C CE2 . PHE A 1 21  ? -2.011  -2.110  5.884   1.00 39.97 ? 21  PHE A CE2 1 
ATOM   126  C CZ  . PHE A 1 21  ? -0.887  -1.767  5.167   1.00 42.32 ? 21  PHE A CZ  1 
ATOM   127  N N   . ILE A 1 22  ? -3.493  2.272   4.521   1.00 40.62 ? 22  ILE A N   1 
ATOM   128  C CA  . ILE A 1 22  ? -4.164  2.038   3.251   1.00 39.83 ? 22  ILE A CA  1 
ATOM   129  C C   . ILE A 1 22  ? -3.353  1.028   2.444   1.00 40.36 ? 22  ILE A C   1 
ATOM   130  O O   . ILE A 1 22  ? -2.195  1.270   2.111   1.00 44.87 ? 22  ILE A O   1 
ATOM   131  C CB  . ILE A 1 22  ? -4.382  3.364   2.495   1.00 37.10 ? 22  ILE A CB  1 
ATOM   132  C CG1 . ILE A 1 22  ? -5.153  4.357   3.367   1.00 37.82 ? 22  ILE A CG1 1 
ATOM   133  C CG2 . ILE A 1 22  ? -5.071  3.125   1.165   1.00 35.88 ? 22  ILE A CG2 1 
ATOM   134  C CD1 . ILE A 1 22  ? -5.731  5.537   2.623   1.00 38.85 ? 22  ILE A CD1 1 
ATOM   135  N N   . PHE A 1 23  ? -3.981  -0.103  2.113   1.00 38.04 ? 23  PHE A N   1 
ATOM   136  C CA  . PHE A 1 23  ? -3.257  -1.194  1.487   1.00 33.78 ? 23  PHE A CA  1 
ATOM   137  C C   . PHE A 1 23  ? -3.898  -1.638  0.181   1.00 31.14 ? 23  PHE A C   1 
ATOM   138  O O   . PHE A 1 23  ? -5.113  -1.732  0.085   1.00 28.61 ? 23  PHE A O   1 
ATOM   139  C CB  . PHE A 1 23  ? -3.217  -2.406  2.405   1.00 32.58 ? 23  PHE A CB  1 
ATOM   140  C CG  . PHE A 1 23  ? -2.287  -3.470  1.903   1.00 32.26 ? 23  PHE A CG  1 
ATOM   141  C CD1 . PHE A 1 23  ? -0.918  -3.278  1.957   1.00 32.28 ? 23  PHE A CD1 1 
ATOM   142  C CD2 . PHE A 1 23  ? -2.781  -4.641  1.351   1.00 32.70 ? 23  PHE A CD2 1 
ATOM   143  C CE1 . PHE A 1 23  ? -0.054  -4.257  1.493   1.00 32.40 ? 23  PHE A CE1 1 
ATOM   144  C CE2 . PHE A 1 23  ? -1.915  -5.622  0.894   1.00 33.04 ? 23  PHE A CE2 1 
ATOM   145  C CZ  . PHE A 1 23  ? -0.556  -5.424  0.959   1.00 32.66 ? 23  PHE A CZ  1 
ATOM   146  N N   . ALA A 1 24  ? -3.042  -1.952  -0.792  1.00 32.93 ? 24  ALA A N   1 
ATOM   147  C CA  . ALA A 1 24  ? -3.455  -2.526  -2.061  1.00 35.58 ? 24  ALA A CA  1 
ATOM   148  C C   . ALA A 1 24  ? -2.787  -3.889  -2.264  1.00 37.75 ? 24  ALA A C   1 
ATOM   149  O O   . ALA A 1 24  ? -1.556  -4.005  -2.352  1.00 33.97 ? 24  ALA A O   1 
ATOM   150  C CB  . ALA A 1 24  ? -3.130  -1.574  -3.182  1.00 36.13 ? 24  ALA A CB  1 
ATOM   151  N N   . ARG A 1 25  ? -3.645  -4.915  -2.356  1.00 40.49 ? 25  ARG A N   1 
ATOM   152  C CA  . ARG A 1 25  ? -3.235  -6.311  -2.428  1.00 39.31 ? 25  ARG A CA  1 
ATOM   153  C C   . ARG A 1 25  ? -2.618  -6.615  -3.788  1.00 36.39 ? 25  ARG A C   1 
ATOM   154  O O   . ARG A 1 25  ? -2.737  -5.841  -4.729  1.00 35.92 ? 25  ARG A O   1 
ATOM   155  C CB  . ARG A 1 25  ? -4.431  -7.232  -2.153  1.00 38.04 ? 25  ARG A CB  1 
ATOM   156  C CG  . ARG A 1 25  ? -5.532  -7.167  -3.200  1.00 37.09 ? 25  ARG A CG  1 
ATOM   157  C CD  . ARG A 1 25  ? -6.877  -7.594  -2.641  1.00 36.87 ? 25  ARG A CD  1 
ATOM   158  N NE  . ARG A 1 25  ? -7.854  -7.742  -3.707  1.00 34.85 ? 25  ARG A NE  1 
ATOM   159  C CZ  . ARG A 1 25  ? -8.409  -6.738  -4.367  1.00 32.72 ? 25  ARG A CZ  1 
ATOM   160  N NH1 . ARG A 1 25  ? -8.410  -5.525  -3.854  1.00 31.96 ? 25  ARG A NH1 1 
ATOM   161  N NH2 . ARG A 1 25  ? -9.009  -6.967  -5.518  1.00 33.53 ? 25  ARG A NH2 1 
ATOM   162  N N   . GLY A 1 26  ? -1.950  -7.765  -3.860  1.00 36.07 ? 26  GLY A N   1 
ATOM   163  C CA  . GLY A 1 26  ? -1.352  -8.228  -5.096  1.00 35.95 ? 26  GLY A CA  1 
ATOM   164  C C   . GLY A 1 26  ? -2.376  -8.959  -5.946  1.00 35.98 ? 26  GLY A C   1 
ATOM   165  O O   . GLY A 1 26  ? -3.492  -9.195  -5.499  1.00 33.46 ? 26  GLY A O   1 
ATOM   166  N N   . SER A 1 27  ? -1.957  -9.326  -7.159  1.00 40.44 ? 27  SER A N   1 
ATOM   167  C CA  . SER A 1 27  ? -2.866  -9.857  -8.162  1.00 42.38 ? 27  SER A CA  1 
ATOM   168  C C   . SER A 1 27  ? -3.593  -11.086 -7.620  1.00 42.30 ? 27  SER A C   1 
ATOM   169  O O   . SER A 1 27  ? -2.976  -11.958 -7.023  1.00 40.86 ? 27  SER A O   1 
ATOM   170  C CB  . SER A 1 27  ? -2.124  -10.164 -9.439  1.00 42.80 ? 27  SER A CB  1 
ATOM   171  O OG  . SER A 1 27  ? -1.380  -9.031  -9.874  1.00 45.28 ? 27  SER A OG  1 
ATOM   172  N N   . THR A 1 28  ? -4.920  -11.116 -7.787  1.00 48.09 ? 28  THR A N   1 
ATOM   173  C CA  . THR A 1 28  ? -5.747  -12.306 -7.595  1.00 51.76 ? 28  THR A CA  1 
ATOM   174  C C   . THR A 1 28  ? -5.979  -12.612 -6.119  1.00 49.89 ? 28  THR A C   1 
ATOM   175  O O   . THR A 1 28  ? -6.609  -13.618 -5.809  1.00 47.17 ? 28  THR A O   1 
ATOM   176  C CB  . THR A 1 28  ? -5.167  -13.580 -8.234  1.00 51.10 ? 28  THR A CB  1 
ATOM   177  O OG1 . THR A 1 28  ? -3.995  -13.965 -7.516  1.00 44.59 ? 28  THR A OG1 1 
ATOM   178  C CG2 . THR A 1 28  ? -4.838  -13.433 -9.704  1.00 54.52 ? 28  THR A CG2 1 
ATOM   179  N N   . GLU A 1 29  ? -5.462  -11.767 -5.221  1.00 49.91 ? 29  GLU A N   1 
ATOM   180  C CA  . GLU A 1 29  ? -5.746  -11.915 -3.807  1.00 49.44 ? 29  GLU A CA  1 
ATOM   181  C C   . GLU A 1 29  ? -7.216  -11.579 -3.602  1.00 52.48 ? 29  GLU A C   1 
ATOM   182  O O   . GLU A 1 29  ? -7.733  -10.670 -4.248  1.00 53.65 ? 29  GLU A O   1 
ATOM   183  C CB  . GLU A 1 29  ? -4.830  -11.017 -2.974  1.00 52.41 ? 29  GLU A CB  1 
ATOM   184  C CG  . GLU A 1 29  ? -3.386  -11.493 -2.928  1.00 56.17 ? 29  GLU A CG  1 
ATOM   185  C CD  . GLU A 1 29  ? -2.607  -11.013 -1.715  1.00 59.58 ? 29  GLU A CD  1 
ATOM   186  O OE1 . GLU A 1 29  ? -2.188  -9.841  -1.722  1.00 57.34 ? 29  GLU A OE1 1 
ATOM   187  O OE2 . GLU A 1 29  ? -2.457  -11.801 -0.744  1.00 63.08 ? 29  GLU A OE2 1 
ATOM   188  N N   . PRO A 1 30  ? -7.940  -12.311 -2.725  1.00 55.99 ? 30  PRO A N   1 
ATOM   189  C CA  . PRO A 1 30  ? -9.352  -12.025 -2.475  1.00 52.00 ? 30  PRO A CA  1 
ATOM   190  C C   . PRO A 1 30  ? -9.453  -10.858 -1.501  1.00 45.67 ? 30  PRO A C   1 
ATOM   191  O O   . PRO A 1 30  ? -8.479  -10.520 -0.839  1.00 40.86 ? 30  PRO A O   1 
ATOM   192  C CB  . PRO A 1 30  ? -9.838  -13.340 -1.859  1.00 55.33 ? 30  PRO A CB  1 
ATOM   193  C CG  . PRO A 1 30  ? -8.638  -13.809 -1.046  1.00 56.64 ? 30  PRO A CG  1 
ATOM   194  C CD  . PRO A 1 30  ? -7.430  -13.396 -1.868  1.00 57.71 ? 30  PRO A CD  1 
ATOM   195  N N   . GLY A 1 31  ? -10.628 -10.233 -1.434  1.00 46.59 ? 31  GLY A N   1 
ATOM   196  C CA  . GLY A 1 31  ? -10.894 -9.203  -0.440  1.00 46.62 ? 31  GLY A CA  1 
ATOM   197  C C   . GLY A 1 31  ? -10.265 -7.850  -0.772  1.00 44.27 ? 31  GLY A C   1 
ATOM   198  O O   . GLY A 1 31  ? -9.947  -7.561  -1.926  1.00 40.99 ? 31  GLY A O   1 
ATOM   199  N N   . LEU A 1 32  ? -10.115 -7.025  0.273   1.00 43.96 ? 32  LEU A N   1 
ATOM   200  C CA  . LEU A 1 32  ? -9.539  -5.694  0.155   1.00 43.67 ? 32  LEU A CA  1 
ATOM   201  C C   . LEU A 1 32  ? -8.062  -5.726  0.539   1.00 41.21 ? 32  LEU A C   1 
ATOM   202  O O   . LEU A 1 32  ? -7.266  -5.067  -0.131  1.00 36.88 ? 32  LEU A O   1 
ATOM   203  C CB  . LEU A 1 32  ? -10.308 -4.730  1.064   1.00 46.65 ? 32  LEU A CB  1 
ATOM   204  C CG  . LEU A 1 32  ? -11.772 -4.458  0.706   1.00 44.90 ? 32  LEU A CG  1 
ATOM   205  C CD1 . LEU A 1 32  ? -12.527 -3.878  1.892   1.00 41.98 ? 32  LEU A CD1 1 
ATOM   206  C CD2 . LEU A 1 32  ? -11.875 -3.509  -0.478  1.00 45.93 ? 32  LEU A CD2 1 
ATOM   207  N N   . LEU A 1 33  ? -7.713  -6.465  1.592   1.00 40.47 ? 33  LEU A N   1 
ATOM   208  C CA  . LEU A 1 33  ? -6.324  -6.467  2.119   1.00 40.28 ? 33  LEU A CA  1 
ATOM   209  C C   . LEU A 1 33  ? -5.602  -7.733  1.681   1.00 42.65 ? 33  LEU A C   1 
ATOM   210  O O   . LEU A 1 33  ? -4.375  -7.791  1.798   1.00 43.36 ? 33  LEU A O   1 
ATOM   211  C CB  . LEU A 1 33  ? -6.395  -6.400  3.643   1.00 39.21 ? 33  LEU A CB  1 
ATOM   212  C CG  . LEU A 1 33  ? -6.945  -5.098  4.219   1.00 42.35 ? 33  LEU A CG  1 
ATOM   213  C CD1 . LEU A 1 33  ? -7.085  -5.197  5.728   1.00 41.84 ? 33  LEU A CD1 1 
ATOM   214  C CD2 . LEU A 1 33  ? -6.055  -3.927  3.848   1.00 43.71 ? 33  LEU A CD2 1 
ATOM   215  N N   . GLY A 1 34  ? -6.355  -8.705  1.194   1.00 46.72 ? 34  GLY A N   1 
ATOM   216  C CA  . GLY A 1 34  ? -5.746  -9.978  0.795   1.00 51.22 ? 34  GLY A CA  1 
ATOM   217  C C   . GLY A 1 34  ? -5.516  -10.864 1.995   1.00 55.86 ? 34  GLY A C   1 
ATOM   218  O O   . GLY A 1 34  ? -6.272  -10.746 2.966   1.00 55.42 ? 34  GLY A O   1 
ATOM   219  N N   . ILE A 1 35  ? -4.507  -11.725 1.924   1.00 66.33 ? 35  ILE A N   1 
ATOM   220  C CA  . ILE A 1 35  ? -4.249  -12.692 3.023   1.00 70.60 ? 35  ILE A CA  1 
ATOM   221  C C   . ILE A 1 35  ? -2.745  -12.742 3.260   1.00 64.01 ? 35  ILE A C   1 
ATOM   222  O O   . ILE A 1 35  ? -2.317  -13.476 4.158   1.00 63.61 ? 35  ILE A O   1 
ATOM   223  C CB  . ILE A 1 35  ? -4.801  -14.079 2.640   1.00 77.82 ? 35  ILE A CB  1 
ATOM   224  C CG1 . ILE A 1 35  ? -4.900  -14.253 1.122   1.00 77.94 ? 35  ILE A CG1 1 
ATOM   225  C CG2 . ILE A 1 35  ? -6.135  -14.333 3.320   1.00 75.18 ? 35  ILE A CG2 1 
ATOM   226  C CD1 . ILE A 1 35  ? -3.582  -14.563 0.451   1.00 76.36 ? 35  ILE A CD1 1 
ATOM   227  N N   . THR A 1 36  ? -1.984  -11.970 2.496   1.00 61.30 ? 36  THR A N   1 
ATOM   228  C CA  . THR A 1 36  ? -0.509  -12.073 2.600   1.00 63.50 ? 36  THR A CA  1 
ATOM   229  C C   . THR A 1 36  ? 0.065   -11.037 3.566   1.00 61.31 ? 36  THR A C   1 
ATOM   230  O O   . THR A 1 36  ? 0.151   -11.347 4.758   1.00 66.49 ? 36  THR A O   1 
ATOM   231  C CB  . THR A 1 36  ? 0.146   -11.926 1.224   1.00 63.94 ? 36  THR A CB  1 
ATOM   232  O OG1 . THR A 1 36  ? -0.498  -10.847 0.549   1.00 66.79 ? 36  THR A OG1 1 
ATOM   233  C CG2 . THR A 1 36  ? 0.063   -13.185 0.392   1.00 64.41 ? 36  THR A CG2 1 
ATOM   234  N N   . THR A 1 37  ? 0.417   -9.853  3.074   1.00 58.21 ? 37  THR A N   1 
ATOM   235  C CA  . THR A 1 37  ? 1.142   -8.864  3.915   1.00 55.56 ? 37  THR A CA  1 
ATOM   236  C C   . THR A 1 37  ? 0.196   -7.916  4.655   1.00 55.00 ? 37  THR A C   1 
ATOM   237  O O   . THR A 1 37  ? 0.345   -7.796  5.875   1.00 59.78 ? 37  THR A O   1 
ATOM   238  C CB  . THR A 1 37  ? 2.151   -8.115  3.037   1.00 55.31 ? 37  THR A CB  1 
ATOM   239  O OG1 . THR A 1 37  ? 1.789   -8.297  1.670   1.00 52.78 ? 37  THR A OG1 1 
ATOM   240  C CG2 . THR A 1 37  ? 3.569   -8.596  3.239   1.00 58.71 ? 37  THR A CG2 1 
ATOM   241  N N   . GLY A 1 38  ? -0.719  -7.260  3.950   1.00 52.43 ? 38  GLY A N   1 
ATOM   242  C CA  . GLY A 1 38  ? -1.602  -6.262  4.579   1.00 51.01 ? 38  GLY A CA  1 
ATOM   243  C C   . GLY A 1 38  ? -2.322  -6.814  5.782   1.00 49.06 ? 38  GLY A C   1 
ATOM   244  O O   . GLY A 1 38  ? -2.300  -6.158  6.826   1.00 43.64 ? 38  GLY A O   1 
ATOM   245  N N   . PRO A 1 39  ? -2.970  -7.989  5.688   1.00 53.05 ? 39  PRO A N   1 
ATOM   246  C CA  . PRO A 1 39  ? -3.580  -8.603  6.865   1.00 50.37 ? 39  PRO A CA  1 
ATOM   247  C C   . PRO A 1 39  ? -2.615  -8.490  8.039   1.00 50.84 ? 39  PRO A C   1 
ATOM   248  O O   . PRO A 1 39  ? -2.939  -7.845  9.042   1.00 47.87 ? 39  PRO A O   1 
ATOM   249  C CB  . PRO A 1 39  ? -3.811  -10.051 6.418   1.00 49.70 ? 39  PRO A CB  1 
ATOM   250  C CG  . PRO A 1 39  ? -4.040  -9.930  4.941   1.00 51.77 ? 39  PRO A CG  1 
ATOM   251  C CD  . PRO A 1 39  ? -3.107  -8.829  4.487   1.00 54.40 ? 39  PRO A CD  1 
ATOM   252  N N   . GLY A 1 40  ? -1.413  -9.067  7.853   1.00 48.22 ? 40  GLY A N   1 
ATOM   253  C CA  . GLY A 1 40  ? -0.341  -8.970  8.830   1.00 50.89 ? 40  GLY A CA  1 
ATOM   254  C C   . GLY A 1 40  ? -0.098  -7.529  9.281   1.00 52.04 ? 40  GLY A C   1 
ATOM   255  O O   . GLY A 1 40  ? -0.411  -7.156  10.416  1.00 55.16 ? 40  GLY A O   1 
ATOM   256  N N   . VAL A 1 41  ? 0.413   -6.712  8.356   1.00 47.69 ? 41  VAL A N   1 
ATOM   257  C CA  . VAL A 1 41  ? 0.825   -5.357  8.677   1.00 47.09 ? 41  VAL A CA  1 
ATOM   258  C C   . VAL A 1 41  ? -0.283  -4.647  9.436   1.00 47.24 ? 41  VAL A C   1 
ATOM   259  O O   . VAL A 1 41  ? -0.007  -3.859  10.332  1.00 42.85 ? 41  VAL A O   1 
ATOM   260  C CB  . VAL A 1 41  ? 1.187   -4.553  7.418   1.00 47.41 ? 41  VAL A CB  1 
ATOM   261  C CG1 . VAL A 1 41  ? 1.635   -3.145  7.791   1.00 46.18 ? 41  VAL A CG1 1 
ATOM   262  C CG2 . VAL A 1 41  ? 2.239   -5.255  6.571   1.00 46.55 ? 41  VAL A CG2 1 
ATOM   263  N N   . CYS A 1 42  ? -1.527  -4.897  9.024   1.00 56.05 ? 42  CYS A N   1 
ATOM   264  C CA  . CYS A 1 42  ? -2.682  -4.319  9.685   1.00 63.93 ? 42  CYS A CA  1 
ATOM   265  C C   . CYS A 1 42  ? -2.679  -4.710  11.161  1.00 65.63 ? 42  CYS A C   1 
ATOM   266  O O   . CYS A 1 42  ? -2.446  -3.867  12.019  1.00 69.78 ? 42  CYS A O   1 
ATOM   267  C CB  . CYS A 1 42  ? -3.979  -4.746  9.008   1.00 69.24 ? 42  CYS A CB  1 
ATOM   268  S SG  . CYS A 1 42  ? -5.467  -4.166  9.867   1.00 80.21 ? 42  CYS A SG  1 
ATOM   269  N N   . ASN A 1 43  ? -2.901  -5.992  11.458  1.00 63.98 ? 43  ASN A N   1 
ATOM   270  C CA  . ASN A 1 43  ? -3.030  -6.418  12.847  1.00 67.55 ? 43  ASN A CA  1 
ATOM   271  C C   . ASN A 1 43  ? -1.802  -5.981  13.632  1.00 57.47 ? 43  ASN A C   1 
ATOM   272  O O   . ASN A 1 43  ? -1.922  -5.497  14.756  1.00 49.66 ? 43  ASN A O   1 
ATOM   273  C CB  . ASN A 1 43  ? -3.249  -7.926  12.964  1.00 66.63 ? 43  ASN A CB  1 
ATOM   274  C CG  . ASN A 1 43  ? -4.469  -8.321  12.169  1.00 66.66 ? 43  ASN A CG  1 
ATOM   275  O OD1 . ASN A 1 43  ? -5.484  -7.624  12.221  1.00 61.12 ? 43  ASN A OD1 1 
ATOM   276  N ND2 . ASN A 1 43  ? -4.348  -9.365  11.368  1.00 68.69 ? 43  ASN A ND2 1 
ATOM   277  N N   . ALA A 1 44  ? -0.645  -6.140  12.985  1.00 53.22 ? 44  ALA A N   1 
ATOM   278  C CA  . ALA A 1 44  ? 0.640   -5.785  13.556  1.00 53.38 ? 44  ALA A CA  1 
ATOM   279  C C   . ALA A 1 44  ? 0.662   -4.324  13.996  1.00 47.46 ? 44  ALA A C   1 
ATOM   280  O O   . ALA A 1 44  ? 1.250   -4.012  15.025  1.00 49.65 ? 44  ALA A O   1 
ATOM   281  C CB  . ALA A 1 44  ? 1.731   -6.071  12.554  1.00 52.65 ? 44  ALA A CB  1 
ATOM   282  N N   . LEU A 1 45  ? 0.040   -3.449  13.202  1.00 44.40 ? 45  LEU A N   1 
ATOM   283  C CA  . LEU A 1 45  ? 0.026   -2.022  13.475  1.00 47.36 ? 45  LEU A CA  1 
ATOM   284  C C   . LEU A 1 45  ? -0.904  -1.712  14.641  1.00 47.96 ? 45  LEU A C   1 
ATOM   285  O O   . LEU A 1 45  ? -0.607  -0.837  15.451  1.00 46.35 ? 45  LEU A O   1 
ATOM   286  C CB  . LEU A 1 45  ? -0.416  -1.263  12.220  1.00 49.84 ? 45  LEU A CB  1 
ATOM   287  C CG  . LEU A 1 45  ? 0.693   -0.990  11.205  1.00 52.65 ? 45  LEU A CG  1 
ATOM   288  C CD1 . LEU A 1 45  ? 0.117   -0.673  9.833   1.00 54.30 ? 45  LEU A CD1 1 
ATOM   289  C CD2 . LEU A 1 45  ? 1.589   0.148   11.685  1.00 52.36 ? 45  LEU A CD2 1 
ATOM   290  N N   . LYS A 1 46  ? -2.026  -2.437  14.704  1.00 53.58 ? 46  LYS A N   1 
ATOM   291  C CA  . LYS A 1 46  ? -3.054  -2.198  15.705  1.00 54.21 ? 46  LYS A CA  1 
ATOM   292  C C   . LYS A 1 46  ? -2.520  -2.643  17.065  1.00 55.39 ? 46  LYS A C   1 
ATOM   293  O O   . LYS A 1 46  ? -2.788  -1.995  18.081  1.00 53.33 ? 46  LYS A O   1 
ATOM   294  C CB  . LYS A 1 46  ? -4.341  -2.933  15.319  1.00 55.37 ? 46  LYS A CB  1 
ATOM   295  C CG  . LYS A 1 46  ? -4.812  -2.716  13.887  1.00 57.03 ? 46  LYS A CG  1 
ATOM   296  C CD  . LYS A 1 46  ? -5.966  -3.599  13.480  1.00 57.43 ? 46  LYS A CD  1 
ATOM   297  C CE  . LYS A 1 46  ? -7.306  -3.026  13.886  1.00 57.97 ? 46  LYS A CE  1 
ATOM   298  N NZ  . LYS A 1 46  ? -7.786  -2.008  12.925  1.00 56.25 ? 46  LYS A NZ  1 
ATOM   299  N N   . LEU A 1 47  ? -1.757  -3.751  17.041  1.00 56.53 ? 47  LEU A N   1 
ATOM   300  C CA  . LEU A 1 47  ? -1.177  -4.360  18.227  1.00 57.26 ? 47  LEU A CA  1 
ATOM   301  C C   . LEU A 1 47  ? -0.154  -3.421  18.834  1.00 58.32 ? 47  LEU A C   1 
ATOM   302  O O   . LEU A 1 47  ? -0.183  -3.138  20.027  1.00 61.68 ? 47  LEU A O   1 
ATOM   303  C CB  . LEU A 1 47  ? -0.520  -5.691  17.850  1.00 55.55 ? 47  LEU A CB  1 
ATOM   304  C CG  . LEU A 1 47  ? -1.499  -6.859  17.800  1.00 60.79 ? 47  LEU A CG  1 
ATOM   305  C CD1 . LEU A 1 47  ? -0.847  -8.124  17.270  1.00 58.80 ? 47  LEU A CD1 1 
ATOM   306  C CD2 . LEU A 1 47  ? -2.093  -7.101  19.179  1.00 64.52 ? 47  LEU A CD2 1 
ATOM   307  N N   . SER A 1 48  ? 0.741   -2.944  17.976  1.00 61.90 ? 48  SER A N   1 
ATOM   308  C CA  . SER A 1 48  ? 1.858   -2.133  18.417  1.00 63.83 ? 48  SER A CA  1 
ATOM   309  C C   . SER A 1 48  ? 1.369   -0.744  18.818  1.00 57.94 ? 48  SER A C   1 
ATOM   310  O O   . SER A 1 48  ? 2.037   -0.071  19.589  1.00 56.37 ? 48  SER A O   1 
ATOM   311  C CB  . SER A 1 48  ? 2.921   -2.097  17.348  1.00 67.85 ? 48  SER A CB  1 
ATOM   312  O OG  . SER A 1 48  ? 3.178   -3.409  16.841  1.00 67.85 ? 48  SER A OG  1 
ATOM   313  N N   . ARG A 1 49  ? 0.205   -0.332  18.296  1.00 63.01 ? 49  ARG A N   1 
ATOM   314  C CA  . ARG A 1 49  ? -0.392  0.956   18.623  1.00 72.50 ? 49  ARG A CA  1 
ATOM   315  C C   . ARG A 1 49  ? -1.886  0.776   18.877  1.00 72.50 ? 49  ARG A C   1 
ATOM   316  O O   . ARG A 1 49  ? -2.718  1.262   18.109  1.00 63.37 ? 49  ARG A O   1 
ATOM   317  C CB  . ARG A 1 49  ? -0.205  1.984   17.501  1.00 77.03 ? 49  ARG A CB  1 
ATOM   318  C CG  . ARG A 1 49  ? 1.237   2.394   17.243  1.00 80.48 ? 49  ARG A CG  1 
ATOM   319  C CD  . ARG A 1 49  ? 1.924   3.041   18.431  1.00 82.35 ? 49  ARG A CD  1 
ATOM   320  N NE  . ARG A 1 49  ? 3.223   3.576   18.043  1.00 86.59 ? 49  ARG A NE  1 
ATOM   321  C CZ  . ARG A 1 49  ? 3.408   4.661   17.289  1.00 89.34 ? 49  ARG A CZ  1 
ATOM   322  N NH1 . ARG A 1 49  ? 4.621   4.949   16.845  1.00 94.93 ? 49  ARG A NH1 1 
ATOM   323  N NH2 . ARG A 1 49  ? 2.383   5.433   16.955  1.00 76.74 ? 49  ARG A NH2 1 
ATOM   324  N N   . PRO A 1 50  ? -2.261  0.105   19.988  1.00 74.39 ? 50  PRO A N   1 
ATOM   325  C CA  . PRO A 1 50  ? -3.666  -0.118  20.316  1.00 72.04 ? 50  PRO A CA  1 
ATOM   326  C C   . PRO A 1 50  ? -4.445  1.192   20.366  1.00 65.48 ? 50  PRO A C   1 
ATOM   327  O O   . PRO A 1 50  ? -3.951  2.197   20.876  1.00 54.91 ? 50  PRO A O   1 
ATOM   328  C CB  . PRO A 1 50  ? -3.634  -0.798  21.696  1.00 74.62 ? 50  PRO A CB  1 
ATOM   329  C CG  . PRO A 1 50  ? -2.244  -0.505  22.237  1.00 75.65 ? 50  PRO A CG  1 
ATOM   330  C CD  . PRO A 1 50  ? -1.351  -0.425  21.017  1.00 73.78 ? 50  PRO A CD  1 
ATOM   331  N N   . GLY A 1 51  ? -5.648  1.153   19.781  1.00 66.99 ? 51  GLY A N   1 
ATOM   332  C CA  . GLY A 1 51  ? -6.649  2.198   19.928  1.00 69.61 ? 51  GLY A CA  1 
ATOM   333  C C   . GLY A 1 51  ? -6.515  3.320   18.902  1.00 68.55 ? 51  GLY A C   1 
ATOM   334  O O   . GLY A 1 51  ? -7.195  4.342   19.015  1.00 63.91 ? 51  GLY A O   1 
ATOM   335  N N   . GLN A 1 52  ? -5.667  3.101   17.886  1.00 70.34 ? 52  GLN A N   1 
ATOM   336  C CA  . GLN A 1 52  ? -5.159  4.194   17.071  1.00 67.88 ? 52  GLN A CA  1 
ATOM   337  C C   . GLN A 1 52  ? -5.256  3.928   15.567  1.00 58.23 ? 52  GLN A C   1 
ATOM   338  O O   . GLN A 1 52  ? -5.312  4.877   14.785  1.00 54.08 ? 52  GLN A O   1 
ATOM   339  C CB  . GLN A 1 52  ? -3.710  4.476   17.469  1.00 68.25 ? 52  GLN A CB  1 
ATOM   340  C CG  . GLN A 1 52  ? -3.557  4.940   18.910  1.00 66.16 ? 52  GLN A CG  1 
ATOM   341  C CD  . GLN A 1 52  ? -2.103  4.948   19.306  1.00 65.14 ? 52  GLN A CD  1 
ATOM   342  O OE1 . GLN A 1 52  ? -1.618  4.034   19.969  1.00 68.70 ? 52  GLN A OE1 1 
ATOM   343  N NE2 . GLN A 1 52  ? -1.387  5.960   18.847  1.00 62.99 ? 52  GLN A NE2 1 
ATOM   344  N N   . VAL A 1 53  ? -5.291  2.659   15.152  1.00 53.06 ? 53  VAL A N   1 
ATOM   345  C CA  . VAL A 1 53  ? -5.088  2.336   13.753  1.00 52.16 ? 53  VAL A CA  1 
ATOM   346  C C   . VAL A 1 53  ? -6.380  1.812   13.144  1.00 52.29 ? 53  VAL A C   1 
ATOM   347  O O   . VAL A 1 53  ? -7.015  0.937   13.720  1.00 52.72 ? 53  VAL A O   1 
ATOM   348  C CB  . VAL A 1 53  ? -3.959  1.311   13.573  1.00 51.75 ? 53  VAL A CB  1 
ATOM   349  C CG1 . VAL A 1 53  ? -3.819  0.886   12.118  1.00 50.42 ? 53  VAL A CG1 1 
ATOM   350  C CG2 . VAL A 1 53  ? -2.645  1.844   14.123  1.00 51.61 ? 53  VAL A CG2 1 
ATOM   351  N N   . ALA A 1 54  ? -6.710  2.345   11.959  1.00 52.72 ? 54  ALA A N   1 
ATOM   352  C CA  . ALA A 1 54  ? -7.782  1.836   11.121  1.00 53.32 ? 54  ALA A CA  1 
ATOM   353  C C   . ALA A 1 54  ? -7.226  1.433   9.755   1.00 50.94 ? 54  ALA A C   1 
ATOM   354  O O   . ALA A 1 54  ? -6.634  2.251   9.065   1.00 58.29 ? 54  ALA A O   1 
ATOM   355  C CB  . ALA A 1 54  ? -8.844  2.892   10.989  1.00 53.44 ? 54  ALA A CB  1 
ATOM   356  N N   . CYS A 1 55  ? -7.420  0.168   9.368   1.00 48.55 ? 55  CYS A N   1 
ATOM   357  C CA  . CYS A 1 55  ? -6.936  -0.335  8.092   1.00 50.51 ? 55  CYS A CA  1 
ATOM   358  C C   . CYS A 1 55  ? -8.028  -0.198  7.036   1.00 44.38 ? 55  CYS A C   1 
ATOM   359  O O   . CYS A 1 55  ? -9.188  -0.479  7.314   1.00 44.85 ? 55  CYS A O   1 
ATOM   360  C CB  . CYS A 1 55  ? -6.514  -1.796  8.201   1.00 57.34 ? 55  CYS A CB  1 
ATOM   361  S SG  . CYS A 1 55  ? -5.458  -2.127  9.639   1.00 71.06 ? 55  CYS A SG  1 
ATOM   362  N N   . GLN A 1 56  ? -7.645  0.246   5.834   1.00 40.26 ? 56  GLN A N   1 
ATOM   363  C CA  . GLN A 1 56  ? -8.562  0.342   4.708   1.00 37.01 ? 56  GLN A CA  1 
ATOM   364  C C   . GLN A 1 56  ? -7.905  -0.298  3.491   1.00 37.02 ? 56  GLN A C   1 
ATOM   365  O O   . GLN A 1 56  ? -6.848  0.154   3.052   1.00 36.30 ? 56  GLN A O   1 
ATOM   366  C CB  . GLN A 1 56  ? -8.955  1.793   4.414   1.00 32.60 ? 56  GLN A CB  1 
ATOM   367  C CG  . GLN A 1 56  ? -9.834  1.971   3.174   1.00 31.27 ? 56  GLN A CG  1 
ATOM   368  C CD  . GLN A 1 56  ? -11.231 1.395   3.277   1.00 29.70 ? 56  GLN A CD  1 
ATOM   369  O OE1 . GLN A 1 56  ? -12.082 1.867   4.025   1.00 28.76 ? 56  GLN A OE1 1 
ATOM   370  N NE2 . GLN A 1 56  ? -11.508 0.378   2.482   1.00 30.42 ? 56  GLN A NE2 1 
ATOM   371  N N   . GLY A 1 57  ? -8.529  -1.369  2.985   1.00 36.50 ? 57  GLY A N   1 
ATOM   372  C CA  . GLY A 1 57  ? -8.086  -1.999  1.756   1.00 36.28 ? 57  GLY A CA  1 
ATOM   373  C C   . GLY A 1 57  ? -8.531  -1.176  0.556   1.00 36.86 ? 57  GLY A C   1 
ATOM   374  O O   . GLY A 1 57  ? -9.368  -0.287  0.697   1.00 36.03 ? 57  GLY A O   1 
ATOM   375  N N   . VAL A 1 58  ? -7.936  -1.460  -0.606  1.00 37.93 ? 58  VAL A N   1 
ATOM   376  C CA  . VAL A 1 58  ? -8.239  -0.739  -1.829  1.00 38.49 ? 58  VAL A CA  1 
ATOM   377  C C   . VAL A 1 58  ? -9.052  -1.651  -2.743  1.00 39.83 ? 58  VAL A C   1 
ATOM   378  O O   . VAL A 1 58  ? -8.519  -2.597  -3.317  1.00 39.47 ? 58  VAL A O   1 
ATOM   379  C CB  . VAL A 1 58  ? -6.951  -0.255  -2.511  1.00 39.90 ? 58  VAL A CB  1 
ATOM   380  C CG1 . VAL A 1 58  ? -7.214  0.392   -3.872  1.00 42.61 ? 58  VAL A CG1 1 
ATOM   381  C CG2 . VAL A 1 58  ? -6.195  0.691   -1.602  1.00 38.99 ? 58  VAL A CG2 1 
ATOM   382  N N   . GLY A 1 59  ? -10.342 -1.331  -2.872  1.00 41.13 ? 59  GLY A N   1 
ATOM   383  C CA  . GLY A 1 59  ? -11.287 -2.164  -3.597  1.00 42.39 ? 59  GLY A CA  1 
ATOM   384  C C   . GLY A 1 59  ? -12.720 -1.689  -3.370  1.00 40.66 ? 59  GLY A C   1 
ATOM   385  O O   . GLY A 1 59  ? -12.945 -0.744  -2.618  1.00 42.02 ? 59  GLY A O   1 
ATOM   386  N N   . PRO A 1 60  ? -13.736 -2.308  -4.010  1.00 37.87 ? 60  PRO A N   1 
ATOM   387  C CA  . PRO A 1 60  ? -13.541 -3.461  -4.894  1.00 37.47 ? 60  PRO A CA  1 
ATOM   388  C C   . PRO A 1 60  ? -13.219 -3.110  -6.343  1.00 37.99 ? 60  PRO A C   1 
ATOM   389  O O   . PRO A 1 60  ? -13.128 -3.991  -7.192  1.00 39.60 ? 60  PRO A O   1 
ATOM   390  C CB  . PRO A 1 60  ? -14.921 -4.116  -4.841  1.00 37.21 ? 60  PRO A CB  1 
ATOM   391  C CG  . PRO A 1 60  ? -15.857 -2.925  -4.780  1.00 38.89 ? 60  PRO A CG  1 
ATOM   392  C CD  . PRO A 1 60  ? -15.149 -1.925  -3.888  1.00 37.77 ? 60  PRO A CD  1 
ATOM   393  N N   . ALA A 1 61  ? -13.062 -1.814  -6.615  1.00 38.50 ? 61  ALA A N   1 
ATOM   394  C CA  . ALA A 1 61  ? -12.766 -1.351  -7.958  1.00 40.83 ? 61  ALA A CA  1 
ATOM   395  C C   . ALA A 1 61  ? -11.475 -1.991  -8.450  1.00 41.47 ? 61  ALA A C   1 
ATOM   396  O O   . ALA A 1 61  ? -11.440 -2.549  -9.540  1.00 41.06 ? 61  ALA A O   1 
ATOM   397  C CB  . ALA A 1 61  ? -12.663 0.152   -7.983  1.00 44.29 ? 61  ALA A CB  1 
ATOM   398  N N   . TYR A 1 62  ? -10.412 -1.876  -7.647  1.00 43.28 ? 62  TYR A N   1 
ATOM   399  C CA  . TYR A 1 62  ? -9.192  -2.611  -7.927  1.00 41.97 ? 62  TYR A CA  1 
ATOM   400  C C   . TYR A 1 62  ? -9.483  -4.105  -7.786  1.00 43.26 ? 62  TYR A C   1 
ATOM   401  O O   . TYR A 1 62  ? -9.613  -4.625  -6.678  1.00 41.37 ? 62  TYR A O   1 
ATOM   402  C CB  . TYR A 1 62  ? -8.048  -2.156  -7.027  1.00 39.25 ? 62  TYR A CB  1 
ATOM   403  C CG  . TYR A 1 62  ? -6.813  -3.017  -7.103  1.00 36.07 ? 62  TYR A CG  1 
ATOM   404  C CD1 . TYR A 1 62  ? -6.160  -3.250  -8.301  1.00 34.05 ? 62  TYR A CD1 1 
ATOM   405  C CD2 . TYR A 1 62  ? -6.280  -3.581  -5.961  1.00 37.17 ? 62  TYR A CD2 1 
ATOM   406  C CE1 . TYR A 1 62  ? -5.014  -4.026  -8.364  1.00 33.10 ? 62  TYR A CE1 1 
ATOM   407  C CE2 . TYR A 1 62  ? -5.145  -4.370  -6.005  1.00 36.72 ? 62  TYR A CE2 1 
ATOM   408  C CZ  . TYR A 1 62  ? -4.509  -4.595  -7.209  1.00 34.15 ? 62  TYR A CZ  1 
ATOM   409  O OH  . TYR A 1 62  ? -3.381  -5.371  -7.193  1.00 35.62 ? 62  TYR A OH  1 
ATOM   410  N N   . THR A 1 63  ? -9.585  -4.758  -8.949  1.00 42.87 ? 63  THR A N   1 
ATOM   411  C CA  . THR A 1 63  ? -9.966  -6.150  -9.081  1.00 39.94 ? 63  THR A CA  1 
ATOM   412  C C   . THR A 1 63  ? -8.760  -7.046  -8.856  1.00 36.78 ? 63  THR A C   1 
ATOM   413  O O   . THR A 1 63  ? -8.894  -8.247  -8.695  1.00 35.59 ? 63  THR A O   1 
ATOM   414  C CB  . THR A 1 63  ? -10.543 -6.376  -10.482 1.00 39.94 ? 63  THR A CB  1 
ATOM   415  O OG1 . THR A 1 63  ? -9.631  -5.811  -11.427 1.00 37.36 ? 63  THR A OG1 1 
ATOM   416  C CG2 . THR A 1 63  ? -11.906 -5.746  -10.641 1.00 38.69 ? 63  THR A CG2 1 
ATOM   417  N N   . ALA A 1 64  ? -7.575  -6.451  -8.914  1.00 37.91 ? 64  ALA A N   1 
ATOM   418  C CA  . ALA A 1 64  ? -6.349  -7.207  -8.779  1.00 40.14 ? 64  ALA A CA  1 
ATOM   419  C C   . ALA A 1 64  ? -6.346  -8.366  -9.771  1.00 42.77 ? 64  ALA A C   1 
ATOM   420  O O   . ALA A 1 64  ? -5.784  -9.414  -9.480  1.00 45.54 ? 64  ALA A O   1 
ATOM   421  C CB  . ALA A 1 64  ? -6.201  -7.682  -7.356  1.00 38.96 ? 64  ALA A CB  1 
ATOM   422  N N   . ASP A 1 65  ? -6.954  -8.171  -10.948 1.00 43.48 ? 65  ASP A N   1 
ATOM   423  C CA  . ASP A 1 65  ? -6.868  -9.167  -12.000 1.00 43.58 ? 65  ASP A CA  1 
ATOM   424  C C   . ASP A 1 65  ? -5.467  -9.132  -12.602 1.00 41.39 ? 65  ASP A C   1 
ATOM   425  O O   . ASP A 1 65  ? -4.799  -8.105  -12.614 1.00 40.39 ? 65  ASP A O   1 
ATOM   426  C CB  . ASP A 1 65  ? -7.959  -8.961  -13.052 1.00 46.62 ? 65  ASP A CB  1 
ATOM   427  C CG  . ASP A 1 65  ? -7.808  -7.686  -13.857 1.00 49.79 ? 65  ASP A CG  1 
ATOM   428  O OD1 . ASP A 1 65  ? -7.513  -6.653  -13.239 1.00 54.60 ? 65  ASP A OD1 1 
ATOM   429  O OD2 . ASP A 1 65  ? -8.023  -7.734  -15.085 1.00 50.45 ? 65  ASP A OD2 1 
ATOM   430  N N   . LEU A 1 66  ? -5.036  -10.275 -13.125 1.00 42.78 ? 66  LEU A N   1 
ATOM   431  C CA  . LEU A 1 66  ? -3.707  -10.398 -13.703 1.00 43.89 ? 66  LEU A CA  1 
ATOM   432  C C   . LEU A 1 66  ? -3.513  -9.447  -14.883 1.00 43.52 ? 66  LEU A C   1 
ATOM   433  O O   . LEU A 1 66  ? -2.466  -8.814  -14.974 1.00 46.82 ? 66  LEU A O   1 
ATOM   434  C CB  . LEU A 1 66  ? -3.491  -11.848 -14.148 1.00 43.78 ? 66  LEU A CB  1 
ATOM   435  C CG  . LEU A 1 66  ? -3.264  -12.864 -13.030 1.00 42.49 ? 66  LEU A CG  1 
ATOM   436  C CD1 . LEU A 1 66  ? -3.419  -14.277 -13.552 1.00 42.98 ? 66  LEU A CD1 1 
ATOM   437  C CD2 . LEU A 1 66  ? -1.889  -12.696 -12.414 1.00 41.89 ? 66  LEU A CD2 1 
ATOM   438  N N   . ALA A 1 67  ? -4.507  -9.349  -15.781 1.00 42.08 ? 67  ALA A N   1 
ATOM   439  C CA  . ALA A 1 67  ? -4.305  -8.766  -17.103 1.00 41.66 ? 67  ALA A CA  1 
ATOM   440  C C   . ALA A 1 67  ? -3.937  -7.283  -17.028 1.00 44.26 ? 67  ALA A C   1 
ATOM   441  O O   . ALA A 1 67  ? -3.365  -6.725  -17.973 1.00 42.89 ? 67  ALA A O   1 
ATOM   442  C CB  . ALA A 1 67  ? -5.543  -8.956  -17.933 1.00 41.44 ? 67  ALA A CB  1 
ATOM   443  N N   . SER A 1 68  ? -4.297  -6.651  -15.904 1.00 44.50 ? 68  SER A N   1 
ATOM   444  C CA  . SER A 1 68  ? -4.011  -5.247  -15.675 1.00 42.77 ? 68  SER A CA  1 
ATOM   445  C C   . SER A 1 68  ? -2.514  -5.016  -15.472 1.00 43.00 ? 68  SER A C   1 
ATOM   446  O O   . SER A 1 68  ? -2.061  -3.877  -15.525 1.00 49.17 ? 68  SER A O   1 
ATOM   447  C CB  . SER A 1 68  ? -4.812  -4.725  -14.504 1.00 43.13 ? 68  SER A CB  1 
ATOM   448  O OG  . SER A 1 68  ? -6.207  -4.760  -14.773 1.00 40.33 ? 68  SER A OG  1 
ATOM   449  N N   . ASN A 1 69  ? -1.739  -6.078  -15.232 1.00 39.22 ? 69  ASN A N   1 
ATOM   450  C CA  . ASN A 1 69  ? -0.308  -5.920  -15.021 1.00 39.27 ? 69  ASN A CA  1 
ATOM   451  C C   . ASN A 1 69  ? 0.360   -5.434  -16.302 1.00 39.40 ? 69  ASN A C   1 
ATOM   452  O O   . ASN A 1 69  ? 1.428   -4.842  -16.251 1.00 37.22 ? 69  ASN A O   1 
ATOM   453  C CB  . ASN A 1 69  ? 0.368   -7.212  -14.550 1.00 38.05 ? 69  ASN A CB  1 
ATOM   454  C CG  . ASN A 1 69  ? 0.073   -7.569  -13.110 1.00 36.02 ? 69  ASN A CG  1 
ATOM   455  O OD1 . ASN A 1 69  ? 0.756   -7.107  -12.203 1.00 36.91 ? 69  ASN A OD1 1 
ATOM   456  N ND2 . ASN A 1 69  ? -0.931  -8.402  -12.890 1.00 36.57 ? 69  ASN A ND2 1 
ATOM   457  N N   . PHE A 1 70  ? -0.267  -5.708  -17.447 1.00 47.39 ? 70  PHE A N   1 
ATOM   458  C CA  . PHE A 1 70  ? 0.354   -5.472  -18.739 1.00 55.63 ? 70  PHE A CA  1 
ATOM   459  C C   . PHE A 1 70  ? -0.026  -4.097  -19.279 1.00 53.28 ? 70  PHE A C   1 
ATOM   460  O O   . PHE A 1 70  ? 0.455   -3.689  -20.338 1.00 46.91 ? 70  PHE A O   1 
ATOM   461  C CB  . PHE A 1 70  ? -0.052  -6.571  -19.721 1.00 65.20 ? 70  PHE A CB  1 
ATOM   462  C CG  . PHE A 1 70  ? 0.070   -7.965  -19.161 1.00 73.95 ? 70  PHE A CG  1 
ATOM   463  C CD1 . PHE A 1 70  ? -0.917  -8.906  -19.398 1.00 81.91 ? 70  PHE A CD1 1 
ATOM   464  C CD2 . PHE A 1 70  ? 1.156   -8.323  -18.373 1.00 79.60 ? 70  PHE A CD2 1 
ATOM   465  C CE1 . PHE A 1 70  ? -0.809  -10.183 -18.873 1.00 88.97 ? 70  PHE A CE1 1 
ATOM   466  C CE2 . PHE A 1 70  ? 1.260   -9.599  -17.843 1.00 86.30 ? 70  PHE A CE2 1 
ATOM   467  C CZ  . PHE A 1 70  ? 0.276   -10.526 -18.094 1.00 91.61 ? 70  PHE A CZ  1 
ATOM   468  N N   . LEU A 1 71  ? -0.888  -3.394  -18.536 1.00 52.48 ? 71  LEU A N   1 
ATOM   469  C CA  . LEU A 1 71  ? -1.266  -2.039  -18.889 1.00 51.28 ? 71  LEU A CA  1 
ATOM   470  C C   . LEU A 1 71  ? -0.081  -1.127  -18.614 1.00 54.55 ? 71  LEU A C   1 
ATOM   471  O O   . LEU A 1 71  ? 0.736   -1.429  -17.745 1.00 50.37 ? 71  LEU A O   1 
ATOM   472  C CB  . LEU A 1 71  ? -2.495  -1.614  -18.081 1.00 49.36 ? 71  LEU A CB  1 
ATOM   473  C CG  . LEU A 1 71  ? -3.764  -2.438  -18.320 1.00 48.45 ? 71  LEU A CG  1 
ATOM   474  C CD1 . LEU A 1 71  ? -4.902  -1.940  -17.447 1.00 47.43 ? 71  LEU A CD1 1 
ATOM   475  C CD2 . LEU A 1 71  ? -4.187  -2.424  -19.783 1.00 48.43 ? 71  LEU A CD2 1 
ATOM   476  N N   . PRO A 1 72  ? 0.039   -0.015  -19.380 1.00 65.66 ? 72  PRO A N   1 
ATOM   477  C CA  . PRO A 1 72  ? 1.156   0.925   -19.271 1.00 65.82 ? 72  PRO A CA  1 
ATOM   478  C C   . PRO A 1 72  ? 1.643   1.205   -17.852 1.00 67.20 ? 72  PRO A C   1 
ATOM   479  O O   . PRO A 1 72  ? 2.847   1.146   -17.601 1.00 61.00 ? 72  PRO A O   1 
ATOM   480  C CB  . PRO A 1 72  ? 0.576   2.210   -19.883 1.00 65.93 ? 72  PRO A CB  1 
ATOM   481  C CG  . PRO A 1 72  ? -0.373  1.715   -20.949 1.00 66.13 ? 72  PRO A CG  1 
ATOM   482  C CD  . PRO A 1 72  ? -0.904  0.389   -20.434 1.00 68.21 ? 72  PRO A CD  1 
ATOM   483  N N   . GLN A 1 73  ? 0.711   1.495   -16.929 1.00 64.39 ? 73  GLN A N   1 
ATOM   484  C CA  . GLN A 1 73  ? 1.105   1.854   -15.576 1.00 62.35 ? 73  GLN A CA  1 
ATOM   485  C C   . GLN A 1 73  ? 1.132   0.630   -14.659 1.00 58.92 ? 73  GLN A C   1 
ATOM   486  O O   . GLN A 1 73  ? 1.443   0.781   -13.480 1.00 57.83 ? 73  GLN A O   1 
ATOM   487  C CB  . GLN A 1 73  ? 0.220   2.968   -15.008 1.00 69.09 ? 73  GLN A CB  1 
ATOM   488  C CG  . GLN A 1 73  ? 0.738   4.376   -15.303 1.00 77.83 ? 73  GLN A CG  1 
ATOM   489  C CD  . GLN A 1 73  ? 0.854   5.247   -14.065 1.00 93.61 ? 73  GLN A CD  1 
ATOM   490  O OE1 . GLN A 1 73  ? 1.763   5.104   -13.243 1.00 92.58 ? 73  GLN A OE1 1 
ATOM   491  N NE2 . GLN A 1 73  ? -0.054  6.201   -13.926 1.00 97.98 ? 73  GLN A NE2 1 
ATOM   492  N N   . GLY A 1 74  ? 0.850   -0.575  -15.189 1.00 55.12 ? 74  GLY A N   1 
ATOM   493  C CA  . GLY A 1 74  ? 1.066   -1.815  -14.452 1.00 50.13 ? 74  GLY A CA  1 
ATOM   494  C C   . GLY A 1 74  ? -0.132  -2.213  -13.585 1.00 47.73 ? 74  GLY A C   1 
ATOM   495  O O   . GLY A 1 74  ? -0.073  -3.202  -12.854 1.00 43.88 ? 74  GLY A O   1 
ATOM   496  N N   . THR A 1 75  ? -1.210  -1.418  -13.671 1.00 43.20 ? 75  THR A N   1 
ATOM   497  C CA  . THR A 1 75  ? -2.499  -1.723  -13.073 1.00 38.20 ? 75  THR A CA  1 
ATOM   498  C C   . THR A 1 75  ? -3.535  -0.932  -13.857 1.00 35.41 ? 75  THR A C   1 
ATOM   499  O O   . THR A 1 75  ? -3.185  -0.338  -14.867 1.00 37.76 ? 75  THR A O   1 
ATOM   500  C CB  . THR A 1 75  ? -2.522  -1.404  -11.575 1.00 36.96 ? 75  THR A CB  1 
ATOM   501  O OG1 . THR A 1 75  ? -3.699  -1.966  -10.998 1.00 36.17 ? 75  THR A OG1 1 
ATOM   502  C CG2 . THR A 1 75  ? -2.507  0.078   -11.284 1.00 38.63 ? 75  THR A CG2 1 
ATOM   503  N N   . SER A 1 76  ? -4.781  -0.904  -13.383 1.00 33.73 ? 76  SER A N   1 
ATOM   504  C CA  . SER A 1 76  ? -5.828  -0.131  -14.030 1.00 34.90 ? 76  SER A CA  1 
ATOM   505  C C   . SER A 1 76  ? -5.872  1.296   -13.487 1.00 36.88 ? 76  SER A C   1 
ATOM   506  O O   . SER A 1 76  ? -5.514  1.543   -12.335 1.00 38.15 ? 76  SER A O   1 
ATOM   507  C CB  . SER A 1 76  ? -7.166  -0.803  -13.847 1.00 35.94 ? 76  SER A CB  1 
ATOM   508  O OG  . SER A 1 76  ? -7.554  -0.815  -12.481 1.00 34.15 ? 76  SER A OG  1 
ATOM   509  N N   . GLN A 1 77  ? -6.358  2.230   -14.313 1.00 39.60 ? 77  GLN A N   1 
ATOM   510  C CA  . GLN A 1 77  ? -6.668  3.573   -13.840 1.00 41.58 ? 77  GLN A CA  1 
ATOM   511  C C   . GLN A 1 77  ? -7.743  3.511   -12.761 1.00 42.63 ? 77  GLN A C   1 
ATOM   512  O O   . GLN A 1 77  ? -7.561  4.064   -11.682 1.00 48.61 ? 77  GLN A O   1 
ATOM   513  C CB  . GLN A 1 77  ? -7.144  4.504   -14.955 1.00 40.98 ? 77  GLN A CB  1 
ATOM   514  C CG  . GLN A 1 77  ? -6.032  5.336   -15.574 1.00 41.49 ? 77  GLN A CG  1 
ATOM   515  C CD  . GLN A 1 77  ? -5.260  6.142   -14.560 1.00 41.10 ? 77  GLN A CD  1 
ATOM   516  O OE1 . GLN A 1 77  ? -4.037  6.076   -14.517 1.00 45.21 ? 77  GLN A OE1 1 
ATOM   517  N NE2 . GLN A 1 77  ? -5.961  6.908   -13.739 1.00 39.16 ? 77  GLN A NE2 1 
ATOM   518  N N   . ILE A 1 78  ? -8.853  2.831   -13.048 1.00 41.47 ? 78  ILE A N   1 
ATOM   519  C CA  . ILE A 1 78  ? -9.912  2.680   -12.061 1.00 46.15 ? 78  ILE A CA  1 
ATOM   520  C C   . ILE A 1 78  ? -9.272  2.356   -10.700 1.00 44.91 ? 78  ILE A C   1 
ATOM   521  O O   . ILE A 1 78  ? -9.587  3.013   -9.705  1.00 43.99 ? 78  ILE A O   1 
ATOM   522  C CB  . ILE A 1 78  ? -11.000 1.680   -12.548 1.00 48.59 ? 78  ILE A CB  1 
ATOM   523  C CG1 . ILE A 1 78  ? -12.108 1.427   -11.514 1.00 51.83 ? 78  ILE A CG1 1 
ATOM   524  C CG2 . ILE A 1 78  ? -10.405 0.370   -13.046 1.00 48.20 ? 78  ILE A CG2 1 
ATOM   525  C CD1 . ILE A 1 78  ? -13.305 2.375   -11.591 1.00 51.24 ? 78  ILE A CD1 1 
ATOM   526  N N   . ALA A 1 79  ? -8.314  1.411   -10.684 1.00 43.19 ? 79  ALA A N   1 
ATOM   527  C CA  . ALA A 1 79  ? -7.649  0.960   -9.468  1.00 40.20 ? 79  ALA A CA  1 
ATOM   528  C C   . ALA A 1 79  ? -6.899  2.103   -8.790  1.00 37.63 ? 79  ALA A C   1 
ATOM   529  O O   . ALA A 1 79  ? -6.997  2.283   -7.579  1.00 35.52 ? 79  ALA A O   1 
ATOM   530  C CB  . ALA A 1 79  ? -6.691  -0.155  -9.796  1.00 40.61 ? 79  ALA A CB  1 
ATOM   531  N N   . ILE A 1 80  ? -6.122  2.835   -9.590  1.00 35.89 ? 80  ILE A N   1 
ATOM   532  C CA  . ILE A 1 80  ? -5.328  3.946   -9.102  1.00 34.44 ? 80  ILE A CA  1 
ATOM   533  C C   . ILE A 1 80  ? -6.253  5.044   -8.590  1.00 35.73 ? 80  ILE A C   1 
ATOM   534  O O   . ILE A 1 80  ? -6.070  5.608   -7.509  1.00 35.10 ? 80  ILE A O   1 
ATOM   535  C CB  . ILE A 1 80  ? -4.412  4.433   -10.237 1.00 32.74 ? 80  ILE A CB  1 
ATOM   536  C CG1 . ILE A 1 80  ? -3.347  3.375   -10.544 1.00 32.09 ? 80  ILE A CG1 1 
ATOM   537  C CG2 . ILE A 1 80  ? -3.814  5.785   -9.883  1.00 32.69 ? 80  ILE A CG2 1 
ATOM   538  C CD1 . ILE A 1 80  ? -2.616  3.573   -11.844 1.00 31.46 ? 80  ILE A CD1 1 
ATOM   539  N N   . ASP A 1 81  ? -7.259  5.333   -9.406  1.00 38.70 ? 81  ASP A N   1 
ATOM   540  C CA  . ASP A 1 81  ? -8.216  6.369   -9.100  1.00 39.93 ? 81  ASP A CA  1 
ATOM   541  C C   . ASP A 1 81  ? -8.889  6.000   -7.798  1.00 38.17 ? 81  ASP A C   1 
ATOM   542  O O   . ASP A 1 81  ? -9.203  6.866   -6.993  1.00 42.18 ? 81  ASP A O   1 
ATOM   543  C CB  . ASP A 1 81  ? -9.195  6.561   -10.258 1.00 43.07 ? 81  ASP A CB  1 
ATOM   544  C CG  . ASP A 1 81  ? -8.579  7.308   -11.435 1.00 47.30 ? 81  ASP A CG  1 
ATOM   545  O OD1 . ASP A 1 81  ? -7.405  7.752   -11.321 1.00 49.37 ? 81  ASP A OD1 1 
ATOM   546  O OD2 . ASP A 1 81  ? -9.270  7.444   -12.463 1.00 49.50 ? 81  ASP A OD2 1 
ATOM   547  N N   . GLU A 1 82  ? -9.084  4.705   -7.593  1.00 37.75 ? 82  GLU A N   1 
ATOM   548  C CA  . GLU A 1 82  ? -9.726  4.274   -6.374  1.00 39.35 ? 82  GLU A CA  1 
ATOM   549  C C   . GLU A 1 82  ? -8.812  4.595   -5.201  1.00 37.67 ? 82  GLU A C   1 
ATOM   550  O O   . GLU A 1 82  ? -9.271  5.182   -4.228  1.00 41.56 ? 82  GLU A O   1 
ATOM   551  C CB  . GLU A 1 82  ? -10.095 2.795   -6.424  1.00 42.12 ? 82  GLU A CB  1 
ATOM   552  C CG  . GLU A 1 82  ? -10.714 2.329   -5.125  1.00 43.47 ? 82  GLU A CG  1 
ATOM   553  C CD  . GLU A 1 82  ? -11.356 0.957   -5.152  1.00 43.32 ? 82  GLU A CD  1 
ATOM   554  O OE1 . GLU A 1 82  ? -10.702 -0.012  -5.634  1.00 42.73 ? 82  GLU A OE1 1 
ATOM   555  O OE2 . GLU A 1 82  ? -12.490 0.867   -4.655  1.00 41.61 ? 82  GLU A OE2 1 
ATOM   556  N N   . ALA A 1 83  ? -7.536  4.203   -5.294  1.00 35.98 ? 83  ALA A N   1 
ATOM   557  C CA  . ALA A 1 83  ? -6.592  4.434   -4.212  1.00 34.78 ? 83  ALA A CA  1 
ATOM   558  C C   . ALA A 1 83  ? -6.506  5.935   -3.943  1.00 37.86 ? 83  ALA A C   1 
ATOM   559  O O   . ALA A 1 83  ? -6.700  6.398   -2.814  1.00 36.50 ? 83  ALA A O   1 
ATOM   560  C CB  . ALA A 1 83  ? -5.241  3.870   -4.555  1.00 32.14 ? 83  ALA A CB  1 
ATOM   561  N N   . ALA A 1 84  ? -6.229  6.688   -5.012  1.00 38.00 ? 84  ALA A N   1 
ATOM   562  C CA  . ALA A 1 84  ? -6.205  8.137   -4.933  1.00 36.62 ? 84  ALA A CA  1 
ATOM   563  C C   . ALA A 1 84  ? -7.372  8.608   -4.070  1.00 33.40 ? 84  ALA A C   1 
ATOM   564  O O   . ALA A 1 84  ? -7.180  9.303   -3.085  1.00 33.86 ? 84  ALA A O   1 
ATOM   565  C CB  . ALA A 1 84  ? -6.252  8.730   -6.323  1.00 36.77 ? 84  ALA A CB  1 
ATOM   566  N N   . GLY A 1 85  ? -8.578  8.182   -4.433  1.00 33.59 ? 85  GLY A N   1 
ATOM   567  C CA  . GLY A 1 85  ? -9.782  8.617   -3.758  1.00 34.88 ? 85  GLY A CA  1 
ATOM   568  C C   . GLY A 1 85  ? -9.687  8.437   -2.248  1.00 38.10 ? 85  GLY A C   1 
ATOM   569  O O   . GLY A 1 85  ? -10.040 9.349   -1.505  1.00 48.90 ? 85  GLY A O   1 
ATOM   570  N N   . LEU A 1 86  ? -9.209  7.264   -1.812  1.00 36.39 ? 86  LEU A N   1 
ATOM   571  C CA  . LEU A 1 86  ? -9.222  6.886   -0.406  1.00 34.32 ? 86  LEU A CA  1 
ATOM   572  C C   . LEU A 1 86  ? -8.226  7.728   0.393   1.00 33.24 ? 86  LEU A C   1 
ATOM   573  O O   . LEU A 1 86  ? -8.477  8.097   1.535   1.00 33.15 ? 86  LEU A O   1 
ATOM   574  C CB  . LEU A 1 86  ? -8.898  5.394   -0.309  1.00 32.19 ? 86  LEU A CB  1 
ATOM   575  C CG  . LEU A 1 86  ? -10.055 4.470   -0.676  1.00 30.93 ? 86  LEU A CG  1 
ATOM   576  C CD1 . LEU A 1 86  ? -9.581  3.026   -0.855  1.00 30.73 ? 86  LEU A CD1 1 
ATOM   577  C CD2 . LEU A 1 86  ? -11.136 4.555   0.386   1.00 30.16 ? 86  LEU A CD2 1 
ATOM   578  N N   . PHE A 1 87  ? -7.083  8.016   -0.216  1.00 32.10 ? 87  PHE A N   1 
ATOM   579  C CA  . PHE A 1 87  ? -6.139  8.931   0.381   1.00 33.54 ? 87  PHE A CA  1 
ATOM   580  C C   . PHE A 1 87  ? -6.834  10.256  0.648   1.00 35.79 ? 87  PHE A C   1 
ATOM   581  O O   . PHE A 1 87  ? -6.741  10.787  1.751   1.00 38.17 ? 87  PHE A O   1 
ATOM   582  C CB  . PHE A 1 87  ? -4.922  9.085   -0.531  1.00 34.19 ? 87  PHE A CB  1 
ATOM   583  C CG  . PHE A 1 87  ? -3.978  7.914   -0.456  1.00 33.68 ? 87  PHE A CG  1 
ATOM   584  C CD1 . PHE A 1 87  ? -3.240  7.683   0.695   1.00 33.67 ? 87  PHE A CD1 1 
ATOM   585  C CD2 . PHE A 1 87  ? -3.863  7.022   -1.508  1.00 33.70 ? 87  PHE A CD2 1 
ATOM   586  C CE1 . PHE A 1 87  ? -2.390  6.592   0.784   1.00 33.98 ? 87  PHE A CE1 1 
ATOM   587  C CE2 . PHE A 1 87  ? -2.999  5.941   -1.423  1.00 35.04 ? 87  PHE A CE2 1 
ATOM   588  C CZ  . PHE A 1 87  ? -2.268  5.726   -0.276  1.00 34.82 ? 87  PHE A CZ  1 
ATOM   589  N N   . LYS A 1 88  ? -7.536  10.767  -0.363  1.00 37.65 ? 88  LYS A N   1 
ATOM   590  C CA  . LYS A 1 88  ? -8.243  12.033  -0.239  1.00 40.89 ? 88  LYS A CA  1 
ATOM   591  C C   . LYS A 1 88  ? -9.333  11.905  0.825   1.00 39.29 ? 88  LYS A C   1 
ATOM   592  O O   . LYS A 1 88  ? -9.478  12.777  1.675   1.00 40.68 ? 88  LYS A O   1 
ATOM   593  C CB  . LYS A 1 88  ? -8.796  12.476  -1.598  1.00 42.31 ? 88  LYS A CB  1 
ATOM   594  C CG  . LYS A 1 88  ? -7.723  12.731  -2.652  1.00 46.14 ? 88  LYS A CG  1 
ATOM   595  C CD  . LYS A 1 88  ? -8.172  13.540  -3.866  1.00 50.97 ? 88  LYS A CD  1 
ATOM   596  C CE  . LYS A 1 88  ? -8.906  12.739  -4.927  1.00 53.53 ? 88  LYS A CE  1 
ATOM   597  N NZ  . LYS A 1 88  ? -7.975  11.932  -5.754  1.00 55.02 ? 88  LYS A NZ  1 
ATOM   598  N N   . LEU A 1 89  ? -10.058 10.788  0.797   1.00 37.74 ? 89  LEU A N   1 
ATOM   599  C CA  . LEU A 1 89  ? -11.143 10.559  1.726   1.00 38.71 ? 89  LEU A CA  1 
ATOM   600  C C   . LEU A 1 89  ? -10.638 10.749  3.144   1.00 38.98 ? 89  LEU A C   1 
ATOM   601  O O   . LEU A 1 89  ? -11.310 11.340  3.983   1.00 39.95 ? 89  LEU A O   1 
ATOM   602  C CB  . LEU A 1 89  ? -11.673 9.136   1.535   1.00 41.41 ? 89  LEU A CB  1 
ATOM   603  C CG  . LEU A 1 89  ? -12.793 8.736   2.494   1.00 44.85 ? 89  LEU A CG  1 
ATOM   604  C CD1 . LEU A 1 89  ? -13.958 9.709   2.402   1.00 43.69 ? 89  LEU A CD1 1 
ATOM   605  C CD2 . LEU A 1 89  ? -13.271 7.316   2.221   1.00 45.99 ? 89  LEU A CD2 1 
ATOM   606  N N   . ALA A 1 90  ? -9.455  10.190  3.389   1.00 41.22 ? 90  ALA A N   1 
ATOM   607  C CA  . ALA A 1 90  ? -8.793  10.329  4.670   1.00 43.45 ? 90  ALA A CA  1 
ATOM   608  C C   . ALA A 1 90  ? -8.563  11.812  4.957   1.00 45.92 ? 90  ALA A C   1 
ATOM   609  O O   . ALA A 1 90  ? -8.893  12.300  6.033   1.00 51.70 ? 90  ALA A O   1 
ATOM   610  C CB  . ALA A 1 90  ? -7.505  9.541   4.660   1.00 42.46 ? 90  ALA A CB  1 
ATOM   611  N N   . ALA A 1 91  ? -8.015  12.526  3.974   1.00 43.62 ? 91  ALA A N   1 
ATOM   612  C CA  . ALA A 1 91  ? -7.758  13.947  4.113   1.00 43.24 ? 91  ALA A CA  1 
ATOM   613  C C   . ALA A 1 91  ? -9.035  14.684  4.501   1.00 42.76 ? 91  ALA A C   1 
ATOM   614  O O   . ALA A 1 91  ? -9.012  15.538  5.383   1.00 42.91 ? 91  ALA A O   1 
ATOM   615  C CB  . ALA A 1 91  ? -7.192  14.482  2.820   1.00 44.13 ? 91  ALA A CB  1 
ATOM   616  N N   . SER A 1 92  ? -10.142 14.337  3.838   1.00 45.71 ? 92  SER A N   1 
ATOM   617  C CA  . SER A 1 92  ? -11.415 15.027  4.006   1.00 52.92 ? 92  SER A CA  1 
ATOM   618  C C   . SER A 1 92  ? -12.078 14.642  5.325   1.00 53.40 ? 92  SER A C   1 
ATOM   619  O O   . SER A 1 92  ? -12.356 15.501  6.158   1.00 58.57 ? 92  SER A O   1 
ATOM   620  C CB  . SER A 1 92  ? -12.342 14.728  2.860   1.00 57.10 ? 92  SER A CB  1 
ATOM   621  O OG  . SER A 1 92  ? -11.711 14.993  1.615   1.00 63.95 ? 92  SER A OG  1 
ATOM   622  N N   . LYS A 1 93  ? -12.326 13.340  5.486   1.00 49.63 ? 93  LYS A N   1 
ATOM   623  C CA  . LYS A 1 93  ? -12.999 12.816  6.658   1.00 49.97 ? 93  LYS A CA  1 
ATOM   624  C C   . LYS A 1 93  ? -12.151 13.070  7.909   1.00 52.18 ? 93  LYS A C   1 
ATOM   625  O O   . LYS A 1 93  ? -12.661 13.607  8.887   1.00 55.35 ? 93  LYS A O   1 
ATOM   626  C CB  . LYS A 1 93  ? -13.305 11.333  6.424   1.00 49.52 ? 93  LYS A CB  1 
ATOM   627  C CG  . LYS A 1 93  ? -14.220 10.666  7.445   1.00 49.31 ? 93  LYS A CG  1 
ATOM   628  C CD  . LYS A 1 93  ? -14.211 9.149   7.333   1.00 49.68 ? 93  LYS A CD  1 
ATOM   629  C CE  . LYS A 1 93  ? -14.760 8.423   8.543   1.00 48.81 ? 93  LYS A CE  1 
ATOM   630  N NZ  . LYS A 1 93  ? -14.279 7.023   8.591   1.00 48.07 ? 93  LYS A NZ  1 
ATOM   631  N N   . CYS A 1 94  ? -10.860 12.704  7.879   1.00 53.41 ? 94  CYS A N   1 
ATOM   632  C CA  . CYS A 1 94  ? -10.007 12.758  9.061   1.00 52.52 ? 94  CYS A CA  1 
ATOM   633  C C   . CYS A 1 94  ? -8.738  13.555  8.776   1.00 53.19 ? 94  CYS A C   1 
ATOM   634  O O   . CYS A 1 94  ? -7.698  12.972  8.501   1.00 51.00 ? 94  CYS A O   1 
ATOM   635  C CB  . CYS A 1 94  ? -9.589  11.363  9.508   1.00 54.46 ? 94  CYS A CB  1 
ATOM   636  S SG  . CYS A 1 94  ? -10.888 10.106  9.356   1.00 61.37 ? 94  CYS A SG  1 
ATOM   637  N N   . PRO A 1 95  ? -8.758  14.904  8.857   1.00 57.59 ? 95  PRO A N   1 
ATOM   638  C CA  . PRO A 1 95  ? -7.598  15.720  8.480   1.00 57.18 ? 95  PRO A CA  1 
ATOM   639  C C   . PRO A 1 95  ? -6.400  15.651  9.431   1.00 56.60 ? 95  PRO A C   1 
ATOM   640  O O   . PRO A 1 95  ? -5.329  16.188  9.124   1.00 53.24 ? 95  PRO A O   1 
ATOM   641  C CB  . PRO A 1 95  ? -8.124  17.165  8.497   1.00 58.69 ? 95  PRO A CB  1 
ATOM   642  C CG  . PRO A 1 95  ? -9.637  17.046  8.639   1.00 59.80 ? 95  PRO A CG  1 
ATOM   643  C CD  . PRO A 1 95  ? -9.895  15.715  9.309   1.00 58.40 ? 95  PRO A CD  1 
ATOM   644  N N   . ASP A 1 96  ? -6.596  15.002  10.587  1.00 53.41 ? 96  ASP A N   1 
ATOM   645  C CA  . ASP A 1 96  ? -5.547  14.874  11.579  1.00 52.59 ? 96  ASP A CA  1 
ATOM   646  C C   . ASP A 1 96  ? -5.000  13.456  11.608  1.00 48.63 ? 96  ASP A C   1 
ATOM   647  O O   . ASP A 1 96  ? -4.155  13.144  12.443  1.00 49.37 ? 96  ASP A O   1 
ATOM   648  C CB  . ASP A 1 96  ? -6.047  15.268  12.968  1.00 58.03 ? 96  ASP A CB  1 
ATOM   649  C CG  . ASP A 1 96  ? -6.079  16.770  13.175  1.00 65.80 ? 96  ASP A CG  1 
ATOM   650  O OD1 . ASP A 1 96  ? -5.023  17.410  12.979  1.00 69.69 ? 96  ASP A OD1 1 
ATOM   651  O OD2 . ASP A 1 96  ? -7.151  17.286  13.540  1.00 71.13 ? 96  ASP A OD2 1 
ATOM   652  N N   . THR A 1 97  ? -5.467  12.595  10.701  1.00 45.06 ? 97  THR A N   1 
ATOM   653  C CA  . THR A 1 97  ? -4.957  11.236  10.696  1.00 47.31 ? 97  THR A CA  1 
ATOM   654  C C   . THR A 1 97  ? -3.587  11.226  10.020  1.00 49.21 ? 97  THR A C   1 
ATOM   655  O O   . THR A 1 97  ? -3.369  11.895  9.015   1.00 55.18 ? 97  THR A O   1 
ATOM   656  C CB  . THR A 1 97  ? -5.963  10.247  10.085  1.00 48.28 ? 97  THR A CB  1 
ATOM   657  O OG1 . THR A 1 97  ? -5.567  8.905   10.396  1.00 45.11 ? 97  THR A OG1 1 
ATOM   658  C CG2 . THR A 1 97  ? -6.096  10.389  8.586   1.00 50.32 ? 97  THR A CG2 1 
ATOM   659  N N   . LYS A 1 98  ? -2.670  10.448  10.594  1.00 49.26 ? 98  LYS A N   1 
ATOM   660  C CA  . LYS A 1 98  ? -1.382  10.170  9.993   1.00 48.82 ? 98  LYS A CA  1 
ATOM   661  C C   . LYS A 1 98  ? -1.550  8.914   9.134   1.00 46.16 ? 98  LYS A C   1 
ATOM   662  O O   . LYS A 1 98  ? -1.908  7.855   9.642   1.00 43.59 ? 98  LYS A O   1 
ATOM   663  C CB  . LYS A 1 98  ? -0.360  10.044  11.129  1.00 54.80 ? 98  LYS A CB  1 
ATOM   664  C CG  . LYS A 1 98  ? -0.548  11.062  12.253  1.00 63.54 ? 98  LYS A CG  1 
ATOM   665  C CD  . LYS A 1 98  ? 0.381   10.893  13.445  1.00 75.03 ? 98  LYS A CD  1 
ATOM   666  C CE  . LYS A 1 98  ? 1.780   11.420  13.190  1.00 89.86 ? 98  LYS A CE  1 
ATOM   667  N NZ  . LYS A 1 98  ? 2.666   11.279  14.373  1.00 92.76 ? 98  LYS A NZ  1 
ATOM   668  N N   . ILE A 1 99  ? -1.356  9.056   7.818   1.00 44.47 ? 99  ILE A N   1 
ATOM   669  C CA  . ILE A 1 99  ? -1.590  7.972   6.872   1.00 41.65 ? 99  ILE A CA  1 
ATOM   670  C C   . ILE A 1 99  ? -0.316  7.155   6.682   1.00 42.39 ? 99  ILE A C   1 
ATOM   671  O O   . ILE A 1 99  ? 0.771   7.715   6.537   1.00 42.45 ? 99  ILE A O   1 
ATOM   672  C CB  . ILE A 1 99  ? -2.025  8.504   5.495   1.00 40.24 ? 99  ILE A CB  1 
ATOM   673  C CG1 . ILE A 1 99  ? -3.367  9.233   5.517   1.00 39.81 ? 99  ILE A CG1 1 
ATOM   674  C CG2 . ILE A 1 99  ? -2.035  7.375   4.483   1.00 41.36 ? 99  ILE A CG2 1 
ATOM   675  C CD1 . ILE A 1 99  ? -3.654  9.983   4.231   1.00 40.00 ? 99  ILE A CD1 1 
ATOM   676  N N   . VAL A 1 100 ? -0.489  5.831   6.590   1.00 40.70 ? 100 VAL A N   1 
ATOM   677  C CA  . VAL A 1 100 ? 0.556   4.928   6.140   1.00 39.50 ? 100 VAL A CA  1 
ATOM   678  C C   . VAL A 1 100 ? -0.030  4.005   5.074   1.00 38.55 ? 100 VAL A C   1 
ATOM   679  O O   . VAL A 1 100 ? -1.186  3.588   5.140   1.00 38.32 ? 100 VAL A O   1 
ATOM   680  C CB  . VAL A 1 100 ? 1.169   4.133   7.310   1.00 42.35 ? 100 VAL A CB  1 
ATOM   681  C CG1 . VAL A 1 100 ? 2.050   5.005   8.201   1.00 42.48 ? 100 VAL A CG1 1 
ATOM   682  C CG2 . VAL A 1 100 ? 0.109   3.418   8.139   1.00 42.88 ? 100 VAL A CG2 1 
ATOM   683  N N   . ALA A 1 101 ? 0.780   3.691   4.066   1.00 36.47 ? 101 ALA A N   1 
ATOM   684  C CA  . ALA A 1 101 ? 0.277   2.987   2.905   1.00 33.82 ? 101 ALA A CA  1 
ATOM   685  C C   . ALA A 1 101 ? 1.112   1.740   2.711   1.00 33.03 ? 101 ALA A C   1 
ATOM   686  O O   . ALA A 1 101 ? 2.224   1.675   3.220   1.00 32.60 ? 101 ALA A O   1 
ATOM   687  C CB  . ALA A 1 101 ? 0.341   3.860   1.685   1.00 33.78 ? 101 ALA A CB  1 
ATOM   688  N N   . GLY A 1 102 ? 0.551   0.776   1.977   1.00 32.59 ? 102 GLY A N   1 
ATOM   689  C CA  . GLY A 1 102 ? 1.266   -0.434  1.633   1.00 32.33 ? 102 GLY A CA  1 
ATOM   690  C C   . GLY A 1 102 ? 0.815   -0.973  0.286   1.00 33.04 ? 102 GLY A C   1 
ATOM   691  O O   . GLY A 1 102 ? -0.215  -0.543  -0.225  1.00 31.24 ? 102 GLY A O   1 
ATOM   692  N N   . GLY A 1 103 ? 1.597   -1.910  -0.263  1.00 37.05 ? 103 GLY A N   1 
ATOM   693  C CA  . GLY A 1 103 ? 1.261   -2.534  -1.537  1.00 43.32 ? 103 GLY A CA  1 
ATOM   694  C C   . GLY A 1 103 ? 2.152   -3.735  -1.870  1.00 45.17 ? 103 GLY A C   1 
ATOM   695  O O   . GLY A 1 103 ? 3.340   -3.728  -1.556  1.00 45.74 ? 103 GLY A O   1 
ATOM   696  N N   . TYR A 1 104 ? 1.567   -4.748  -2.529  1.00 43.48 ? 104 TYR A N   1 
ATOM   697  C CA  . TYR A 1 104 ? 2.297   -5.932  -2.958  1.00 41.10 ? 104 TYR A CA  1 
ATOM   698  C C   . TYR A 1 104 ? 1.959   -6.199  -4.425  1.00 41.02 ? 104 TYR A C   1 
ATOM   699  O O   . TYR A 1 104 ? 0.807   -6.047  -4.818  1.00 46.88 ? 104 TYR A O   1 
ATOM   700  C CB  . TYR A 1 104 ? 1.975   -7.087  -2.004  1.00 39.05 ? 104 TYR A CB  1 
ATOM   701  C CG  . TYR A 1 104 ? 2.249   -8.462  -2.552  1.00 39.70 ? 104 TYR A CG  1 
ATOM   702  C CD1 . TYR A 1 104 ? 3.524   -8.852  -2.912  1.00 39.98 ? 104 TYR A CD1 1 
ATOM   703  C CD2 . TYR A 1 104 ? 1.228   -9.383  -2.718  1.00 40.53 ? 104 TYR A CD2 1 
ATOM   704  C CE1 . TYR A 1 104 ? 3.777   -10.113 -3.432  1.00 39.68 ? 104 TYR A CE1 1 
ATOM   705  C CE2 . TYR A 1 104 ? 1.463   -10.648 -3.231  1.00 39.61 ? 104 TYR A CE2 1 
ATOM   706  C CZ  . TYR A 1 104 ? 2.741   -11.015 -3.601  1.00 38.22 ? 104 TYR A CZ  1 
ATOM   707  O OH  . TYR A 1 104 ? 2.954   -12.274 -4.116  1.00 35.13 ? 104 TYR A OH  1 
ATOM   708  N N   . SER A 1 105 ? 2.969   -6.562  -5.230  1.00 38.49 ? 105 SER A N   1 
ATOM   709  C CA  . SER A 1 105 ? 2.821   -6.777  -6.666  1.00 39.33 ? 105 SER A CA  1 
ATOM   710  C C   . SER A 1 105 ? 2.159   -5.562  -7.308  1.00 39.46 ? 105 SER A C   1 
ATOM   711  O O   . SER A 1 105 ? 2.592   -4.434  -7.102  1.00 39.91 ? 105 SER A O   1 
ATOM   712  C CB  . SER A 1 105 ? 2.034   -8.037  -7.016  1.00 39.01 ? 105 SER A CB  1 
ATOM   713  O OG  . SER A 1 105 ? 2.635   -9.206  -6.519  1.00 40.18 ? 105 SER A OG  1 
ATOM   714  N N   . GLN A 1 106 ? 1.079   -5.841  -8.053  1.00 37.89 ? 106 GLN A N   1 
ATOM   715  C CA  . GLN A 1 106 ? 0.261   -4.870  -8.746  1.00 35.69 ? 106 GLN A CA  1 
ATOM   716  C C   . GLN A 1 106 ? -0.310  -3.848  -7.759  1.00 34.26 ? 106 GLN A C   1 
ATOM   717  O O   . GLN A 1 106 ? -0.596  -2.709  -8.126  1.00 34.81 ? 106 GLN A O   1 
ATOM   718  C CB  . GLN A 1 106 ? -0.836  -5.651  -9.474  1.00 36.53 ? 106 GLN A CB  1 
ATOM   719  C CG  . GLN A 1 106 ? -1.680  -4.799  -10.416 1.00 38.05 ? 106 GLN A CG  1 
ATOM   720  C CD  . GLN A 1 106 ? -2.954  -5.455  -10.891 1.00 37.13 ? 106 GLN A CD  1 
ATOM   721  O OE1 . GLN A 1 106 ? -3.848  -4.790  -11.403 1.00 37.15 ? 106 GLN A OE1 1 
ATOM   722  N NE2 . GLN A 1 106 ? -3.059  -6.761  -10.713 1.00 37.34 ? 106 GLN A NE2 1 
ATOM   723  N N   . GLY A 1 107 ? -0.504  -4.250  -6.503  1.00 31.57 ? 107 GLY A N   1 
ATOM   724  C CA  . GLY A 1 107 ? -0.960  -3.314  -5.489  1.00 32.93 ? 107 GLY A CA  1 
ATOM   725  C C   . GLY A 1 107 ? 0.050   -2.198  -5.235  1.00 32.62 ? 107 GLY A C   1 
ATOM   726  O O   . GLY A 1 107 ? -0.313  -1.076  -4.910  1.00 32.37 ? 107 GLY A O   1 
ATOM   727  N N   . ALA A 1 108 ? 1.331   -2.520  -5.375  1.00 34.46 ? 108 ALA A N   1 
ATOM   728  C CA  . ALA A 1 108 ? 2.372   -1.515  -5.274  1.00 37.50 ? 108 ALA A CA  1 
ATOM   729  C C   . ALA A 1 108 ? 2.286   -0.547  -6.458  1.00 37.30 ? 108 ALA A C   1 
ATOM   730  O O   . ALA A 1 108 ? 2.446   0.660   -6.294  1.00 40.18 ? 108 ALA A O   1 
ATOM   731  C CB  . ALA A 1 108 ? 3.705   -2.204  -5.194  1.00 39.01 ? 108 ALA A CB  1 
ATOM   732  N N   . ALA A 1 109 ? 2.027   -1.094  -7.647  1.00 34.63 ? 109 ALA A N   1 
ATOM   733  C CA  . ALA A 1 109 ? 1.745   -0.318  -8.843  1.00 34.65 ? 109 ALA A CA  1 
ATOM   734  C C   . ALA A 1 109 ? 0.595   0.671   -8.621  1.00 34.20 ? 109 ALA A C   1 
ATOM   735  O O   . ALA A 1 109 ? 0.698   1.850   -8.971  1.00 31.93 ? 109 ALA A O   1 
ATOM   736  C CB  . ALA A 1 109 ? 1.424   -1.272  -9.974  1.00 35.16 ? 109 ALA A CB  1 
ATOM   737  N N   . VAL A 1 110 ? -0.523  0.174   -8.083  1.00 33.01 ? 110 VAL A N   1 
ATOM   738  C CA  . VAL A 1 110 ? -1.641  1.028   -7.732  1.00 33.67 ? 110 VAL A CA  1 
ATOM   739  C C   . VAL A 1 110 ? -1.126  2.239   -6.961  1.00 36.12 ? 110 VAL A C   1 
ATOM   740  O O   . VAL A 1 110 ? -1.353  3.370   -7.385  1.00 38.08 ? 110 VAL A O   1 
ATOM   741  C CB  . VAL A 1 110 ? -2.689  0.248   -6.923  1.00 32.73 ? 110 VAL A CB  1 
ATOM   742  C CG1 . VAL A 1 110 ? -3.649  1.170   -6.197  1.00 31.46 ? 110 VAL A CG1 1 
ATOM   743  C CG2 . VAL A 1 110 ? -3.439  -0.725  -7.812  1.00 33.46 ? 110 VAL A CG2 1 
ATOM   744  N N   . MET A 1 111 ? -0.408  1.981   -5.858  1.00 36.56 ? 111 MET A N   1 
ATOM   745  C CA  . MET A 1 111 ? 0.081   3.009   -4.949  1.00 35.78 ? 111 MET A CA  1 
ATOM   746  C C   . MET A 1 111 ? 1.063   3.935   -5.671  1.00 35.79 ? 111 MET A C   1 
ATOM   747  O O   . MET A 1 111 ? 0.964   5.166   -5.574  1.00 34.05 ? 111 MET A O   1 
ATOM   748  C CB  . MET A 1 111 ? 0.802   2.357   -3.766  1.00 35.75 ? 111 MET A CB  1 
ATOM   749  C CG  . MET A 1 111 ? -0.091  1.527   -2.873  1.00 38.16 ? 111 MET A CG  1 
ATOM   750  S SD  . MET A 1 111 ? -0.855  2.470   -1.524  1.00 45.22 ? 111 MET A SD  1 
ATOM   751  C CE  . MET A 1 111 ? -2.584  2.052   -1.704  1.00 43.65 ? 111 MET A CE  1 
ATOM   752  N N   . HIS A 1 112 ? 2.017   3.322   -6.389  1.00 34.57 ? 112 HIS A N   1 
ATOM   753  C CA  . HIS A 1 112 ? 2.969   4.061   -7.206  1.00 36.88 ? 112 HIS A CA  1 
ATOM   754  C C   . HIS A 1 112 ? 2.270   5.148   -8.015  1.00 40.02 ? 112 HIS A C   1 
ATOM   755  O O   . HIS A 1 112 ? 2.756   6.271   -8.090  1.00 43.96 ? 112 HIS A O   1 
ATOM   756  C CB  . HIS A 1 112 ? 3.699   3.163   -8.209  1.00 36.08 ? 112 HIS A CB  1 
ATOM   757  C CG  . HIS A 1 112 ? 5.091   2.801   -7.824  1.00 35.45 ? 112 HIS A CG  1 
ATOM   758  N ND1 . HIS A 1 112 ? 6.184   3.324   -8.476  1.00 34.80 ? 112 HIS A ND1 1 
ATOM   759  C CD2 . HIS A 1 112 ? 5.577   1.985   -6.880  1.00 36.00 ? 112 HIS A CD2 1 
ATOM   760  C CE1 . HIS A 1 112 ? 7.288   2.822   -7.936  1.00 36.66 ? 112 HIS A CE1 1 
ATOM   761  N NE2 . HIS A 1 112 ? 6.944   2.009   -6.962  1.00 35.60 ? 112 HIS A NE2 1 
ATOM   762  N N   . GLY A 1 113 ? 1.141   4.786   -8.629  1.00 41.85 ? 113 GLY A N   1 
ATOM   763  C CA  . GLY A 1 113 ? 0.422   5.675   -9.522  1.00 41.12 ? 113 GLY A CA  1 
ATOM   764  C C   . GLY A 1 113 ? -0.551  6.595   -8.790  1.00 40.70 ? 113 GLY A C   1 
ATOM   765  O O   . GLY A 1 113 ? -0.822  7.687   -9.266  1.00 43.34 ? 113 GLY A O   1 
ATOM   766  N N   . ALA A 1 114 ? -1.093  6.162   -7.649  1.00 41.70 ? 114 ALA A N   1 
ATOM   767  C CA  . ALA A 1 114 ? -2.059  6.979   -6.932  1.00 42.67 ? 114 ALA A CA  1 
ATOM   768  C C   . ALA A 1 114 ? -1.334  8.091   -6.174  1.00 45.59 ? 114 ALA A C   1 
ATOM   769  O O   . ALA A 1 114 ? -1.784  9.241   -6.173  1.00 43.44 ? 114 ALA A O   1 
ATOM   770  C CB  . ALA A 1 114 ? -2.888  6.123   -6.008  1.00 42.49 ? 114 ALA A CB  1 
ATOM   771  N N   . ILE A 1 115 ? -0.188  7.746   -5.569  1.00 44.46 ? 115 ILE A N   1 
ATOM   772  C CA  . ILE A 1 115 ? 0.453   8.637   -4.618  1.00 45.29 ? 115 ILE A CA  1 
ATOM   773  C C   . ILE A 1 115 ? 1.225   9.730   -5.357  1.00 46.18 ? 115 ILE A C   1 
ATOM   774  O O   . ILE A 1 115 ? 1.463   10.791  -4.786  1.00 47.00 ? 115 ILE A O   1 
ATOM   775  C CB  . ILE A 1 115 ? 1.347   7.844   -3.641  1.00 45.34 ? 115 ILE A CB  1 
ATOM   776  C CG1 . ILE A 1 115 ? 0.518   6.978   -2.691  1.00 43.89 ? 115 ILE A CG1 1 
ATOM   777  C CG2 . ILE A 1 115 ? 2.276   8.763   -2.860  1.00 46.21 ? 115 ILE A CG2 1 
ATOM   778  C CD1 . ILE A 1 115 ? 1.347   6.094   -1.783  1.00 43.06 ? 115 ILE A CD1 1 
ATOM   779  N N   . ARG A 1 116 ? 1.614   9.480   -6.614  1.00 45.77 ? 116 ARG A N   1 
ATOM   780  C CA  . ARG A 1 116 ? 2.520   10.379  -7.321  1.00 47.65 ? 116 ARG A CA  1 
ATOM   781  C C   . ARG A 1 116 ? 1.832   11.687  -7.708  1.00 46.65 ? 116 ARG A C   1 
ATOM   782  O O   . ARG A 1 116 ? 2.515   12.679  -7.943  1.00 43.77 ? 116 ARG A O   1 
ATOM   783  C CB  . ARG A 1 116 ? 3.075   9.728   -8.592  1.00 48.79 ? 116 ARG A CB  1 
ATOM   784  C CG  . ARG A 1 116 ? 2.023   9.431   -9.649  1.00 51.25 ? 116 ARG A CG  1 
ATOM   785  C CD  . ARG A 1 116 ? 2.565   8.578   -10.778 1.00 54.71 ? 116 ARG A CD  1 
ATOM   786  N NE  . ARG A 1 116 ? 3.526   9.309   -11.590 1.00 56.30 ? 116 ARG A NE  1 
ATOM   787  C CZ  . ARG A 1 116 ? 4.344   8.757   -12.482 1.00 54.94 ? 116 ARG A CZ  1 
ATOM   788  N NH1 . ARG A 1 116 ? 4.397   7.443   -12.631 1.00 51.34 ? 116 ARG A NH1 1 
ATOM   789  N NH2 . ARG A 1 116 ? 5.134   9.533   -13.203 1.00 57.57 ? 116 ARG A NH2 1 
ATOM   790  N N   . ASN A 1 117 ? 0.495   11.672  -7.807  1.00 49.78 ? 117 ASN A N   1 
ATOM   791  C CA  . ASN A 1 117 ? -0.249  12.813  -8.318  1.00 53.41 ? 117 ASN A CA  1 
ATOM   792  C C   . ASN A 1 117 ? -1.221  13.355  -7.271  1.00 53.61 ? 117 ASN A C   1 
ATOM   793  O O   . ASN A 1 117 ? -2.109  14.146  -7.591  1.00 53.43 ? 117 ASN A O   1 
ATOM   794  C CB  . ASN A 1 117 ? -1.018  12.461  -9.596  1.00 53.32 ? 117 ASN A CB  1 
ATOM   795  C CG  . ASN A 1 117 ? -0.130  12.267  -10.807 1.00 52.90 ? 117 ASN A CG  1 
ATOM   796  O OD1 . ASN A 1 117 ? 0.748   13.076  -11.101 1.00 53.28 ? 117 ASN A OD1 1 
ATOM   797  N ND2 . ASN A 1 117 ? -0.365  11.185  -11.524 1.00 54.62 ? 117 ASN A ND2 1 
ATOM   798  N N   . LEU A 1 118 ? -1.068  12.936  -6.016  1.00 50.77 ? 118 LEU A N   1 
ATOM   799  C CA  . LEU A 1 118 ? -1.871  13.512  -4.955  1.00 49.68 ? 118 LEU A CA  1 
ATOM   800  C C   . LEU A 1 118 ? -1.360  14.921  -4.676  1.00 48.96 ? 118 LEU A C   1 
ATOM   801  O O   . LEU A 1 118 ? -0.155  15.140  -4.751  1.00 48.75 ? 118 LEU A O   1 
ATOM   802  C CB  . LEU A 1 118 ? -1.763  12.624  -3.714  1.00 50.11 ? 118 LEU A CB  1 
ATOM   803  C CG  . LEU A 1 118 ? -2.632  11.369  -3.731  1.00 48.96 ? 118 LEU A CG  1 
ATOM   804  C CD1 . LEU A 1 118 ? -2.190  10.401  -2.646  1.00 51.08 ? 118 LEU A CD1 1 
ATOM   805  C CD2 . LEU A 1 118 ? -4.103  11.725  -3.562  1.00 44.84 ? 118 LEU A CD2 1 
ATOM   806  N N   . PRO A 1 119 ? -2.239  15.906  -4.360  1.00 50.17 ? 119 PRO A N   1 
ATOM   807  C CA  . PRO A 1 119 ? -1.788  17.229  -3.922  1.00 50.52 ? 119 PRO A CA  1 
ATOM   808  C C   . PRO A 1 119 ? -0.975  17.149  -2.631  1.00 51.84 ? 119 PRO A C   1 
ATOM   809  O O   . PRO A 1 119 ? -0.984  16.121  -1.952  1.00 53.27 ? 119 PRO A O   1 
ATOM   810  C CB  . PRO A 1 119 ? -3.085  18.024  -3.703  1.00 51.33 ? 119 PRO A CB  1 
ATOM   811  C CG  . PRO A 1 119 ? -4.168  16.966  -3.551  1.00 50.01 ? 119 PRO A CG  1 
ATOM   812  C CD  . PRO A 1 119 ? -3.709  15.805  -4.405  1.00 50.14 ? 119 PRO A CD  1 
ATOM   813  N N   . SER A 1 120 ? -0.271  18.242  -2.310  1.00 51.19 ? 120 SER A N   1 
ATOM   814  C CA  . SER A 1 120 ? 0.624   18.274  -1.163  1.00 50.99 ? 120 SER A CA  1 
ATOM   815  C C   . SER A 1 120 ? -0.148  18.097  0.146   1.00 52.31 ? 120 SER A C   1 
ATOM   816  O O   . SER A 1 120 ? 0.360   17.462  1.071   1.00 52.16 ? 120 SER A O   1 
ATOM   817  C CB  . SER A 1 120 ? 1.430   19.539  -1.156  1.00 51.98 ? 120 SER A CB  1 
ATOM   818  O OG  . SER A 1 120 ? 2.167   19.663  -2.357  1.00 51.69 ? 120 SER A OG  1 
ATOM   819  N N   . ASN A 1 121 ? -1.364  18.660  0.218   1.00 49.65 ? 121 ASN A N   1 
ATOM   820  C CA  . ASN A 1 121 ? -2.252  18.458  1.352   1.00 51.36 ? 121 ASN A CA  1 
ATOM   821  C C   . ASN A 1 121 ? -2.254  16.996  1.771   1.00 48.80 ? 121 ASN A C   1 
ATOM   822  O O   . ASN A 1 121 ? -2.031  16.671  2.929   1.00 45.51 ? 121 ASN A O   1 
ATOM   823  C CB  . ASN A 1 121 ? -3.709  18.776  1.023   1.00 61.70 ? 121 ASN A CB  1 
ATOM   824  C CG  . ASN A 1 121 ? -3.875  20.125  0.369   1.00 72.97 ? 121 ASN A CG  1 
ATOM   825  O OD1 . ASN A 1 121 ? -3.750  21.154  1.030   1.00 84.68 ? 121 ASN A OD1 1 
ATOM   826  N ND2 . ASN A 1 121 ? -4.152  20.122  -0.926  1.00 76.27 ? 121 ASN A ND2 1 
ATOM   827  N N   . VAL A 1 122 ? -2.516  16.124  0.795   1.00 49.45 ? 122 VAL A N   1 
ATOM   828  C CA  . VAL A 1 122 ? -2.728  14.714  1.054   1.00 47.35 ? 122 VAL A CA  1 
ATOM   829  C C   . VAL A 1 122 ? -1.377  14.024  1.218   1.00 47.39 ? 122 VAL A C   1 
ATOM   830  O O   . VAL A 1 122 ? -1.225  13.236  2.141   1.00 50.29 ? 122 VAL A O   1 
ATOM   831  C CB  . VAL A 1 122 ? -3.575  14.065  -0.057  1.00 50.17 ? 122 VAL A CB  1 
ATOM   832  C CG1 . VAL A 1 122 ? -3.958  12.631  0.284   1.00 52.27 ? 122 VAL A CG1 1 
ATOM   833  C CG2 . VAL A 1 122 ? -4.826  14.874  -0.354  1.00 50.69 ? 122 VAL A CG2 1 
ATOM   834  N N   . GLN A 1 123 ? -0.400  14.318  0.344   1.00 46.64 ? 123 GLN A N   1 
ATOM   835  C CA  . GLN A 1 123 ? 0.887   13.632  0.378   1.00 46.98 ? 123 GLN A CA  1 
ATOM   836  C C   . GLN A 1 123 ? 1.556   13.793  1.737   1.00 45.46 ? 123 GLN A C   1 
ATOM   837  O O   . GLN A 1 123 ? 2.278   12.900  2.180   1.00 41.33 ? 123 GLN A O   1 
ATOM   838  C CB  . GLN A 1 123 ? 1.860   14.159  -0.679  1.00 52.68 ? 123 GLN A CB  1 
ATOM   839  C CG  . GLN A 1 123 ? 1.986   13.273  -1.913  1.00 54.70 ? 123 GLN A CG  1 
ATOM   840  C CD  . GLN A 1 123 ? 3.083   13.734  -2.844  1.00 53.95 ? 123 GLN A CD  1 
ATOM   841  O OE1 . GLN A 1 123 ? 3.882   14.609  -2.519  1.00 53.14 ? 123 GLN A OE1 1 
ATOM   842  N NE2 . GLN A 1 123 ? 3.132   13.139  -4.023  1.00 55.33 ? 123 GLN A NE2 1 
ATOM   843  N N   . ASN A 1 124 ? 1.324   14.948  2.372   1.00 47.23 ? 124 ASN A N   1 
ATOM   844  C CA  . ASN A 1 124 ? 2.048   15.330  3.572   1.00 50.34 ? 124 ASN A CA  1 
ATOM   845  C C   . ASN A 1 124 ? 1.499   14.583  4.785   1.00 44.03 ? 124 ASN A C   1 
ATOM   846  O O   . ASN A 1 124 ? 2.126   14.582  5.845   1.00 39.35 ? 124 ASN A O   1 
ATOM   847  C CB  . ASN A 1 124 ? 2.016   16.850  3.762   1.00 59.13 ? 124 ASN A CB  1 
ATOM   848  C CG  . ASN A 1 124 ? 2.904   17.597  2.783   1.00 65.66 ? 124 ASN A CG  1 
ATOM   849  O OD1 . ASN A 1 124 ? 3.745   16.999  2.112   1.00 67.89 ? 124 ASN A OD1 1 
ATOM   850  N ND2 . ASN A 1 124 ? 2.737   18.909  2.707   1.00 68.24 ? 124 ASN A ND2 1 
ATOM   851  N N   . MET A 1 125 ? 0.321   13.970  4.607   1.00 42.11 ? 125 MET A N   1 
ATOM   852  C CA  . MET A 1 125 ? -0.307  13.125  5.611   1.00 41.05 ? 125 MET A CA  1 
ATOM   853  C C   . MET A 1 125 ? 0.257   11.705  5.540   1.00 35.16 ? 125 MET A C   1 
ATOM   854  O O   . MET A 1 125 ? 0.178   10.955  6.505   1.00 33.91 ? 125 MET A O   1 
ATOM   855  C CB  . MET A 1 125 ? -1.824  13.076  5.393   1.00 42.81 ? 125 MET A CB  1 
ATOM   856  C CG  . MET A 1 125 ? -2.514  14.417  5.599   1.00 43.43 ? 125 MET A CG  1 
ATOM   857  S SD  . MET A 1 125 ? -4.323  14.370  5.326   1.00 49.37 ? 125 MET A SD  1 
ATOM   858  C CE  . MET A 1 125 ? -4.878  13.482  6.780   1.00 47.38 ? 125 MET A CE  1 
ATOM   859  N N   . ILE A 1 126 ? 0.823   11.335  4.390   1.00 33.24 ? 126 ILE A N   1 
ATOM   860  C CA  . ILE A 1 126 ? 1.390   10.007  4.217   1.00 35.47 ? 126 ILE A CA  1 
ATOM   861  C C   . ILE A 1 126 ? 2.796   10.026  4.799   1.00 36.00 ? 126 ILE A C   1 
ATOM   862  O O   . ILE A 1 126 ? 3.707   10.572  4.182   1.00 39.36 ? 126 ILE A O   1 
ATOM   863  C CB  . ILE A 1 126 ? 1.399   9.546   2.738   1.00 33.64 ? 126 ILE A CB  1 
ATOM   864  C CG1 . ILE A 1 126 ? 0.062   9.809   2.044   1.00 33.81 ? 126 ILE A CG1 1 
ATOM   865  C CG2 . ILE A 1 126 ? 1.785   8.076   2.632   1.00 31.95 ? 126 ILE A CG2 1 
ATOM   866  C CD1 . ILE A 1 126 ? 0.072   9.498   0.575   1.00 34.51 ? 126 ILE A CD1 1 
ATOM   867  N N   . LYS A 1 127 ? 2.964   9.416   5.974   1.00 36.53 ? 127 LYS A N   1 
ATOM   868  C CA  . LYS A 1 127 ? 4.240   9.465   6.668   1.00 38.87 ? 127 LYS A CA  1 
ATOM   869  C C   . LYS A 1 127 ? 5.156   8.353   6.163   1.00 36.93 ? 127 LYS A C   1 
ATOM   870  O O   . LYS A 1 127 ? 6.379   8.512   6.173   1.00 38.43 ? 127 LYS A O   1 
ATOM   871  C CB  . LYS A 1 127 ? 4.027   9.370   8.181   1.00 41.35 ? 127 LYS A CB  1 
ATOM   872  C CG  . LYS A 1 127 ? 3.068   10.398  8.769   1.00 45.02 ? 127 LYS A CG  1 
ATOM   873  C CD  . LYS A 1 127 ? 3.397   11.829  8.364   1.00 50.54 ? 127 LYS A CD  1 
ATOM   874  C CE  . LYS A 1 127 ? 2.764   12.872  9.264   1.00 55.42 ? 127 LYS A CE  1 
ATOM   875  N NZ  . LYS A 1 127 ? 2.280   14.042  8.486   1.00 58.72 ? 127 LYS A NZ  1 
ATOM   876  N N   . GLY A 1 128 ? 4.562   7.237   5.722   1.00 34.94 ? 128 GLY A N   1 
ATOM   877  C CA  . GLY A 1 128 ? 5.328   6.046   5.395   1.00 35.44 ? 128 GLY A CA  1 
ATOM   878  C C   . GLY A 1 128 ? 4.644   5.206   4.318   1.00 36.69 ? 128 GLY A C   1 
ATOM   879  O O   . GLY A 1 128 ? 3.428   5.037   4.335   1.00 34.51 ? 128 GLY A O   1 
ATOM   880  N N   . VAL A 1 129 ? 5.446   4.683   3.385   1.00 38.74 ? 129 VAL A N   1 
ATOM   881  C CA  . VAL A 1 129 ? 4.944   3.787   2.357   1.00 39.97 ? 129 VAL A CA  1 
ATOM   882  C C   . VAL A 1 129 ? 5.812   2.537   2.343   1.00 37.96 ? 129 VAL A C   1 
ATOM   883  O O   . VAL A 1 129 ? 7.027   2.656   2.409   1.00 38.33 ? 129 VAL A O   1 
ATOM   884  C CB  . VAL A 1 129 ? 4.935   4.463   0.977   1.00 42.14 ? 129 VAL A CB  1 
ATOM   885  C CG1 . VAL A 1 129 ? 4.361   3.549   -0.093  1.00 44.30 ? 129 VAL A CG1 1 
ATOM   886  C CG2 . VAL A 1 129 ? 4.174   5.771   1.011   1.00 43.80 ? 129 VAL A CG2 1 
ATOM   887  N N   . VAL A 1 130 ? 5.177   1.361   2.270   1.00 37.29 ? 130 VAL A N   1 
ATOM   888  C CA  . VAL A 1 130 ? 5.900   0.106   2.174   1.00 42.11 ? 130 VAL A CA  1 
ATOM   889  C C   . VAL A 1 130 ? 5.435   -0.618  0.921   1.00 42.70 ? 130 VAL A C   1 
ATOM   890  O O   . VAL A 1 130 ? 4.237   -0.732  0.685   1.00 44.79 ? 130 VAL A O   1 
ATOM   891  C CB  . VAL A 1 130 ? 5.718   -0.793  3.414   1.00 46.57 ? 130 VAL A CB  1 
ATOM   892  C CG1 . VAL A 1 130 ? 6.581   -0.350  4.586   1.00 48.24 ? 130 VAL A CG1 1 
ATOM   893  C CG2 . VAL A 1 130 ? 4.265   -0.900  3.836   1.00 47.73 ? 130 VAL A CG2 1 
ATOM   894  N N   . LEU A 1 131 ? 6.396   -1.126  0.143   1.00 42.23 ? 131 LEU A N   1 
ATOM   895  C CA  . LEU A 1 131 ? 6.084   -1.827  -1.089  1.00 41.50 ? 131 LEU A CA  1 
ATOM   896  C C   . LEU A 1 131 ? 6.863   -3.135  -1.140  1.00 38.65 ? 131 LEU A C   1 
ATOM   897  O O   . LEU A 1 131 ? 8.077   -3.137  -1.005  1.00 36.21 ? 131 LEU A O   1 
ATOM   898  C CB  . LEU A 1 131 ? 6.435   -0.932  -2.278  1.00 43.91 ? 131 LEU A CB  1 
ATOM   899  C CG  . LEU A 1 131 ? 5.804   0.462   -2.289  1.00 45.26 ? 131 LEU A CG  1 
ATOM   900  C CD1 . LEU A 1 131 ? 6.445   1.312   -3.372  1.00 49.26 ? 131 LEU A CD1 1 
ATOM   901  C CD2 . LEU A 1 131 ? 4.302   0.409   -2.515  1.00 44.15 ? 131 LEU A CD2 1 
ATOM   902  N N   . PHE A 1 132 ? 6.126   -4.233  -1.335  1.00 39.43 ? 132 PHE A N   1 
ATOM   903  C CA  . PHE A 1 132 ? 6.667   -5.577  -1.391  1.00 39.80 ? 132 PHE A CA  1 
ATOM   904  C C   . PHE A 1 132 ? 6.511   -6.082  -2.811  1.00 37.86 ? 132 PHE A C   1 
ATOM   905  O O   . PHE A 1 132 ? 5.423   -5.984  -3.371  1.00 38.55 ? 132 PHE A O   1 
ATOM   906  C CB  . PHE A 1 132 ? 5.884   -6.554  -0.508  1.00 44.09 ? 132 PHE A CB  1 
ATOM   907  C CG  . PHE A 1 132 ? 5.603   -6.084  0.899   1.00 48.85 ? 132 PHE A CG  1 
ATOM   908  C CD1 . PHE A 1 132 ? 4.604   -5.154  1.157   1.00 50.72 ? 132 PHE A CD1 1 
ATOM   909  C CD2 . PHE A 1 132 ? 6.339   -6.568  1.968   1.00 49.96 ? 132 PHE A CD2 1 
ATOM   910  C CE1 . PHE A 1 132 ? 4.340   -4.730  2.448   1.00 50.30 ? 132 PHE A CE1 1 
ATOM   911  C CE2 . PHE A 1 132 ? 6.072   -6.144  3.261   1.00 50.61 ? 132 PHE A CE2 1 
ATOM   912  C CZ  . PHE A 1 132 ? 5.073   -5.229  3.499   1.00 51.33 ? 132 PHE A CZ  1 
ATOM   913  N N   . GLY A 1 133 ? 7.581   -6.643  -3.369  1.00 36.45 ? 133 GLY A N   1 
ATOM   914  C CA  . GLY A 1 133 ? 7.497   -7.233  -4.693  1.00 38.68 ? 133 GLY A CA  1 
ATOM   915  C C   . GLY A 1 133 ? 6.959   -6.234  -5.713  1.00 41.98 ? 133 GLY A C   1 
ATOM   916  O O   . GLY A 1 133 ? 6.126   -6.593  -6.542  1.00 44.23 ? 133 GLY A O   1 
ATOM   917  N N   . ASP A 1 134 ? 7.459   -4.987  -5.625  1.00 42.97 ? 134 ASP A N   1 
ATOM   918  C CA  . ASP A 1 134 ? 7.009   -3.864  -6.436  1.00 39.60 ? 134 ASP A CA  1 
ATOM   919  C C   . ASP A 1 134 ? 7.261   -4.159  -7.914  1.00 38.81 ? 134 ASP A C   1 
ATOM   920  O O   . ASP A 1 134 ? 8.391   -4.431  -8.307  1.00 37.09 ? 134 ASP A O   1 
ATOM   921  C CB  . ASP A 1 134 ? 7.713   -2.588  -5.976  1.00 40.05 ? 134 ASP A CB  1 
ATOM   922  C CG  . ASP A 1 134 ? 7.144   -1.307  -6.560  1.00 43.26 ? 134 ASP A CG  1 
ATOM   923  O OD1 . ASP A 1 134 ? 6.421   -1.392  -7.577  1.00 46.49 ? 134 ASP A OD1 1 
ATOM   924  O OD2 . ASP A 1 134 ? 7.408   -0.233  -5.971  1.00 43.00 ? 134 ASP A OD2 1 
ATOM   925  N N   . THR A 1 135 ? 6.200   -4.103  -8.731  1.00 41.98 ? 135 THR A N   1 
ATOM   926  C CA  . THR A 1 135 ? 6.296   -4.434  -10.150 1.00 42.88 ? 135 THR A CA  1 
ATOM   927  C C   . THR A 1 135 ? 6.784   -3.232  -10.958 1.00 43.90 ? 135 THR A C   1 
ATOM   928  O O   . THR A 1 135 ? 6.980   -3.368  -12.167 1.00 44.03 ? 135 THR A O   1 
ATOM   929  C CB  . THR A 1 135 ? 4.970   -4.966  -10.717 1.00 40.27 ? 135 THR A CB  1 
ATOM   930  O OG1 . THR A 1 135 ? 3.935   -4.010  -10.482 1.00 38.22 ? 135 THR A OG1 1 
ATOM   931  C CG2 . THR A 1 135 ? 4.583   -6.300  -10.118 1.00 38.95 ? 135 THR A CG2 1 
ATOM   932  N N   . ARG A 1 136 ? 7.003   -2.092  -10.270 1.00 44.46 ? 136 ARG A N   1 
ATOM   933  C CA  . ARG A 1 136 ? 7.411   -0.840  -10.888 1.00 46.63 ? 136 ARG A CA  1 
ATOM   934  C C   . ARG A 1 136 ? 8.731   -0.356  -10.301 1.00 44.67 ? 136 ARG A C   1 
ATOM   935  O O   . ARG A 1 136 ? 9.069   0.818   -10.418 1.00 44.09 ? 136 ARG A O   1 
ATOM   936  C CB  . ARG A 1 136 ? 6.352   0.246   -10.670 1.00 48.82 ? 136 ARG A CB  1 
ATOM   937  C CG  . ARG A 1 136 ? 4.958   -0.135  -11.139 1.00 53.84 ? 136 ARG A CG  1 
ATOM   938  C CD  . ARG A 1 136 ? 4.868   -0.548  -12.599 1.00 57.63 ? 136 ARG A CD  1 
ATOM   939  N NE  . ARG A 1 136 ? 5.064   0.562   -13.519 1.00 59.80 ? 136 ARG A NE  1 
ATOM   940  C CZ  . ARG A 1 136 ? 4.884   0.475   -14.832 1.00 62.42 ? 136 ARG A CZ  1 
ATOM   941  N NH1 . ARG A 1 136 ? 5.044   1.546   -15.590 1.00 64.55 ? 136 ARG A NH1 1 
ATOM   942  N NH2 . ARG A 1 136 ? 4.527   -0.677  -15.381 1.00 60.15 ? 136 ARG A NH2 1 
ATOM   943  N N   . ASN A 1 137 ? 9.487   -1.273  -9.698  1.00 44.11 ? 137 ASN A N   1 
ATOM   944  C CA  . ASN A 1 137 ? 10.736  -0.928  -9.043  1.00 45.23 ? 137 ASN A CA  1 
ATOM   945  C C   . ASN A 1 137 ? 11.743  -0.389  -10.064 1.00 50.23 ? 137 ASN A C   1 
ATOM   946  O O   . ASN A 1 137 ? 12.474  0.556   -9.772  1.00 53.30 ? 137 ASN A O   1 
ATOM   947  C CB  . ASN A 1 137 ? 11.258  -2.131  -8.258  1.00 43.30 ? 137 ASN A CB  1 
ATOM   948  C CG  . ASN A 1 137 ? 12.632  -1.908  -7.675  1.00 42.99 ? 137 ASN A CG  1 
ATOM   949  O OD1 . ASN A 1 137 ? 12.828  -1.000  -6.873  1.00 47.41 ? 137 ASN A OD1 1 
ATOM   950  N ND2 . ASN A 1 137 ? 13.590  -2.720  -8.084  1.00 41.59 ? 137 ASN A ND2 1 
ATOM   951  N N   . LYS A 1 138 ? 11.746  -0.950  -11.264 1.00 52.65 ? 138 LYS A N   1 
ATOM   952  C CA  . LYS A 1 138 ? 12.752  -0.544  -12.275 1.00 56.07 ? 138 LYS A CA  1 
ATOM   953  C C   . LYS A 1 138 ? 12.165  0.547   -13.166 1.00 51.07 ? 138 LYS A C   1 
ATOM   954  O O   . LYS A 1 138 ? 12.933  1.359   -13.696 1.00 47.12 ? 138 LYS A O   1 
ATOM   955  C CB  . LYS A 1 138 ? 13.161  -1.768  -13.094 1.00 62.17 ? 138 LYS A CB  1 
ATOM   956  C CG  . LYS A 1 138 ? 14.426  -1.615  -13.924 1.00 69.86 ? 138 LYS A CG  1 
ATOM   957  C CD  . LYS A 1 138 ? 14.198  -1.844  -15.402 1.00 74.75 ? 138 LYS A CD  1 
ATOM   958  C CE  . LYS A 1 138 ? 14.830  -3.122  -15.911 1.00 73.38 ? 138 LYS A CE  1 
ATOM   959  N NZ  . LYS A 1 138 ? 15.543  -3.849  -14.836 1.00 76.26 ? 138 LYS A NZ  1 
ATOM   960  N N   . GLN A 1 139 ? 10.848  0.560   -13.318 1.00 50.34 ? 139 GLN A N   1 
ATOM   961  C CA  . GLN A 1 139 ? 10.239  1.525   -14.212 1.00 52.98 ? 139 GLN A CA  1 
ATOM   962  C C   . GLN A 1 139 ? 10.227  2.896   -13.545 1.00 51.92 ? 139 GLN A C   1 
ATOM   963  O O   . GLN A 1 139 ? 10.045  3.888   -14.235 1.00 61.91 ? 139 GLN A O   1 
ATOM   964  C CB  . GLN A 1 139 ? 8.828   1.094   -14.621 1.00 55.62 ? 139 GLN A CB  1 
ATOM   965  C CG  . GLN A 1 139 ? 8.776   -0.256  -15.329 1.00 58.62 ? 139 GLN A CG  1 
ATOM   966  C CD  . GLN A 1 139 ? 8.631   -1.423  -14.376 1.00 61.97 ? 139 GLN A CD  1 
ATOM   967  O OE1 . GLN A 1 139 ? 9.320   -1.515  -13.360 1.00 64.49 ? 139 GLN A OE1 1 
ATOM   968  N NE2 . GLN A 1 139 ? 7.713   -2.325  -14.685 1.00 62.76 ? 139 GLN A NE2 1 
ATOM   969  N N   . ASP A 1 140 ? 10.411  2.937   -12.218 1.00 48.70 ? 140 ASP A N   1 
ATOM   970  C CA  . ASP A 1 140 ? 10.333  4.167   -11.448 1.00 45.97 ? 140 ASP A CA  1 
ATOM   971  C C   . ASP A 1 140 ? 11.591  4.373   -10.606 1.00 45.75 ? 140 ASP A C   1 
ATOM   972  O O   . ASP A 1 140 ? 11.670  5.340   -9.843  1.00 44.28 ? 140 ASP A O   1 
ATOM   973  C CB  . ASP A 1 140 ? 9.099   4.167   -10.543 1.00 47.93 ? 140 ASP A CB  1 
ATOM   974  C CG  . ASP A 1 140 ? 7.775   4.445   -11.243 1.00 50.89 ? 140 ASP A CG  1 
ATOM   975  O OD1 . ASP A 1 140 ? 7.719   5.386   -12.064 1.00 53.75 ? 140 ASP A OD1 1 
ATOM   976  O OD2 . ASP A 1 140 ? 6.786   3.756   -10.920 1.00 52.40 ? 140 ASP A OD2 1 
ATOM   977  N N   . GLY A 1 141 ? 12.562  3.459   -10.738 1.00 45.98 ? 141 GLY A N   1 
ATOM   978  C CA  . GLY A 1 141 ? 13.882  3.633   -10.152 1.00 44.63 ? 141 GLY A CA  1 
ATOM   979  C C   . GLY A 1 141 ? 13.886  3.484   -8.633  1.00 44.46 ? 141 GLY A C   1 
ATOM   980  O O   . GLY A 1 141 ? 14.472  4.307   -7.937  1.00 44.60 ? 141 GLY A O   1 
ATOM   981  N N   . GLY A 1 142 ? 13.235  2.424   -8.138  1.00 43.69 ? 142 GLY A N   1 
ATOM   982  C CA  . GLY A 1 142 ? 13.219  2.105   -6.722  1.00 40.59 ? 142 GLY A CA  1 
ATOM   983  C C   . GLY A 1 142 ? 12.618  3.229   -5.882  1.00 40.63 ? 142 GLY A C   1 
ATOM   984  O O   . GLY A 1 142 ? 13.014  3.414   -4.736  1.00 39.91 ? 142 GLY A O   1 
ATOM   985  N N   . ARG A 1 143 ? 11.653  3.969   -6.439  1.00 40.93 ? 143 ARG A N   1 
ATOM   986  C CA  . ARG A 1 143 ? 10.966  4.995   -5.672  1.00 43.43 ? 143 ARG A CA  1 
ATOM   987  C C   . ARG A 1 143 ? 9.606   5.299   -6.283  1.00 42.67 ? 143 ARG A C   1 
ATOM   988  O O   . ARG A 1 143 ? 9.294   4.846   -7.380  1.00 40.25 ? 143 ARG A O   1 
ATOM   989  C CB  . ARG A 1 143 ? 11.777  6.292   -5.649  1.00 47.98 ? 143 ARG A CB  1 
ATOM   990  C CG  . ARG A 1 143 ? 11.919  6.951   -7.014  1.00 52.77 ? 143 ARG A CG  1 
ATOM   991  C CD  . ARG A 1 143 ? 12.552  8.331   -6.961  1.00 55.89 ? 143 ARG A CD  1 
ATOM   992  N NE  . ARG A 1 143 ? 11.589  9.418   -6.809  1.00 57.70 ? 143 ARG A NE  1 
ATOM   993  C CZ  . ARG A 1 143 ? 11.528  10.249  -5.773  1.00 59.00 ? 143 ARG A CZ  1 
ATOM   994  N NH1 . ARG A 1 143 ? 12.172  9.973   -4.657  1.00 65.09 ? 143 ARG A NH1 1 
ATOM   995  N NH2 . ARG A 1 143 ? 10.784  11.339  -5.834  1.00 60.04 ? 143 ARG A NH2 1 
ATOM   996  N N   . ILE A 1 144 ? 8.828   6.110   -5.559  1.00 43.79 ? 144 ILE A N   1 
ATOM   997  C CA  . ILE A 1 144 ? 7.618   6.711   -6.093  1.00 45.76 ? 144 ILE A CA  1 
ATOM   998  C C   . ILE A 1 144 ? 7.983   8.054   -6.717  1.00 43.72 ? 144 ILE A C   1 
ATOM   999  O O   . ILE A 1 144 ? 8.512   8.931   -6.042  1.00 44.08 ? 144 ILE A O   1 
ATOM   1000 C CB  . ILE A 1 144 ? 6.535   6.876   -5.010  1.00 48.21 ? 144 ILE A CB  1 
ATOM   1001 C CG1 . ILE A 1 144 ? 6.037   5.522   -4.503  1.00 50.13 ? 144 ILE A CG1 1 
ATOM   1002 C CG2 . ILE A 1 144 ? 5.382   7.735   -5.517  1.00 47.30 ? 144 ILE A CG2 1 
ATOM   1003 C CD1 . ILE A 1 144 ? 4.920   5.629   -3.496  1.00 50.67 ? 144 ILE A CD1 1 
ATOM   1004 N N   . PRO A 1 145 ? 7.715   8.255   -8.023  1.00 42.60 ? 145 PRO A N   1 
ATOM   1005 C CA  . PRO A 1 145 ? 7.810   9.573   -8.633  1.00 42.93 ? 145 PRO A CA  1 
ATOM   1006 C C   . PRO A 1 145 ? 7.061   10.600  -7.811  1.00 43.48 ? 145 PRO A C   1 
ATOM   1007 O O   . PRO A 1 145 ? 5.878   10.423  -7.549  1.00 41.94 ? 145 PRO A O   1 
ATOM   1008 C CB  . PRO A 1 145 ? 7.105   9.434   -9.984  1.00 43.72 ? 145 PRO A CB  1 
ATOM   1009 C CG  . PRO A 1 145 ? 6.451   8.064   -9.918  1.00 45.01 ? 145 PRO A CG  1 
ATOM   1010 C CD  . PRO A 1 145 ? 7.320   7.235   -8.998  1.00 42.92 ? 145 PRO A CD  1 
ATOM   1011 N N   . ASN A 1 146 ? 7.795   11.637  -7.406  1.00 48.57 ? 146 ASN A N   1 
ATOM   1012 C CA  . ASN A 1 146 ? 7.225   12.845  -6.838  1.00 53.04 ? 146 ASN A CA  1 
ATOM   1013 C C   . ASN A 1 146 ? 6.791   12.587  -5.394  1.00 46.21 ? 146 ASN A C   1 
ATOM   1014 O O   . ASN A 1 146 ? 5.863   13.224  -4.900  1.00 42.19 ? 146 ASN A O   1 
ATOM   1015 C CB  . ASN A 1 146 ? 6.102   13.371  -7.735  1.00 60.33 ? 146 ASN A CB  1 
ATOM   1016 C CG  . ASN A 1 146 ? 5.690   14.785  -7.402  1.00 71.12 ? 146 ASN A CG  1 
ATOM   1017 O OD1 . ASN A 1 146 ? 6.377   15.483  -6.654  1.00 79.90 ? 146 ASN A OD1 1 
ATOM   1018 N ND2 . ASN A 1 146 ? 4.567   15.211  -7.956  1.00 77.92 ? 146 ASN A ND2 1 
ATOM   1019 N N   . PHE A 1 147 ? 7.488   11.670  -4.712  1.00 42.92 ? 147 PHE A N   1 
ATOM   1020 C CA  . PHE A 1 147 ? 7.185   11.372  -3.324  1.00 45.57 ? 147 PHE A CA  1 
ATOM   1021 C C   . PHE A 1 147 ? 8.454   11.136  -2.517  1.00 49.88 ? 147 PHE A C   1 
ATOM   1022 O O   . PHE A 1 147 ? 9.227   10.240  -2.852  1.00 46.55 ? 147 PHE A O   1 
ATOM   1023 C CB  . PHE A 1 147 ? 6.373   10.092  -3.187  1.00 45.19 ? 147 PHE A CB  1 
ATOM   1024 C CG  . PHE A 1 147 ? 5.926   9.829   -1.777  1.00 44.41 ? 147 PHE A CG  1 
ATOM   1025 C CD1 . PHE A 1 147 ? 4.820   10.471  -1.255  1.00 45.57 ? 147 PHE A CD1 1 
ATOM   1026 C CD2 . PHE A 1 147 ? 6.637   8.976   -0.957  1.00 48.08 ? 147 PHE A CD2 1 
ATOM   1027 C CE1 . PHE A 1 147 ? 4.402   10.223  0.042   1.00 47.81 ? 147 PHE A CE1 1 
ATOM   1028 C CE2 . PHE A 1 147 ? 6.221   8.732   0.343   1.00 49.97 ? 147 PHE A CE2 1 
ATOM   1029 C CZ  . PHE A 1 147 ? 5.106   9.358   0.843   1.00 48.01 ? 147 PHE A CZ  1 
ATOM   1030 N N   . PRO A 1 148 ? 8.654   11.880  -1.399  1.00 54.36 ? 148 PRO A N   1 
ATOM   1031 C CA  . PRO A 1 148 ? 9.868   11.760  -0.581  1.00 52.48 ? 148 PRO A CA  1 
ATOM   1032 C C   . PRO A 1 148 ? 10.347  10.323  -0.405  1.00 49.09 ? 148 PRO A C   1 
ATOM   1033 O O   . PRO A 1 148 ? 9.568   9.423   -0.095  1.00 46.90 ? 148 PRO A O   1 
ATOM   1034 C CB  . PRO A 1 148 ? 9.444   12.394  0.750   1.00 50.02 ? 148 PRO A CB  1 
ATOM   1035 C CG  . PRO A 1 148 ? 8.469   13.478  0.319   1.00 51.75 ? 148 PRO A CG  1 
ATOM   1036 C CD  . PRO A 1 148 ? 7.730   12.901  -0.874  1.00 51.20 ? 148 PRO A CD  1 
ATOM   1037 N N   . THR A 1 149 ? 11.647  10.129  -0.623  1.00 47.77 ? 149 THR A N   1 
ATOM   1038 C CA  . THR A 1 149 ? 12.205  8.796   -0.756  1.00 48.66 ? 149 THR A CA  1 
ATOM   1039 C C   . THR A 1 149 ? 12.528  8.186   0.602   1.00 43.82 ? 149 THR A C   1 
ATOM   1040 O O   . THR A 1 149 ? 12.697  6.978   0.695   1.00 43.28 ? 149 THR A O   1 
ATOM   1041 C CB  . THR A 1 149 ? 13.478  8.792   -1.610  1.00 52.37 ? 149 THR A CB  1 
ATOM   1042 O OG1 . THR A 1 149 ? 13.718  7.410   -1.879  1.00 58.95 ? 149 THR A OG1 1 
ATOM   1043 C CG2 . THR A 1 149 ? 14.682  9.428   -0.943  1.00 52.78 ? 149 THR A CG2 1 
ATOM   1044 N N   . ASP A 1 150 ? 12.671  9.029   1.625   1.00 43.70 ? 150 ASP A N   1 
ATOM   1045 C CA  . ASP A 1 150 ? 13.040  8.571   2.951   1.00 44.26 ? 150 ASP A CA  1 
ATOM   1046 C C   . ASP A 1 150 ? 11.802  7.993   3.626   1.00 44.47 ? 150 ASP A C   1 
ATOM   1047 O O   . ASP A 1 150 ? 11.928  7.254   4.596   1.00 44.45 ? 150 ASP A O   1 
ATOM   1048 C CB  . ASP A 1 150 ? 13.696  9.692   3.763   1.00 48.38 ? 150 ASP A CB  1 
ATOM   1049 C CG  . ASP A 1 150 ? 12.814  10.907  4.018   1.00 53.83 ? 150 ASP A CG  1 
ATOM   1050 O OD1 . ASP A 1 150 ? 12.439  11.604  3.042   1.00 55.08 ? 150 ASP A OD1 1 
ATOM   1051 O OD2 . ASP A 1 150 ? 12.511  11.156  5.198   1.00 59.51 ? 150 ASP A OD2 1 
ATOM   1052 N N   . ARG A 1 151 ? 10.615  8.318   3.088   1.00 43.99 ? 151 ARG A N   1 
ATOM   1053 C CA  . ARG A 1 151 ? 9.357   7.804   3.602   1.00 45.90 ? 151 ARG A CA  1 
ATOM   1054 C C   . ARG A 1 151 ? 8.976   6.495   2.914   1.00 46.00 ? 151 ARG A C   1 
ATOM   1055 O O   . ARG A 1 151 ? 7.966   5.882   3.260   1.00 45.12 ? 151 ARG A O   1 
ATOM   1056 C CB  . ARG A 1 151 ? 8.229   8.813   3.378   1.00 49.65 ? 151 ARG A CB  1 
ATOM   1057 C CG  . ARG A 1 151 ? 8.379   10.127  4.132   1.00 54.40 ? 151 ARG A CG  1 
ATOM   1058 C CD  . ARG A 1 151 ? 7.139   10.959  3.870   1.00 59.95 ? 151 ARG A CD  1 
ATOM   1059 N NE  . ARG A 1 151 ? 7.369   12.396  3.867   1.00 66.52 ? 151 ARG A NE  1 
ATOM   1060 C CZ  . ARG A 1 151 ? 6.468   13.305  3.490   1.00 70.52 ? 151 ARG A CZ  1 
ATOM   1061 N NH1 . ARG A 1 151 ? 5.246   12.929  3.144   1.00 67.24 ? 151 ARG A NH1 1 
ATOM   1062 N NH2 . ARG A 1 151 ? 6.793   14.590  3.466   1.00 71.47 ? 151 ARG A NH2 1 
ATOM   1063 N N   . THR A 1 152 ? 9.777   6.073   1.931   1.00 48.43 ? 152 THR A N   1 
ATOM   1064 C CA  . THR A 1 152 ? 9.473   4.894   1.131   1.00 47.63 ? 152 THR A CA  1 
ATOM   1065 C C   . THR A 1 152 ? 10.435  3.775   1.513   1.00 44.88 ? 152 THR A C   1 
ATOM   1066 O O   . THR A 1 152 ? 11.594  4.044   1.793   1.00 46.04 ? 152 THR A O   1 
ATOM   1067 C CB  . THR A 1 152 ? 9.560   5.215   -0.370  1.00 48.24 ? 152 THR A CB  1 
ATOM   1068 O OG1 . THR A 1 152 ? 8.536   6.156   -0.697  1.00 46.13 ? 152 THR A OG1 1 
ATOM   1069 C CG2 . THR A 1 152 ? 9.407   4.001   -1.262  1.00 48.84 ? 152 THR A CG2 1 
ATOM   1070 N N   . LYS A 1 153 ? 9.931   2.535   1.552   1.00 45.73 ? 153 LYS A N   1 
ATOM   1071 C CA  . LYS A 1 153 ? 10.782  1.359   1.593   1.00 45.51 ? 153 LYS A CA  1 
ATOM   1072 C C   . LYS A 1 153 ? 10.230  0.276   0.672   1.00 41.28 ? 153 LYS A C   1 
ATOM   1073 O O   . LYS A 1 153 ? 9.039   -0.030  0.681   1.00 38.49 ? 153 LYS A O   1 
ATOM   1074 C CB  . LYS A 1 153 ? 10.928  0.785   3.001   1.00 50.63 ? 153 LYS A CB  1 
ATOM   1075 C CG  . LYS A 1 153 ? 11.910  -0.383  3.057   1.00 58.93 ? 153 LYS A CG  1 
ATOM   1076 C CD  . LYS A 1 153 ? 12.638  -0.524  4.378   1.00 66.12 ? 153 LYS A CD  1 
ATOM   1077 C CE  . LYS A 1 153 ? 13.806  -1.488  4.336   1.00 69.28 ? 153 LYS A CE  1 
ATOM   1078 N NZ  . LYS A 1 153 ? 14.341  -1.727  5.700   1.00 73.39 ? 153 LYS A NZ  1 
ATOM   1079 N N   . ILE A 1 154 ? 11.132  -0.327  -0.098  1.00 38.53 ? 154 ILE A N   1 
ATOM   1080 C CA  . ILE A 1 154 ? 10.743  -1.333  -1.064  1.00 37.53 ? 154 ILE A CA  1 
ATOM   1081 C C   . ILE A 1 154 ? 11.402  -2.647  -0.677  1.00 36.04 ? 154 ILE A C   1 
ATOM   1082 O O   . ILE A 1 154 ? 12.598  -2.702  -0.456  1.00 36.33 ? 154 ILE A O   1 
ATOM   1083 C CB  . ILE A 1 154 ? 11.095  -0.872  -2.489  1.00 36.46 ? 154 ILE A CB  1 
ATOM   1084 C CG1 . ILE A 1 154 ? 10.541  0.534   -2.751  1.00 34.02 ? 154 ILE A CG1 1 
ATOM   1085 C CG2 . ILE A 1 154 ? 10.618  -1.886  -3.521  1.00 38.78 ? 154 ILE A CG2 1 
ATOM   1086 C CD1 . ILE A 1 154 ? 10.437  0.910   -4.206  1.00 32.91 ? 154 ILE A CD1 1 
ATOM   1087 N N   . TYR A 1 155 ? 10.597  -3.695  -0.550  1.00 39.55 ? 155 TYR A N   1 
ATOM   1088 C CA  . TYR A 1 155 ? 11.109  -5.013  -0.232  1.00 42.09 ? 155 TYR A CA  1 
ATOM   1089 C C   . TYR A 1 155 ? 11.181  -5.782  -1.538  1.00 42.05 ? 155 TYR A C   1 
ATOM   1090 O O   . TYR A 1 155 ? 10.156  -6.028  -2.155  1.00 43.75 ? 155 TYR A O   1 
ATOM   1091 C CB  . TYR A 1 155 ? 10.257  -5.678  0.852   1.00 43.58 ? 155 TYR A CB  1 
ATOM   1092 C CG  . TYR A 1 155 ? 10.288  -4.898  2.139   1.00 45.04 ? 155 TYR A CG  1 
ATOM   1093 C CD1 . TYR A 1 155 ? 9.560   -3.729  2.291   1.00 48.59 ? 155 TYR A CD1 1 
ATOM   1094 C CD2 . TYR A 1 155 ? 11.144  -5.257  3.162   1.00 49.01 ? 155 TYR A CD2 1 
ATOM   1095 C CE1 . TYR A 1 155 ? 9.626   -2.976  3.456   1.00 51.03 ? 155 TYR A CE1 1 
ATOM   1096 C CE2 . TYR A 1 155 ? 11.225  -4.519  4.335   1.00 52.35 ? 155 TYR A CE2 1 
ATOM   1097 C CZ  . TYR A 1 155 ? 10.464  -3.371  4.486   1.00 51.14 ? 155 TYR A CZ  1 
ATOM   1098 O OH  . TYR A 1 155 ? 10.559  -2.659  5.659   1.00 47.18 ? 155 TYR A OH  1 
ATOM   1099 N N   . CYS A 1 156 ? 12.414  -6.061  -1.965  1.00 46.48 ? 156 CYS A N   1 
ATOM   1100 C CA  . CYS A 1 156 ? 12.690  -6.828  -3.164  1.00 50.15 ? 156 CYS A CA  1 
ATOM   1101 C C   . CYS A 1 156 ? 13.554  -8.023  -2.784  1.00 53.04 ? 156 CYS A C   1 
ATOM   1102 O O   . CYS A 1 156 ? 14.739  -7.876  -2.497  1.00 55.96 ? 156 CYS A O   1 
ATOM   1103 C CB  . CYS A 1 156 ? 13.352  -5.957  -4.222  1.00 54.10 ? 156 CYS A CB  1 
ATOM   1104 S SG  . CYS A 1 156 ? 12.158  -4.929  -5.118  1.00 59.65 ? 156 CYS A SG  1 
ATOM   1105 N N   . ALA A 1 157 ? 12.914  -9.199  -2.750  1.00 56.40 ? 157 ALA A N   1 
ATOM   1106 C CA  . ALA A 1 157 ? 13.521  -10.429 -2.269  1.00 53.60 ? 157 ALA A CA  1 
ATOM   1107 C C   . ALA A 1 157 ? 14.561  -10.904 -3.282  1.00 50.42 ? 157 ALA A C   1 
ATOM   1108 O O   . ALA A 1 157 ? 14.456  -10.593 -4.468  1.00 46.72 ? 157 ALA A O   1 
ATOM   1109 C CB  . ALA A 1 157 ? 12.434  -11.458 -2.033  1.00 52.32 ? 157 ALA A CB  1 
ATOM   1110 N N   . PHE A 1 158 ? 15.570  -11.641 -2.807  1.00 50.40 ? 158 PHE A N   1 
ATOM   1111 C CA  . PHE A 1 158 ? 16.629  -12.088 -3.695  1.00 55.25 ? 158 PHE A CA  1 
ATOM   1112 C C   . PHE A 1 158 ? 16.038  -13.187 -4.578  1.00 48.32 ? 158 PHE A C   1 
ATOM   1113 O O   . PHE A 1 158 ? 15.516  -14.179 -4.082  1.00 44.40 ? 158 PHE A O   1 
ATOM   1114 C CB  . PHE A 1 158 ? 17.907  -12.409 -2.901  1.00 62.24 ? 158 PHE A CB  1 
ATOM   1115 C CG  . PHE A 1 158 ? 18.525  -11.233 -2.161  1.00 77.36 ? 158 PHE A CG  1 
ATOM   1116 C CD1 . PHE A 1 158 ? 18.588  -9.960  -2.729  1.00 83.86 ? 158 PHE A CD1 1 
ATOM   1117 C CD2 . PHE A 1 158 ? 19.068  -11.390 -0.888  1.00 81.43 ? 158 PHE A CD2 1 
ATOM   1118 C CE1 . PHE A 1 158 ? 19.149  -8.889  -2.041  1.00 78.78 ? 158 PHE A CE1 1 
ATOM   1119 C CE2 . PHE A 1 158 ? 19.632  -10.319 -0.202  1.00 77.39 ? 158 PHE A CE2 1 
ATOM   1120 C CZ  . PHE A 1 158 ? 19.671  -9.069  -0.778  1.00 76.80 ? 158 PHE A CZ  1 
ATOM   1121 N N   . GLY A 1 159 ? 16.031  -12.930 -5.892  1.00 47.35 ? 159 GLY A N   1 
ATOM   1122 C CA  . GLY A 1 159 ? 15.432  -13.818 -6.876  1.00 48.68 ? 159 GLY A CA  1 
ATOM   1123 C C   . GLY A 1 159 ? 14.133  -13.268 -7.472  1.00 51.68 ? 159 GLY A C   1 
ATOM   1124 O O   . GLY A 1 159 ? 13.634  -13.797 -8.469  1.00 50.24 ? 159 GLY A O   1 
ATOM   1125 N N   . ASP A 1 160 ? 13.574  -12.214 -6.858  1.00 52.21 ? 160 ASP A N   1 
ATOM   1126 C CA  . ASP A 1 160 ? 12.251  -11.752 -7.236  1.00 51.90 ? 160 ASP A CA  1 
ATOM   1127 C C   . ASP A 1 160 ? 12.372  -10.820 -8.432  1.00 51.25 ? 160 ASP A C   1 
ATOM   1128 O O   . ASP A 1 160 ? 12.666  -9.640  -8.273  1.00 55.63 ? 160 ASP A O   1 
ATOM   1129 C CB  . ASP A 1 160 ? 11.529  -11.054 -6.085  1.00 56.00 ? 160 ASP A CB  1 
ATOM   1130 C CG  . ASP A 1 160 ? 10.121  -10.623 -6.458  1.00 58.70 ? 160 ASP A CG  1 
ATOM   1131 O OD1 . ASP A 1 160 ? 9.710   -10.888 -7.609  1.00 60.75 ? 160 ASP A OD1 1 
ATOM   1132 O OD2 . ASP A 1 160 ? 9.445   -10.033 -5.598  1.00 59.43 ? 160 ASP A OD2 1 
ATOM   1133 N N   . LEU A 1 161 ? 12.072  -11.363 -9.613  1.00 52.20 ? 161 LEU A N   1 
ATOM   1134 C CA  . LEU A 1 161 ? 12.422  -10.738 -10.877 1.00 55.91 ? 161 LEU A CA  1 
ATOM   1135 C C   . LEU A 1 161 ? 11.381  -9.720  -11.335 1.00 58.29 ? 161 LEU A C   1 
ATOM   1136 O O   . LEU A 1 161 ? 11.606  -9.032  -12.330 1.00 56.63 ? 161 LEU A O   1 
ATOM   1137 C CB  . LEU A 1 161 ? 12.568  -11.858 -11.905 1.00 59.75 ? 161 LEU A CB  1 
ATOM   1138 C CG  . LEU A 1 161 ? 13.784  -12.753 -11.690 1.00 61.45 ? 161 LEU A CG  1 
ATOM   1139 C CD1 . LEU A 1 161 ? 13.689  -13.992 -12.568 1.00 64.43 ? 161 LEU A CD1 1 
ATOM   1140 C CD2 . LEU A 1 161 ? 15.077  -11.983 -11.961 1.00 57.93 ? 161 LEU A CD2 1 
ATOM   1141 N N   . VAL A 1 162 ? 10.257  -9.626  -10.612 1.00 58.50 ? 162 VAL A N   1 
ATOM   1142 C CA  . VAL A 1 162 ? 9.230   -8.646  -10.923 1.00 58.05 ? 162 VAL A CA  1 
ATOM   1143 C C   . VAL A 1 162 ? 9.714   -7.268  -10.473 1.00 60.11 ? 162 VAL A C   1 
ATOM   1144 O O   . VAL A 1 162 ? 9.267   -6.242  -10.989 1.00 60.81 ? 162 VAL A O   1 
ATOM   1145 C CB  . VAL A 1 162 ? 7.878   -9.013  -10.283 1.00 54.84 ? 162 VAL A CB  1 
ATOM   1146 C CG1 . VAL A 1 162 ? 7.598   -10.505 -10.405 1.00 53.45 ? 162 VAL A CG1 1 
ATOM   1147 C CG2 . VAL A 1 162 ? 7.786   -8.557  -8.836  1.00 56.09 ? 162 VAL A CG2 1 
ATOM   1148 N N   . CYS A 1 163 ? 10.650  -7.270  -9.516  1.00 60.14 ? 163 CYS A N   1 
ATOM   1149 C CA  . CYS A 1 163 ? 11.331  -6.058  -9.096  1.00 63.90 ? 163 CYS A CA  1 
ATOM   1150 C C   . CYS A 1 163 ? 12.251  -5.513  -10.193 1.00 62.29 ? 163 CYS A C   1 
ATOM   1151 O O   . CYS A 1 163 ? 12.920  -4.506  -9.978  1.00 61.60 ? 163 CYS A O   1 
ATOM   1152 C CB  . CYS A 1 163 ? 12.149  -6.312  -7.833  1.00 65.67 ? 163 CYS A CB  1 
ATOM   1153 S SG  . CYS A 1 163 ? 11.183  -6.316  -6.299  1.00 63.42 ? 163 CYS A SG  1 
ATOM   1154 N N   . ASP A 1 164 ? 12.293  -6.162  -11.364 1.00 61.13 ? 164 ASP A N   1 
ATOM   1155 C CA  . ASP A 1 164 ? 13.264  -5.814  -12.390 1.00 61.74 ? 164 ASP A CA  1 
ATOM   1156 C C   . ASP A 1 164 ? 12.581  -5.765  -13.759 1.00 55.78 ? 164 ASP A C   1 
ATOM   1157 O O   . ASP A 1 164 ? 13.179  -6.090  -14.779 1.00 49.86 ? 164 ASP A O   1 
ATOM   1158 C CB  . ASP A 1 164 ? 14.452  -6.788  -12.368 1.00 69.45 ? 164 ASP A CB  1 
ATOM   1159 C CG  . ASP A 1 164 ? 15.015  -7.089  -10.982 1.00 75.26 ? 164 ASP A CG  1 
ATOM   1160 O OD1 . ASP A 1 164 ? 15.324  -6.136  -10.241 1.00 74.42 ? 164 ASP A OD1 1 
ATOM   1161 O OD2 . ASP A 1 164 ? 15.152  -8.284  -10.652 1.00 85.08 ? 164 ASP A OD2 1 
ATOM   1162 N N   . GLY A 1 165 ? 11.317  -5.360  -13.766 1.00 56.41 ? 165 GLY A N   1 
ATOM   1163 C CA  . GLY A 1 165 ? 10.599  -5.169  -15.033 1.00 55.33 ? 165 GLY A CA  1 
ATOM   1164 C C   . GLY A 1 165 ? 9.703   -6.325  -15.396 1.00 58.97 ? 165 GLY A C   1 
ATOM   1165 O O   . GLY A 1 165 ? 8.553   -6.067  -15.771 1.00 72.96 ? 165 GLY A O   1 
ATOM   1166 N N   . THR A 1 166 ? 10.185  -7.550  -15.250 1.00 60.52 ? 166 THR A N   1 
ATOM   1167 C CA  . THR A 1 166 ? 9.429   -8.728  -15.737 1.00 65.80 ? 166 THR A CA  1 
ATOM   1168 C C   . THR A 1 166 ? 8.218   -9.067  -14.871 1.00 68.22 ? 166 THR A C   1 
ATOM   1169 O O   . THR A 1 166 ? 8.011   -8.385  -13.864 1.00 65.61 ? 166 THR A O   1 
ATOM   1170 C CB  . THR A 1 166 ? 10.369  -9.930  -15.800 1.00 69.04 ? 166 THR A CB  1 
ATOM   1171 O OG1 . THR A 1 166 ? 10.478  -10.428 -14.469 1.00 83.04 ? 166 THR A OG1 1 
ATOM   1172 C CG2 . THR A 1 166 ? 11.740  -9.575  -16.328 1.00 66.92 ? 166 THR A CG2 1 
ATOM   1173 N N   . LEU A 1 167 ? 7.422   -10.051 -15.298 1.00 73.75 ? 167 LEU A N   1 
ATOM   1174 C CA  . LEU A 1 167 ? 6.275   -10.545 -14.489 1.00 74.45 ? 167 LEU A CA  1 
ATOM   1175 C C   . LEU A 1 167 ? 6.485   -12.045 -14.303 1.00 70.27 ? 167 LEU A C   1 
ATOM   1176 O O   . LEU A 1 167 ? 5.562   -12.815 -14.594 1.00 58.52 ? 167 LEU A O   1 
ATOM   1177 C CB  . LEU A 1 167 ? 4.958   -10.250 -15.197 1.00 81.56 ? 167 LEU A CB  1 
ATOM   1178 C CG  . LEU A 1 167 ? 3.907   -9.574  -14.322 1.00 93.74 ? 167 LEU A CG  1 
ATOM   1179 C CD1 . LEU A 1 167 ? 3.141   -10.603 -13.507 1.00 87.50 ? 167 LEU A CD1 1 
ATOM   1180 C CD2 . LEU A 1 167 ? 4.559   -8.551  -13.403 1.00 99.60 ? 167 LEU A CD2 1 
ATOM   1181 N N   . ILE A 1 168 ? 7.673   -12.421 -13.841 1.00 72.78 ? 168 ILE A N   1 
ATOM   1182 C CA  . ILE A 1 168 ? 8.023   -13.815 -13.620 1.00 70.00 ? 168 ILE A CA  1 
ATOM   1183 C C   . ILE A 1 168 ? 7.750   -14.157 -12.158 1.00 62.56 ? 168 ILE A C   1 
ATOM   1184 O O   . ILE A 1 168 ? 8.155   -13.417 -11.271 1.00 61.80 ? 168 ILE A O   1 
ATOM   1185 C CB  . ILE A 1 168 ? 9.506   -14.052 -13.973 1.00 74.07 ? 168 ILE A CB  1 
ATOM   1186 C CG1 . ILE A 1 168 ? 9.874   -13.419 -15.319 1.00 76.00 ? 168 ILE A CG1 1 
ATOM   1187 C CG2 . ILE A 1 168 ? 9.836   -15.538 -13.916 1.00 74.12 ? 168 ILE A CG2 1 
ATOM   1188 C CD1 . ILE A 1 168 ? 11.362  -13.270 -15.550 1.00 78.19 ? 168 ILE A CD1 1 
ATOM   1189 N N   . ILE A 1 169 ? 7.111   -15.304 -11.922 1.00 58.63 ? 169 ILE A N   1 
ATOM   1190 C CA  . ILE A 1 169 ? 6.640   -15.668 -10.598 1.00 61.84 ? 169 ILE A CA  1 
ATOM   1191 C C   . ILE A 1 169 ? 7.555   -16.734 -10.004 1.00 55.54 ? 169 ILE A C   1 
ATOM   1192 O O   . ILE A 1 169 ? 7.594   -17.863 -10.478 1.00 63.87 ? 169 ILE A O   1 
ATOM   1193 C CB  . ILE A 1 169 ? 5.178   -16.147 -10.680 1.00 70.30 ? 169 ILE A CB  1 
ATOM   1194 C CG1 . ILE A 1 169 ? 4.317   -15.139 -11.448 1.00 72.98 ? 169 ILE A CG1 1 
ATOM   1195 C CG2 . ILE A 1 169 ? 4.600   -16.461 -9.305  1.00 71.07 ? 169 ILE A CG2 1 
ATOM   1196 C CD1 . ILE A 1 169 ? 4.482   -13.703 -11.001 1.00 73.26 ? 169 ILE A CD1 1 
ATOM   1197 N N   . THR A 1 170 ? 8.258   -16.359 -8.938  1.00 48.21 ? 170 THR A N   1 
ATOM   1198 C CA  . THR A 1 170 ? 9.200   -17.231 -8.265  1.00 46.80 ? 170 THR A CA  1 
ATOM   1199 C C   . THR A 1 170 ? 8.740   -17.403 -6.830  1.00 46.26 ? 170 THR A C   1 
ATOM   1200 O O   . THR A 1 170 ? 7.898   -16.647 -6.378  1.00 52.52 ? 170 THR A O   1 
ATOM   1201 C CB  . THR A 1 170 ? 10.596  -16.607 -8.234  1.00 45.13 ? 170 THR A CB  1 
ATOM   1202 O OG1 . THR A 1 170 ? 10.525  -15.495 -7.337  1.00 44.97 ? 170 THR A OG1 1 
ATOM   1203 C CG2 . THR A 1 170 ? 11.072  -16.177 -9.602  1.00 43.53 ? 170 THR A CG2 1 
ATOM   1204 N N   . ALA A 1 171 ? 9.353   -18.333 -6.101  1.00 44.27 ? 171 ALA A N   1 
ATOM   1205 C CA  . ALA A 1 171 ? 9.061   -18.486 -4.688  1.00 43.66 ? 171 ALA A CA  1 
ATOM   1206 C C   . ALA A 1 171 ? 9.540   -17.274 -3.887  1.00 43.31 ? 171 ALA A C   1 
ATOM   1207 O O   . ALA A 1 171 ? 9.127   -17.117 -2.739  1.00 39.55 ? 171 ALA A O   1 
ATOM   1208 C CB  . ALA A 1 171 ? 9.685   -19.754 -4.175  1.00 46.57 ? 171 ALA A CB  1 
ATOM   1209 N N   . ALA A 1 172 ? 10.402  -16.431 -4.482  1.00 46.11 ? 172 ALA A N   1 
ATOM   1210 C CA  . ALA A 1 172 ? 10.902  -15.222 -3.830  1.00 48.45 ? 172 ALA A CA  1 
ATOM   1211 C C   . ALA A 1 172 ? 9.855   -14.109 -3.855  1.00 46.14 ? 172 ALA A C   1 
ATOM   1212 O O   . ALA A 1 172 ? 9.847   -13.237 -2.983  1.00 39.51 ? 172 ALA A O   1 
ATOM   1213 C CB  . ALA A 1 172 ? 12.181  -14.753 -4.483  1.00 48.67 ? 172 ALA A CB  1 
ATOM   1214 N N   . HIS A 1 173 ? 8.986   -14.146 -4.869  1.00 46.26 ? 173 HIS A N   1 
ATOM   1215 C CA  . HIS A 1 173 ? 7.847   -13.246 -4.937  1.00 48.63 ? 173 HIS A CA  1 
ATOM   1216 C C   . HIS A 1 173 ? 6.859   -13.511 -3.801  1.00 49.86 ? 173 HIS A C   1 
ATOM   1217 O O   . HIS A 1 173 ? 6.173   -12.586 -3.350  1.00 46.95 ? 173 HIS A O   1 
ATOM   1218 C CB  . HIS A 1 173 ? 7.136   -13.386 -6.285  1.00 47.90 ? 173 HIS A CB  1 
ATOM   1219 C CG  . HIS A 1 173 ? 6.177   -12.276 -6.573  1.00 47.61 ? 173 HIS A CG  1 
ATOM   1220 N ND1 . HIS A 1 173 ? 6.388   -10.981 -6.144  1.00 46.21 ? 173 HIS A ND1 1 
ATOM   1221 C CD2 . HIS A 1 173 ? 5.019   -12.264 -7.253  1.00 44.49 ? 173 HIS A CD2 1 
ATOM   1222 C CE1 . HIS A 1 173 ? 5.393   -10.216 -6.571  1.00 45.44 ? 173 HIS A CE1 1 
ATOM   1223 N NE2 . HIS A 1 173 ? 4.546   -10.975 -7.240  1.00 44.05 ? 173 HIS A NE2 1 
ATOM   1224 N N   . LEU A 1 174 ? 6.799   -14.771 -3.345  1.00 47.79 ? 174 LEU A N   1 
ATOM   1225 C CA  . LEU A 1 174 ? 5.775   -15.198 -2.406  1.00 51.84 ? 174 LEU A CA  1 
ATOM   1226 C C   . LEU A 1 174 ? 6.274   -15.188 -0.965  1.00 51.50 ? 174 LEU A C   1 
ATOM   1227 O O   . LEU A 1 174 ? 5.689   -15.859 -0.130  1.00 52.08 ? 174 LEU A O   1 
ATOM   1228 C CB  . LEU A 1 174 ? 5.310   -16.603 -2.801  1.00 54.99 ? 174 LEU A CB  1 
ATOM   1229 C CG  . LEU A 1 174 ? 4.440   -16.682 -4.058  1.00 62.77 ? 174 LEU A CG  1 
ATOM   1230 C CD1 . LEU A 1 174 ? 3.368   -15.596 -4.067  1.00 69.29 ? 174 LEU A CD1 1 
ATOM   1231 C CD2 . LEU A 1 174 ? 5.274   -16.578 -5.315  1.00 62.98 ? 174 LEU A CD2 1 
ATOM   1232 N N   . SER A 1 175 ? 7.331   -14.429 -0.662  1.00 52.69 ? 175 SER A N   1 
ATOM   1233 C CA  . SER A 1 175 ? 8.032   -14.582 0.603   1.00 48.65 ? 175 SER A CA  1 
ATOM   1234 C C   . SER A 1 175 ? 7.857   -13.346 1.472   1.00 47.60 ? 175 SER A C   1 
ATOM   1235 O O   . SER A 1 175 ? 8.415   -13.284 2.555   1.00 50.60 ? 175 SER A O   1 
ATOM   1236 C CB  . SER A 1 175 ? 9.501   -14.877 0.391   1.00 48.20 ? 175 SER A CB  1 
ATOM   1237 O OG  . SER A 1 175 ? 10.157  -13.816 -0.287  1.00 48.34 ? 175 SER A OG  1 
ATOM   1238 N N   . TYR A 1 176 ? 7.073   -12.367 1.015   1.00 48.34 ? 176 TYR A N   1 
ATOM   1239 C CA  . TYR A 1 176 ? 7.054   -11.072 1.676   1.00 45.36 ? 176 TYR A CA  1 
ATOM   1240 C C   . TYR A 1 176 ? 6.278   -11.162 2.980   1.00 43.53 ? 176 TYR A C   1 
ATOM   1241 O O   . TYR A 1 176 ? 6.220   -10.187 3.719   1.00 44.74 ? 176 TYR A O   1 
ATOM   1242 C CB  . TYR A 1 176 ? 6.528   -9.991  0.733   1.00 44.77 ? 176 TYR A CB  1 
ATOM   1243 C CG  . TYR A 1 176 ? 7.496   -9.745  -0.389  1.00 44.23 ? 176 TYR A CG  1 
ATOM   1244 C CD1 . TYR A 1 176 ? 8.720   -9.146  -0.138  1.00 44.32 ? 176 TYR A CD1 1 
ATOM   1245 C CD2 . TYR A 1 176 ? 7.241   -10.215 -1.666  1.00 44.29 ? 176 TYR A CD2 1 
ATOM   1246 C CE1 . TYR A 1 176 ? 9.649   -8.959  -1.143  1.00 44.67 ? 176 TYR A CE1 1 
ATOM   1247 C CE2 . TYR A 1 176 ? 8.161   -10.038 -2.685  1.00 47.87 ? 176 TYR A CE2 1 
ATOM   1248 C CZ  . TYR A 1 176 ? 9.372   -9.413  -2.421  1.00 47.62 ? 176 TYR A CZ  1 
ATOM   1249 O OH  . TYR A 1 176 ? 10.304  -9.221  -3.415  1.00 45.31 ? 176 TYR A OH  1 
ATOM   1250 N N   . GLY A 1 177 ? 5.713   -12.341 3.260   1.00 43.67 ? 177 GLY A N   1 
ATOM   1251 C CA  . GLY A 1 177 ? 5.239   -12.648 4.597   1.00 47.02 ? 177 GLY A CA  1 
ATOM   1252 C C   . GLY A 1 177 ? 6.272   -12.261 5.654   1.00 48.72 ? 177 GLY A C   1 
ATOM   1253 O O   . GLY A 1 177 ? 5.919   -11.631 6.648   1.00 52.58 ? 177 GLY A O   1 
ATOM   1254 N N   . ASP A 1 178 ? 7.548   -12.573 5.374   1.00 47.30 ? 178 ASP A N   1 
ATOM   1255 C CA  . ASP A 1 178 ? 8.635   -12.477 6.338   1.00 48.25 ? 178 ASP A CA  1 
ATOM   1256 C C   . ASP A 1 178 ? 8.987   -11.021 6.665   1.00 49.64 ? 178 ASP A C   1 
ATOM   1257 O O   . ASP A 1 178 ? 9.764   -10.771 7.591   1.00 47.19 ? 178 ASP A O   1 
ATOM   1258 C CB  . ASP A 1 178 ? 9.898   -13.181 5.823   1.00 48.80 ? 178 ASP A CB  1 
ATOM   1259 C CG  . ASP A 1 178 ? 9.708   -14.589 5.271   1.00 49.32 ? 178 ASP A CG  1 
ATOM   1260 O OD1 . ASP A 1 178 ? 8.923   -15.363 5.848   1.00 54.37 ? 178 ASP A OD1 1 
ATOM   1261 O OD2 . ASP A 1 178 ? 10.377  -14.917 4.277   1.00 48.80 ? 178 ASP A OD2 1 
ATOM   1262 N N   . ASP A 1 179 ? 8.422   -10.069 5.912   1.00 48.59 ? 179 ASP A N   1 
ATOM   1263 C CA  . ASP A 1 179 ? 8.878   -8.690  5.948   1.00 52.59 ? 179 ASP A CA  1 
ATOM   1264 C C   . ASP A 1 179 ? 7.880   -7.793  6.676   1.00 52.26 ? 179 ASP A C   1 
ATOM   1265 O O   . ASP A 1 179 ? 8.105   -6.591  6.837   1.00 45.91 ? 179 ASP A O   1 
ATOM   1266 C CB  . ASP A 1 179 ? 9.128   -8.228  4.515   1.00 58.68 ? 179 ASP A CB  1 
ATOM   1267 C CG  . ASP A 1 179 ? 10.239  -9.025  3.863   1.00 62.25 ? 179 ASP A CG  1 
ATOM   1268 O OD1 . ASP A 1 179 ? 11.401  -8.814  4.273   1.00 63.72 ? 179 ASP A OD1 1 
ATOM   1269 O OD2 . ASP A 1 179 ? 9.930   -9.873  2.988   1.00 62.34 ? 179 ASP A OD2 1 
ATOM   1270 N N   . VAL A 1 180 ? 6.776   -8.396  7.122   1.00 54.36 ? 180 VAL A N   1 
ATOM   1271 C CA  . VAL A 1 180 ? 5.707   -7.669  7.786   1.00 53.98 ? 180 VAL A CA  1 
ATOM   1272 C C   . VAL A 1 180 ? 6.254   -6.936  9.017   1.00 51.00 ? 180 VAL A C   1 
ATOM   1273 O O   . VAL A 1 180 ? 6.090   -5.716  9.138   1.00 43.14 ? 180 VAL A O   1 
ATOM   1274 C CB  . VAL A 1 180 ? 4.556   -8.639  8.122   1.00 52.34 ? 180 VAL A CB  1 
ATOM   1275 C CG1 . VAL A 1 180 ? 3.516   -8.011  9.043   1.00 53.55 ? 180 VAL A CG1 1 
ATOM   1276 C CG2 . VAL A 1 180 ? 3.915   -9.174  6.849   1.00 51.71 ? 180 VAL A CG2 1 
ATOM   1277 N N   . PRO A 1 181 ? 6.914   -7.651  9.963   1.00 51.19 ? 181 PRO A N   1 
ATOM   1278 C CA  . PRO A 1 181 ? 7.481   -7.027  11.161  1.00 49.59 ? 181 PRO A CA  1 
ATOM   1279 C C   . PRO A 1 181 ? 8.441   -5.878  10.887  1.00 47.35 ? 181 PRO A C   1 
ATOM   1280 O O   . PRO A 1 181 ? 8.443   -4.909  11.634  1.00 43.84 ? 181 PRO A O   1 
ATOM   1281 C CB  . PRO A 1 181 ? 8.244   -8.160  11.859  1.00 49.89 ? 181 PRO A CB  1 
ATOM   1282 C CG  . PRO A 1 181 ? 8.333   -9.267  10.829  1.00 49.66 ? 181 PRO A CG  1 
ATOM   1283 C CD  . PRO A 1 181 ? 7.098   -9.113  9.976   1.00 48.59 ? 181 PRO A CD  1 
ATOM   1284 N N   . ASN A 1 182 ? 9.239   -5.998  9.820   1.00 48.87 ? 182 ASN A N   1 
ATOM   1285 C CA  . ASN A 1 182 ? 10.191  -4.958  9.460   1.00 54.85 ? 182 ASN A CA  1 
ATOM   1286 C C   . ASN A 1 182 ? 9.441   -3.781  8.838   1.00 48.78 ? 182 ASN A C   1 
ATOM   1287 O O   . ASN A 1 182 ? 9.691   -2.633  9.203   1.00 47.22 ? 182 ASN A O   1 
ATOM   1288 C CB  . ASN A 1 182 ? 11.297  -5.480  8.537   1.00 67.06 ? 182 ASN A CB  1 
ATOM   1289 C CG  . ASN A 1 182 ? 11.844  -6.830  8.971   1.00 79.13 ? 182 ASN A CG  1 
ATOM   1290 O OD1 . ASN A 1 182 ? 12.200  -7.029  10.133  1.00 77.84 ? 182 ASN A OD1 1 
ATOM   1291 N ND2 . ASN A 1 182 ? 11.903  -7.777  8.046   1.00 85.11 ? 182 ASN A ND2 1 
ATOM   1292 N N   . ALA A 1 183 ? 8.513   -4.093  7.920   1.00 42.97 ? 183 ALA A N   1 
ATOM   1293 C CA  . ALA A 1 183 ? 7.689   -3.103  7.243   1.00 39.47 ? 183 ALA A CA  1 
ATOM   1294 C C   . ALA A 1 183 ? 6.927   -2.263  8.258   1.00 37.90 ? 183 ALA A C   1 
ATOM   1295 O O   . ALA A 1 183 ? 6.849   -1.037  8.151   1.00 33.20 ? 183 ALA A O   1 
ATOM   1296 C CB  . ALA A 1 183 ? 6.724   -3.804  6.327   1.00 40.30 ? 183 ALA A CB  1 
ATOM   1297 N N   . THR A 1 184 ? 6.347   -2.977  9.224   1.00 37.05 ? 184 THR A N   1 
ATOM   1298 C CA  . THR A 1 184 ? 5.612   -2.374  10.316  1.00 36.36 ? 184 THR A CA  1 
ATOM   1299 C C   . THR A 1 184 ? 6.491   -1.388  11.085  1.00 38.74 ? 184 THR A C   1 
ATOM   1300 O O   . THR A 1 184 ? 6.079   -0.250  11.304  1.00 38.21 ? 184 THR A O   1 
ATOM   1301 C CB  . THR A 1 184 ? 5.068   -3.472  11.228  1.00 34.10 ? 184 THR A CB  1 
ATOM   1302 O OG1 . THR A 1 184 ? 4.660   -4.519  10.342  1.00 30.97 ? 184 THR A OG1 1 
ATOM   1303 C CG2 . THR A 1 184 ? 3.959   -2.964  12.129  1.00 32.85 ? 184 THR A CG2 1 
ATOM   1304 N N   . SER A 1 185 ? 7.700   -1.827  11.474  1.00 39.51 ? 185 SER A N   1 
ATOM   1305 C CA  . SER A 1 185 ? 8.634   -0.965  12.186  1.00 42.23 ? 185 SER A CA  1 
ATOM   1306 C C   . SER A 1 185 ? 8.918   0.303   11.388  1.00 43.03 ? 185 SER A C   1 
ATOM   1307 O O   . SER A 1 185 ? 8.897   1.404   11.949  1.00 38.01 ? 185 SER A O   1 
ATOM   1308 C CB  . SER A 1 185 ? 9.910   -1.680  12.519  1.00 42.76 ? 185 SER A CB  1 
ATOM   1309 O OG  . SER A 1 185 ? 9.757   -2.473  13.686  1.00 42.70 ? 185 SER A OG  1 
ATOM   1310 N N   . PHE A 1 186 ? 9.159   0.128   10.078  1.00 47.78 ? 186 PHE A N   1 
ATOM   1311 C CA  . PHE A 1 186 ? 9.400   1.254   9.187   1.00 52.61 ? 186 PHE A CA  1 
ATOM   1312 C C   . PHE A 1 186 ? 8.245   2.241   9.272   1.00 50.51 ? 186 PHE A C   1 
ATOM   1313 O O   . PHE A 1 186 ? 8.440   3.416   9.578   1.00 51.10 ? 186 PHE A O   1 
ATOM   1314 C CB  . PHE A 1 186 ? 9.559   0.827   7.727   1.00 55.74 ? 186 PHE A CB  1 
ATOM   1315 C CG  . PHE A 1 186 ? 9.796   1.979   6.777   1.00 67.79 ? 186 PHE A CG  1 
ATOM   1316 C CD1 . PHE A 1 186 ? 10.966  2.727   6.837   1.00 72.01 ? 186 PHE A CD1 1 
ATOM   1317 C CD2 . PHE A 1 186 ? 8.839   2.341   5.838   1.00 75.25 ? 186 PHE A CD2 1 
ATOM   1318 C CE1 . PHE A 1 186 ? 11.182  3.789   5.972   1.00 70.54 ? 186 PHE A CE1 1 
ATOM   1319 C CE2 . PHE A 1 186 ? 9.058   3.403   4.973   1.00 77.55 ? 186 PHE A CE2 1 
ATOM   1320 C CZ  . PHE A 1 186 ? 10.229  4.126   5.044   1.00 74.91 ? 186 PHE A CZ  1 
ATOM   1321 N N   . LEU A 1 187 ? 7.036   1.749   9.004   1.00 47.90 ? 187 LEU A N   1 
ATOM   1322 C CA  . LEU A 1 187 ? 5.876   2.611   9.075   1.00 45.69 ? 187 LEU A CA  1 
ATOM   1323 C C   . LEU A 1 187 ? 5.885   3.319   10.425  1.00 44.63 ? 187 LEU A C   1 
ATOM   1324 O O   . LEU A 1 187 ? 5.719   4.535   10.476  1.00 40.97 ? 187 LEU A O   1 
ATOM   1325 C CB  . LEU A 1 187 ? 4.599   1.789   8.887   1.00 45.03 ? 187 LEU A CB  1 
ATOM   1326 C CG  . LEU A 1 187 ? 4.411   1.121   7.524   1.00 43.66 ? 187 LEU A CG  1 
ATOM   1327 C CD1 . LEU A 1 187 ? 3.028   0.497   7.443   1.00 43.26 ? 187 LEU A CD1 1 
ATOM   1328 C CD2 . LEU A 1 187 ? 4.620   2.098   6.371   1.00 42.47 ? 187 LEU A CD2 1 
ATOM   1329 N N   . LEU A 1 188 ? 6.117   2.546   11.497  1.00 43.92 ? 188 LEU A N   1 
ATOM   1330 C CA  . LEU A 1 188 ? 5.867   3.025   12.847  1.00 45.84 ? 188 LEU A CA  1 
ATOM   1331 C C   . LEU A 1 188 ? 6.927   4.045   13.250  1.00 46.54 ? 188 LEU A C   1 
ATOM   1332 O O   . LEU A 1 188 ? 6.624   5.011   13.955  1.00 42.78 ? 188 LEU A O   1 
ATOM   1333 C CB  . LEU A 1 188 ? 5.817   1.846   13.825  1.00 43.86 ? 188 LEU A CB  1 
ATOM   1334 C CG  . LEU A 1 188 ? 4.467   1.143   13.944  1.00 40.19 ? 188 LEU A CG  1 
ATOM   1335 C CD1 . LEU A 1 188 ? 4.582   -0.093  14.821  1.00 41.65 ? 188 LEU A CD1 1 
ATOM   1336 C CD2 . LEU A 1 188 ? 3.405   2.078   14.490  1.00 37.65 ? 188 LEU A CD2 1 
ATOM   1337 N N   . SER A 1 189 ? 8.160   3.813   12.789  1.00 49.21 ? 189 SER A N   1 
ATOM   1338 C CA  . SER A 1 189 ? 9.219   4.801   12.890  1.00 53.66 ? 189 SER A CA  1 
ATOM   1339 C C   . SER A 1 189 ? 8.683   6.201   12.583  1.00 58.51 ? 189 SER A C   1 
ATOM   1340 O O   . SER A 1 189 ? 8.803   7.117   13.392  1.00 64.99 ? 189 SER A O   1 
ATOM   1341 C CB  . SER A 1 189 ? 10.328  4.469   11.950  1.00 53.08 ? 189 SER A CB  1 
ATOM   1342 O OG  . SER A 1 189 ? 10.046  5.014   10.676  1.00 55.41 ? 189 SER A OG  1 
ATOM   1343 N N   . LYS A 1 190 ? 8.082   6.342   11.399  1.00 60.17 ? 190 LYS A N   1 
ATOM   1344 C CA  . LYS A 1 190 ? 7.637   7.624   10.884  1.00 60.90 ? 190 LYS A CA  1 
ATOM   1345 C C   . LYS A 1 190 ? 6.448   8.166   11.671  1.00 57.95 ? 190 LYS A C   1 
ATOM   1346 O O   . LYS A 1 190 ? 6.298   9.377   11.824  1.00 58.70 ? 190 LYS A O   1 
ATOM   1347 C CB  . LYS A 1 190 ? 7.270   7.458   9.409   1.00 63.56 ? 190 LYS A CB  1 
ATOM   1348 C CG  . LYS A 1 190 ? 8.439   7.058   8.524   1.00 67.17 ? 190 LYS A CG  1 
ATOM   1349 C CD  . LYS A 1 190 ? 9.647   7.951   8.730   1.00 67.20 ? 190 LYS A CD  1 
ATOM   1350 C CE  . LYS A 1 190 ? 10.594  7.958   7.550   1.00 70.49 ? 190 LYS A CE  1 
ATOM   1351 N NZ  . LYS A 1 190 ? 11.266  9.271   7.412   1.00 71.74 ? 190 LYS A NZ  1 
ATOM   1352 N N   . VAL A 1 191 ? 5.598   7.262   12.151  1.00 57.78 ? 191 VAL A N   1 
ATOM   1353 C CA  . VAL A 1 191 ? 4.375   7.672   12.813  1.00 61.14 ? 191 VAL A CA  1 
ATOM   1354 C C   . VAL A 1 191 ? 4.618   7.608   14.322  1.00 62.66 ? 191 VAL A C   1 
ATOM   1355 O O   . VAL A 1 191 ? 4.268   6.639   14.983  1.00 62.54 ? 191 VAL A O   1 
ATOM   1356 C CB  . VAL A 1 191 ? 3.185   6.834   12.296  1.00 61.37 ? 191 VAL A CB  1 
ATOM   1357 C CG1 . VAL A 1 191 ? 3.414   5.332   12.409  1.00 58.19 ? 191 VAL A CG1 1 
ATOM   1358 C CG2 . VAL A 1 191 ? 1.873   7.239   12.946  1.00 64.54 ? 191 VAL A CG2 1 
ATOM   1359 N N   . LEU A 1 192 ? 5.251   8.658   14.860  1.00 67.40 ? 192 LEU A N   1 
ATOM   1360 C CA  . LEU A 1 192 ? 5.723   8.654   16.236  1.00 72.68 ? 192 LEU A CA  1 
ATOM   1361 C C   . LEU A 1 192 ? 4.605   9.113   17.164  1.00 73.47 ? 192 LEU A C   1 
ATOM   1362 O O   . LEU A 1 192 ? 3.698   9.813   16.727  1.00 74.54 ? 192 LEU A O   1 
ATOM   1363 C CB  . LEU A 1 192 ? 6.946   9.567   16.357  1.00 77.03 ? 192 LEU A CB  1 
ATOM   1364 C CG  . LEU A 1 192 ? 8.189   9.089   15.605  1.00 81.81 ? 192 LEU A CG  1 
ATOM   1365 C CD1 . LEU A 1 192 ? 8.520   9.998   14.416  1.00 77.87 ? 192 LEU A CD1 1 
ATOM   1366 C CD2 . LEU A 1 192 ? 9.375   8.968   16.553  1.00 79.34 ? 192 LEU A CD2 1 
ATOM   1367 N N   . GLU A 1 193 ? 4.712   8.742   18.449  1.00 74.13 ? 193 GLU A N   1 
ATOM   1368 C CA  . GLU A 1 193 ? 3.649   8.953   19.425  1.00 72.65 ? 193 GLU A CA  1 
ATOM   1369 C C   . GLU A 1 193 ? 4.115   9.838   20.592  1.00 68.62 ? 193 GLU A C   1 
ATOM   1370 O O   . GLU A 1 193 ? 5.084   10.599  20.407  1.00 71.59 ? 193 GLU A O   1 
ATOM   1371 C CB  . GLU A 1 193 ? 3.156   7.613   19.975  1.00 77.40 ? 193 GLU A CB  1 
ATOM   1372 C CG  . GLU A 1 193 ? 4.264   6.655   20.416  1.00 82.32 ? 193 GLU A CG  1 
ATOM   1373 C CD  . GLU A 1 193 ? 3.843   5.460   21.273  1.00 83.77 ? 193 GLU A CD  1 
ATOM   1374 O OE1 . GLU A 1 193 ? 2.646   5.341   21.637  1.00 79.96 ? 193 GLU A OE1 1 
ATOM   1375 O OE2 . GLU A 1 193 ? 4.718   4.633   21.588  1.00 79.15 ? 193 GLU A OE2 1 
HETATM 1376 O O   . HOH B 2 .   ? -6.653  -4.189  -2.325  1.00 19.14 ? 201 HOH A O   1 
HETATM 1377 O O   . HOH B 2 .   ? -6.323  -5.032  -11.706 1.00 35.52 ? 202 HOH A O   1 
HETATM 1378 O O   . HOH B 2 .   ? 1.981   -4.642  -12.416 1.00 34.83 ? 203 HOH A O   1 
HETATM 1379 O O   . HOH B 2 .   ? 9.467   -13.181 -8.882  1.00 53.78 ? 204 HOH A O   1 
HETATM 1380 O O   . HOH B 2 .   ? 9.927   -3.612  -11.579 1.00 25.84 ? 205 HOH A O   1 
HETATM 1381 O O   . HOH B 2 .   ? 9.758   7.417   -3.148  1.00 26.31 ? 206 HOH A O   1 
HETATM 1382 O O   . HOH B 2 .   ? 17.442  -4.517  -12.713 1.00 47.92 ? 207 HOH A O   1 
HETATM 1383 O O   . HOH B 2 .   ? -6.973  1.039   -16.961 1.00 17.53 ? 208 HOH A O   1 
HETATM 1384 O O   . HOH B 2 .   ? 15.506  0.412   -8.708  1.00 32.72 ? 209 HOH A O   1 
HETATM 1385 O O   . HOH B 2 .   ? 7.498   -1.742  -17.756 1.00 33.62 ? 210 HOH A O   1 
HETATM 1386 O O   . HOH B 2 .   ? -9.677  10.089  -7.757  1.00 24.50 ? 211 HOH A O   1 
HETATM 1387 O O   . HOH B 2 .   ? -10.722 -3.554  -13.640 1.00 22.14 ? 212 HOH A O   1 
HETATM 1388 O O   . HOH B 2 .   ? 9.143   14.601  -3.367  1.00 33.85 ? 213 HOH A O   1 
HETATM 1389 O O   . HOH B 2 .   ? -10.399 -7.964  3.776   1.00 7.56  ? 214 HOH A O   1 
HETATM 1390 O O   . HOH B 2 .   ? 16.646  -0.846  -6.937  1.00 37.69 ? 215 HOH A O   1 
HETATM 1391 O O   . HOH B 2 .   ? 18.037  2.165   -8.411  1.00 29.97 ? 216 HOH A O   1 
HETATM 1392 O O   . HOH B 2 .   ? -14.222 10.310  -8.406  0.33 47.28 ? 217 HOH A O   1 
HETATM 1393 O O   . HOH B 2 .   ? 19.618  4.300   -11.749 1.00 43.13 ? 218 HOH A O   1 
HETATM 1394 O O   . HOH B 2 .   ? -11.079 20.643  -2.157  0.33 21.33 ? 219 HOH A O   1 
# 
